data_3EYM
#
_entry.id   3EYM
#
_cell.length_a   160.465
_cell.length_b   160.464
_cell.length_c   176.548
_cell.angle_alpha   90.00
_cell.angle_beta   90.00
_cell.angle_gamma   90.00
#
_symmetry.space_group_name_H-M   'P 41'
#
loop_
_entity.id
_entity.type
_entity.pdbx_description
1 polymer 'Hemagglutinin HA1 chain'
2 polymer 'Hemagglutinin HA2 chain'
3 non-polymer 2-tert-butylbenzene-1,4-diol
#
loop_
_entity_poly.entity_id
_entity_poly.type
_entity_poly.pdbx_seq_one_letter_code
_entity_poly.pdbx_strand_id
1 'polypeptide(L)'
;STATLCLGHHAVPNGTLVKTITDDQIEVTNATELVQSSSTGKICNNPHRILDGIDCTLIDALLGDPHCDVFQNETWDLFV
ERSKAFSNCYPYDVPDYASLRSLVASSGTLEFITEGFTWTGVTQNGGSNACKRGPGSGFFSRLNWLTKSGSTYPVLNVTM
PNNDNFDKLYIWGIHHPSTNQEQTSLYVQASGRVTVSTRRSQQTIIPNIGSRPWVRGLSSRISIYWTIVKPGDVLVINSN
GNLIAPRGYFKMRTGKSSIMRSDAPIDTCISECITPNGSIPNDKPFQNVNKITYGACPKYVKQNTLKLATGMRNVPEKQT
R
;
A,C,E
2 'polypeptide(L)'
;GLFGAIAGFIENGWEGMIDGWYGFRHQNSEGTGQAADLKSTQAAIDQINGKLNRVIEKTNEKFHQIEKEFSEVEGRIQDL
EKYVEDTKIDLWSYNAELLVALENQHTIDLTDSEMNKLFEKTRRQLRENAEEMGNGCFKIYHKCDNACIESIRNGTYDHD
VYRDEALNNRFQ
;
B,D,F
#
loop_
_chem_comp.id
_chem_comp.type
_chem_comp.name
_chem_comp.formula
EYK non-polymer 2-tert-butylbenzene-1,4-diol 'C10 H14 O2'
#
# COMPACT_ATOMS: atom_id res chain seq x y z
N SER A 1 -16.92 39.67 55.12
CA SER A 1 -16.66 38.22 54.91
C SER A 1 -16.85 37.89 53.40
N THR A 2 -16.01 36.95 52.98
CA THR A 2 -15.82 36.65 51.58
C THR A 2 -15.92 35.14 51.46
N ALA A 3 -16.04 34.63 50.24
CA ALA A 3 -16.04 33.19 50.03
C ALA A 3 -14.92 32.83 49.06
N THR A 4 -14.62 31.54 48.94
CA THR A 4 -13.63 31.07 47.98
C THR A 4 -14.16 29.92 47.14
N LEU A 5 -14.17 30.10 45.82
CA LEU A 5 -14.66 29.07 44.92
C LEU A 5 -13.55 28.65 43.97
N CYS A 6 -13.06 27.42 44.15
CA CYS A 6 -11.99 26.88 43.30
C CYS A 6 -12.49 25.94 42.22
N LEU A 7 -11.88 26.04 41.05
CA LEU A 7 -12.23 25.13 39.99
C LEU A 7 -11.15 24.10 39.88
N GLY A 8 -11.54 22.88 39.53
CA GLY A 8 -10.60 21.79 39.37
C GLY A 8 -11.11 20.66 38.50
N HIS A 9 -10.30 19.61 38.44
CA HIS A 9 -10.60 18.45 37.61
C HIS A 9 -10.09 17.26 38.40
N HIS A 10 -10.45 16.04 38.00
CA HIS A 10 -10.07 14.89 38.80
C HIS A 10 -8.72 14.34 38.42
N ALA A 11 -8.23 13.43 39.24
CA ALA A 11 -6.99 12.70 38.97
C ALA A 11 -7.15 11.31 39.54
N VAL A 12 -6.18 10.46 39.32
CA VAL A 12 -6.26 9.10 39.80
C VAL A 12 -4.90 8.69 40.37
N PRO A 13 -4.89 7.74 41.33
CA PRO A 13 -3.61 7.26 41.83
C PRO A 13 -2.72 6.69 40.70
N ASN A 14 -3.29 5.74 39.93
CA ASN A 14 -2.56 5.03 38.85
C ASN A 14 -3.10 5.36 37.45
N GLY A 15 -2.36 6.17 36.70
CA GLY A 15 -2.78 6.52 35.33
C GLY A 15 -2.08 5.71 34.25
N THR A 16 -2.51 5.86 33.00
CA THR A 16 -1.91 5.13 31.88
C THR A 16 -0.99 6.02 31.05
N LEU A 17 0.14 5.46 30.61
CA LEU A 17 1.02 6.15 29.71
C LEU A 17 0.57 5.98 28.25
N VAL A 18 0.70 7.06 27.48
CA VAL A 18 0.05 7.22 26.19
C VAL A 18 1.00 8.02 25.29
N LYS A 19 0.97 7.78 23.97
CA LYS A 19 1.82 8.54 23.04
C LYS A 19 1.06 9.73 22.44
N THR A 20 1.75 10.86 22.26
CA THR A 20 1.14 11.98 21.52
C THR A 20 2.03 12.39 20.35
N ILE A 21 1.68 13.52 19.73
CA ILE A 21 2.47 14.07 18.64
C ILE A 21 3.80 14.57 19.21
N THR A 22 3.75 15.10 20.43
CA THR A 22 4.91 15.71 21.06
C THR A 22 5.56 14.88 22.16
N ASP A 23 4.96 13.79 22.62
CA ASP A 23 5.57 12.96 23.68
C ASP A 23 5.56 11.50 23.43
N ASP A 24 6.63 10.84 23.84
CA ASP A 24 6.72 9.41 23.68
C ASP A 24 5.93 8.75 24.82
N GLN A 25 5.83 9.45 25.95
CA GLN A 25 5.20 8.93 27.15
C GLN A 25 4.58 10.06 27.93
N ILE A 26 3.26 10.05 28.08
CA ILE A 26 2.62 11.09 28.87
C ILE A 26 1.40 10.50 29.56
N GLU A 27 1.23 10.82 30.86
CA GLU A 27 0.23 10.14 31.67
C GLU A 27 -1.17 10.75 31.61
N VAL A 28 -2.14 9.90 31.27
CA VAL A 28 -3.53 10.30 31.22
C VAL A 28 -4.30 9.50 32.27
N THR A 29 -5.54 9.89 32.55
CA THR A 29 -6.30 9.20 33.57
C THR A 29 -6.80 7.86 33.11
N ASN A 30 -6.87 7.63 31.81
CA ASN A 30 -7.51 6.42 31.29
C ASN A 30 -7.24 6.22 29.80
N ALA A 31 -7.12 4.98 29.35
CA ALA A 31 -6.96 4.67 27.91
C ALA A 31 -7.51 3.28 27.56
N THR A 32 -7.94 3.03 26.32
CA THR A 32 -8.19 1.63 25.87
C THR A 32 -7.17 1.19 24.86
N GLU A 33 -7.05 -0.13 24.72
CA GLU A 33 -6.15 -0.77 23.79
C GLU A 33 -6.77 -0.88 22.41
N LEU A 34 -5.99 -0.57 21.38
CA LEU A 34 -6.47 -0.62 20.00
C LEU A 34 -5.85 -1.78 19.23
N VAL A 35 -4.89 -2.47 19.84
CA VAL A 35 -4.27 -3.64 19.23
C VAL A 35 -4.68 -4.93 19.97
N GLN A 36 -5.35 -5.82 19.24
CA GLN A 36 -5.71 -7.13 19.74
C GLN A 36 -4.48 -8.06 19.79
N SER A 37 -4.07 -8.50 20.99
CA SER A 37 -2.79 -9.23 21.12
C SER A 37 -2.99 -10.71 21.37
N SER A 38 -4.22 -11.11 21.68
CA SER A 38 -4.43 -12.46 22.19
C SER A 38 -5.59 -13.17 21.54
N SER A 39 -5.52 -14.50 21.58
CA SER A 39 -6.55 -15.37 21.06
C SER A 39 -6.92 -16.42 22.10
N THR A 40 -8.15 -16.92 22.09
CA THR A 40 -8.46 -18.10 22.91
C THR A 40 -7.72 -19.34 22.44
N GLY A 41 -7.20 -19.32 21.21
CA GLY A 41 -6.45 -20.42 20.63
C GLY A 41 -7.36 -21.37 19.87
N LYS A 42 -8.65 -21.05 19.81
CA LYS A 42 -9.62 -21.93 19.15
C LYS A 42 -10.32 -21.25 17.98
N ILE A 43 -10.51 -21.98 16.89
CA ILE A 43 -11.27 -21.48 15.75
C ILE A 43 -12.75 -21.75 15.98
N CYS A 44 -13.56 -20.71 16.00
CA CYS A 44 -15.01 -20.87 16.18
C CYS A 44 -15.69 -21.34 14.92
N ASN A 45 -16.60 -22.30 15.07
CA ASN A 45 -17.29 -22.86 13.93
C ASN A 45 -18.55 -22.10 13.56
N ASN A 46 -18.73 -20.92 14.14
CA ASN A 46 -19.79 -20.00 13.71
C ASN A 46 -19.30 -18.57 13.63
N PRO A 47 -19.85 -17.80 12.69
CA PRO A 47 -20.89 -18.16 11.74
C PRO A 47 -20.41 -18.67 10.40
N HIS A 48 -19.10 -18.83 10.21
CA HIS A 48 -18.61 -19.35 8.94
C HIS A 48 -18.66 -20.88 8.92
N ARG A 49 -18.86 -21.47 7.74
CA ARG A 49 -18.76 -22.93 7.61
C ARG A 49 -17.28 -23.31 7.59
N ILE A 50 -16.82 -23.88 8.71
CA ILE A 50 -15.42 -24.27 8.85
C ILE A 50 -15.29 -25.75 8.60
N LEU A 51 -14.56 -26.12 7.56
CA LEU A 51 -14.43 -27.53 7.25
C LEU A 51 -13.08 -28.05 7.68
N ASP A 52 -13.06 -28.93 8.67
CA ASP A 52 -11.80 -29.49 9.16
C ASP A 52 -11.23 -30.53 8.23
N GLY A 53 -10.11 -30.26 7.60
CA GLY A 53 -9.54 -31.20 6.65
C GLY A 53 -8.98 -32.45 7.32
N ILE A 54 -8.83 -32.38 8.64
CA ILE A 54 -8.19 -33.44 9.41
C ILE A 54 -6.93 -33.98 8.74
N ASP A 55 -7.05 -35.19 8.19
CA ASP A 55 -5.95 -35.94 7.59
C ASP A 55 -5.64 -35.55 6.15
N CYS A 56 -6.44 -34.65 5.58
CA CYS A 56 -6.35 -34.36 4.16
C CYS A 56 -6.02 -32.91 3.78
N THR A 57 -5.10 -32.75 2.82
CA THR A 57 -5.02 -31.50 2.05
C THR A 57 -6.21 -31.41 1.09
N LEU A 58 -6.65 -30.19 0.78
CA LEU A 58 -7.73 -30.00 -0.18
C LEU A 58 -7.45 -30.70 -1.49
N ILE A 59 -6.21 -30.71 -1.95
CA ILE A 59 -5.91 -31.37 -3.22
C ILE A 59 -6.16 -32.88 -3.15
N ASP A 60 -5.70 -33.51 -2.07
CA ASP A 60 -6.02 -34.93 -1.85
C ASP A 60 -7.53 -35.17 -1.78
N ALA A 61 -8.26 -34.24 -1.14
CA ALA A 61 -9.72 -34.34 -1.13
C ALA A 61 -10.30 -34.20 -2.53
N LEU A 62 -9.65 -33.41 -3.39
CA LEU A 62 -10.17 -33.13 -4.72
C LEU A 62 -9.97 -34.38 -5.55
N LEU A 63 -8.72 -34.83 -5.63
CA LEU A 63 -8.33 -36.04 -6.33
C LEU A 63 -9.15 -37.26 -5.86
N GLY A 64 -9.36 -37.34 -4.55
CA GLY A 64 -10.06 -38.49 -3.95
C GLY A 64 -9.11 -39.62 -3.56
N ASP A 65 -8.05 -39.27 -2.85
CA ASP A 65 -7.22 -40.18 -2.09
C ASP A 65 -8.17 -40.94 -1.16
N PRO A 66 -8.20 -42.30 -1.23
CA PRO A 66 -9.15 -43.10 -0.44
C PRO A 66 -9.38 -42.61 0.98
N HIS A 67 -8.34 -42.32 1.77
CA HIS A 67 -8.63 -41.83 3.14
C HIS A 67 -9.31 -40.48 3.21
N CYS A 68 -9.51 -39.84 2.06
CA CYS A 68 -10.13 -38.51 2.02
C CYS A 68 -11.52 -38.59 1.40
N ASP A 69 -12.03 -39.82 1.29
CA ASP A 69 -13.32 -40.03 0.63
C ASP A 69 -14.48 -39.32 1.29
N VAL A 70 -14.38 -39.17 2.60
CA VAL A 70 -15.31 -38.38 3.39
C VAL A 70 -15.61 -37.01 2.77
N PHE A 71 -14.62 -36.42 2.09
CA PHE A 71 -14.76 -35.05 1.60
C PHE A 71 -15.51 -34.96 0.27
N GLN A 72 -15.94 -36.09 -0.28
CA GLN A 72 -16.64 -36.04 -1.56
C GLN A 72 -17.83 -35.08 -1.44
N ASN A 73 -17.92 -34.13 -2.36
CA ASN A 73 -19.08 -33.24 -2.45
C ASN A 73 -19.17 -32.29 -1.30
N GLU A 74 -18.16 -32.30 -0.43
CA GLU A 74 -18.17 -31.37 0.70
C GLU A 74 -18.10 -29.91 0.29
N THR A 75 -18.23 -29.03 1.27
CA THR A 75 -18.37 -27.59 0.98
C THR A 75 -17.86 -26.81 2.20
N TRP A 76 -17.31 -25.63 1.96
CA TRP A 76 -16.71 -24.86 3.04
C TRP A 76 -16.75 -23.38 2.77
N ASP A 77 -16.83 -22.58 3.84
CA ASP A 77 -16.46 -21.17 3.74
C ASP A 77 -14.94 -21.04 3.91
N LEU A 78 -14.39 -21.79 4.86
CA LEU A 78 -12.96 -21.81 5.11
C LEU A 78 -12.55 -23.24 5.31
N PHE A 79 -11.66 -23.74 4.46
CA PHE A 79 -11.16 -25.09 4.56
C PHE A 79 -9.88 -25.00 5.41
N VAL A 80 -9.81 -25.80 6.45
CA VAL A 80 -8.66 -25.77 7.34
C VAL A 80 -7.72 -26.95 7.09
N GLU A 81 -6.52 -26.68 6.59
CA GLU A 81 -5.51 -27.72 6.36
C GLU A 81 -4.61 -27.84 7.58
N ARG A 82 -4.50 -29.08 8.11
CA ARG A 82 -3.67 -29.38 9.29
C ARG A 82 -2.28 -29.86 8.86
N SER A 83 -1.24 -29.52 9.64
CA SER A 83 0.16 -29.86 9.28
C SER A 83 0.42 -31.35 9.21
N LYS A 84 -0.39 -32.13 9.93
CA LYS A 84 -0.26 -33.58 9.90
C LYS A 84 -0.90 -34.29 8.70
N ALA A 85 -1.57 -33.55 7.82
CA ALA A 85 -2.18 -34.19 6.64
C ALA A 85 -1.14 -34.96 5.87
N PHE A 86 -1.53 -36.10 5.32
CA PHE A 86 -0.58 -36.93 4.58
C PHE A 86 -1.27 -37.48 3.35
N SER A 87 -0.47 -37.78 2.31
CA SER A 87 -0.99 -38.41 1.10
C SER A 87 -0.72 -39.89 1.14
N ASN A 88 -1.69 -40.67 0.68
CA ASN A 88 -1.53 -42.10 0.86
C ASN A 88 -2.01 -42.91 -0.35
N CYS A 89 -1.85 -42.33 -1.53
CA CYS A 89 -2.30 -42.97 -2.77
C CYS A 89 -1.18 -42.88 -3.80
N TYR A 90 -1.45 -43.14 -5.09
CA TYR A 90 -0.39 -43.04 -6.10
C TYR A 90 0.42 -41.74 -5.92
N PRO A 91 1.75 -41.81 -6.09
CA PRO A 91 2.54 -40.57 -5.92
C PRO A 91 2.38 -39.67 -7.11
N TYR A 92 2.21 -38.37 -6.84
CA TYR A 92 1.87 -37.41 -7.89
C TYR A 92 2.54 -36.08 -7.69
N ASP A 93 2.55 -35.25 -8.72
CA ASP A 93 2.92 -33.84 -8.54
C ASP A 93 1.99 -32.97 -9.39
N VAL A 94 1.62 -31.80 -8.86
CA VAL A 94 0.80 -30.90 -9.67
C VAL A 94 1.61 -29.68 -10.08
N PRO A 95 2.00 -29.57 -11.36
CA PRO A 95 2.60 -28.32 -11.83
C PRO A 95 1.67 -27.18 -11.48
N ASP A 96 2.21 -26.13 -10.88
CA ASP A 96 1.40 -25.02 -10.40
C ASP A 96 0.32 -25.48 -9.39
N TYR A 97 0.78 -26.26 -8.41
CA TYR A 97 -0.01 -26.74 -7.30
C TYR A 97 -0.75 -25.60 -6.59
N ALA A 98 -0.05 -24.49 -6.35
CA ALA A 98 -0.60 -23.39 -5.58
C ALA A 98 -1.85 -22.80 -6.24
N SER A 99 -1.84 -22.76 -7.57
CA SER A 99 -2.94 -22.22 -8.32
C SER A 99 -4.16 -23.12 -8.24
N LEU A 100 -3.96 -24.43 -8.43
CA LEU A 100 -5.06 -25.37 -8.33
C LEU A 100 -5.70 -25.32 -6.94
N ARG A 101 -4.85 -25.29 -5.93
CA ARG A 101 -5.30 -25.19 -4.54
C ARG A 101 -6.12 -23.91 -4.35
N SER A 102 -5.63 -22.81 -4.92
CA SER A 102 -6.29 -21.53 -4.79
C SER A 102 -7.64 -21.56 -5.49
N LEU A 103 -7.66 -21.98 -6.75
CA LEU A 103 -8.89 -21.86 -7.49
C LEU A 103 -9.98 -22.74 -6.89
N VAL A 104 -9.62 -23.96 -6.44
CA VAL A 104 -10.57 -24.84 -5.73
C VAL A 104 -10.99 -24.23 -4.38
N ALA A 105 -10.01 -23.81 -3.58
CA ALA A 105 -10.31 -23.19 -2.28
C ALA A 105 -11.35 -22.07 -2.43
N SER A 106 -11.20 -21.28 -3.48
CA SER A 106 -12.04 -20.13 -3.73
C SER A 106 -13.42 -20.51 -4.25
N SER A 107 -13.49 -21.58 -5.03
CA SER A 107 -14.75 -22.12 -5.52
C SER A 107 -15.61 -22.58 -4.33
N GLY A 108 -14.96 -23.18 -3.31
CA GLY A 108 -15.62 -23.51 -2.04
C GLY A 108 -16.52 -24.76 -2.02
N THR A 109 -16.37 -25.60 -3.03
CA THR A 109 -17.17 -26.81 -3.16
C THR A 109 -16.39 -27.93 -3.82
N LEU A 110 -16.69 -29.18 -3.48
CA LEU A 110 -16.07 -30.32 -4.17
C LEU A 110 -17.12 -31.13 -4.87
N GLU A 111 -18.25 -30.47 -5.12
CA GLU A 111 -19.38 -31.06 -5.79
C GLU A 111 -18.93 -31.63 -7.10
N PHE A 112 -19.12 -32.93 -7.27
CA PHE A 112 -18.67 -33.64 -8.46
C PHE A 112 -19.83 -34.35 -9.18
N ILE A 113 -19.95 -34.12 -10.47
CA ILE A 113 -20.95 -34.81 -11.29
C ILE A 113 -20.24 -35.83 -12.20
N THR A 114 -20.57 -37.11 -12.07
CA THR A 114 -19.98 -38.14 -12.95
C THR A 114 -20.58 -38.05 -14.35
N GLU A 115 -19.73 -38.17 -15.38
CA GLU A 115 -20.25 -38.14 -16.77
C GLU A 115 -20.05 -39.47 -17.53
N GLY A 116 -20.84 -39.66 -18.58
CA GLY A 116 -20.78 -40.91 -19.35
C GLY A 116 -19.66 -41.02 -20.37
N PHE A 117 -18.42 -40.75 -19.97
CA PHE A 117 -17.29 -40.92 -20.87
C PHE A 117 -17.25 -42.36 -21.38
N THR A 118 -17.15 -42.53 -22.69
CA THR A 118 -16.93 -43.86 -23.29
C THR A 118 -15.45 -44.01 -23.64
N TRP A 119 -14.81 -45.02 -23.05
CA TRP A 119 -13.41 -45.33 -23.37
C TRP A 119 -13.36 -46.71 -24.00
N THR A 120 -13.57 -46.75 -25.31
CA THR A 120 -13.62 -48.03 -26.02
C THR A 120 -12.23 -48.52 -26.42
N GLY A 121 -11.94 -49.77 -26.05
CA GLY A 121 -10.69 -50.41 -26.44
C GLY A 121 -9.64 -50.45 -25.35
N VAL A 122 -9.92 -49.86 -24.19
CA VAL A 122 -8.97 -49.83 -23.09
C VAL A 122 -9.61 -50.43 -21.87
N THR A 123 -8.80 -50.88 -20.92
CA THR A 123 -9.30 -51.38 -19.64
C THR A 123 -9.40 -50.22 -18.67
N GLN A 124 -10.59 -50.06 -18.08
CA GLN A 124 -10.82 -48.98 -17.12
C GLN A 124 -10.48 -49.39 -15.70
N ASN A 125 -10.52 -48.42 -14.79
CA ASN A 125 -10.44 -48.67 -13.36
C ASN A 125 -9.13 -49.28 -12.85
N GLY A 126 -8.00 -48.96 -13.47
CA GLY A 126 -6.71 -49.45 -12.99
C GLY A 126 -6.50 -49.10 -11.54
N GLY A 127 -5.74 -49.92 -10.83
CA GLY A 127 -5.45 -49.70 -9.41
C GLY A 127 -4.00 -49.94 -9.08
N SER A 128 -3.58 -49.62 -7.88
CA SER A 128 -2.20 -49.83 -7.50
C SER A 128 -2.11 -50.13 -6.02
N ASN A 129 -1.05 -50.82 -5.63
CA ASN A 129 -0.86 -51.15 -4.23
C ASN A 129 -0.25 -50.01 -3.45
N ALA A 130 0.13 -48.94 -4.15
CA ALA A 130 0.55 -47.71 -3.48
C ALA A 130 -0.67 -46.98 -2.85
N CYS A 131 -1.86 -47.37 -3.31
CA CYS A 131 -3.09 -46.72 -2.93
C CYS A 131 -4.22 -47.74 -2.71
N LYS A 132 -4.41 -48.19 -1.47
CA LYS A 132 -5.44 -49.23 -1.27
C LYS A 132 -6.77 -48.69 -0.78
N ARG A 133 -7.87 -49.26 -1.30
CA ARG A 133 -9.19 -49.09 -0.68
C ARG A 133 -9.66 -50.47 -0.25
N GLY A 134 -9.82 -50.66 1.05
CA GLY A 134 -10.17 -51.96 1.60
C GLY A 134 -9.04 -52.97 1.42
N PRO A 135 -9.38 -54.19 0.96
CA PRO A 135 -8.41 -55.31 0.98
C PRO A 135 -7.25 -55.11 -0.02
N GLY A 136 -7.58 -54.90 -1.29
CA GLY A 136 -6.56 -54.78 -2.34
C GLY A 136 -6.37 -53.41 -2.97
N SER A 137 -5.76 -53.43 -4.15
CA SER A 137 -5.32 -52.23 -4.82
C SER A 137 -6.47 -51.26 -5.09
N GLY A 138 -6.12 -49.99 -5.32
CA GLY A 138 -7.10 -48.93 -5.53
C GLY A 138 -6.46 -47.71 -6.15
N PHE A 139 -7.21 -46.62 -6.20
CA PHE A 139 -6.82 -45.43 -6.94
C PHE A 139 -7.63 -44.21 -6.51
N PHE A 140 -7.24 -43.03 -6.99
CA PHE A 140 -8.03 -41.81 -6.80
C PHE A 140 -9.49 -42.00 -7.23
N SER A 141 -10.42 -41.67 -6.33
CA SER A 141 -11.82 -41.83 -6.64
C SER A 141 -12.24 -41.04 -7.86
N ARG A 142 -11.60 -39.91 -8.13
CA ARG A 142 -12.10 -39.05 -9.19
C ARG A 142 -11.38 -39.19 -10.51
N LEU A 143 -10.34 -40.03 -10.53
CA LEU A 143 -9.60 -40.27 -11.76
C LEU A 143 -9.83 -41.70 -12.23
N ASN A 144 -9.57 -41.97 -13.49
CA ASN A 144 -9.85 -43.26 -14.06
C ASN A 144 -8.61 -43.75 -14.78
N TRP A 145 -7.91 -44.72 -14.19
CA TRP A 145 -6.64 -45.18 -14.75
C TRP A 145 -6.84 -46.14 -15.93
N LEU A 146 -6.63 -45.63 -17.14
CA LEU A 146 -6.79 -46.39 -18.39
C LEU A 146 -5.51 -47.13 -18.82
N THR A 147 -5.64 -48.43 -19.02
CA THR A 147 -4.54 -49.27 -19.50
C THR A 147 -4.97 -50.12 -20.70
N LYS A 148 -4.03 -50.83 -21.32
CA LYS A 148 -4.32 -51.60 -22.54
C LYS A 148 -5.42 -52.62 -22.30
N SER A 149 -6.13 -52.97 -23.37
CA SER A 149 -7.18 -53.97 -23.29
C SER A 149 -7.09 -54.96 -24.44
N GLY A 150 -6.67 -56.20 -24.11
CA GLY A 150 -6.53 -57.24 -25.11
C GLY A 150 -5.30 -56.95 -26.02
N SER A 151 -4.27 -56.40 -25.39
CA SER A 151 -2.96 -56.29 -26.06
C SER A 151 -2.77 -55.08 -27.00
N THR A 152 -3.82 -54.29 -27.21
CA THR A 152 -3.64 -53.01 -27.93
C THR A 152 -4.23 -51.83 -27.15
N TYR A 153 -3.66 -50.64 -27.38
CA TYR A 153 -4.15 -49.38 -26.82
C TYR A 153 -4.53 -48.44 -27.97
N PRO A 154 -5.82 -48.44 -28.35
CA PRO A 154 -6.34 -47.62 -29.43
C PRO A 154 -6.04 -46.16 -29.19
N VAL A 155 -6.07 -45.34 -30.22
CA VAL A 155 -5.94 -43.91 -29.99
C VAL A 155 -7.29 -43.37 -29.50
N LEU A 156 -7.39 -43.07 -28.21
CA LEU A 156 -8.65 -42.65 -27.61
C LEU A 156 -8.95 -41.24 -28.04
N ASN A 157 -10.22 -40.99 -28.26
CA ASN A 157 -10.62 -39.69 -28.75
C ASN A 157 -12.09 -39.48 -28.40
N VAL A 158 -12.36 -38.71 -27.33
CA VAL A 158 -13.71 -38.62 -26.77
C VAL A 158 -14.12 -37.17 -26.53
N THR A 159 -15.43 -36.96 -26.42
CA THR A 159 -16.00 -35.62 -26.37
C THR A 159 -16.93 -35.49 -25.19
N MET A 160 -17.03 -34.28 -24.65
CA MET A 160 -18.03 -33.97 -23.65
C MET A 160 -18.40 -32.50 -23.75
N PRO A 161 -19.59 -32.19 -24.27
CA PRO A 161 -19.99 -30.80 -24.39
C PRO A 161 -20.46 -30.30 -23.05
N ASN A 162 -20.30 -29.00 -22.82
CA ASN A 162 -20.83 -28.36 -21.63
C ASN A 162 -22.10 -27.64 -22.02
N ASN A 163 -23.22 -28.33 -21.86
CA ASN A 163 -24.52 -27.76 -22.19
C ASN A 163 -25.20 -27.08 -21.02
N ASP A 164 -24.47 -26.92 -19.92
CA ASP A 164 -25.02 -26.25 -18.76
C ASP A 164 -24.64 -24.79 -18.81
N ASN A 165 -25.11 -24.06 -17.81
CA ASN A 165 -24.96 -22.60 -17.75
C ASN A 165 -23.94 -22.21 -16.70
N PHE A 166 -23.09 -23.16 -16.31
CA PHE A 166 -21.98 -22.90 -15.40
C PHE A 166 -20.67 -23.46 -15.96
N ASP A 167 -19.55 -23.01 -15.39
CA ASP A 167 -18.24 -23.52 -15.77
C ASP A 167 -18.01 -24.88 -15.14
N LYS A 168 -17.47 -25.81 -15.90
CA LYS A 168 -17.06 -27.09 -15.37
C LYS A 168 -15.53 -27.12 -15.17
N LEU A 169 -15.09 -27.68 -14.05
CA LEU A 169 -13.66 -27.89 -13.82
C LEU A 169 -13.29 -29.37 -13.95
N TYR A 170 -12.45 -29.70 -14.94
CA TYR A 170 -11.98 -31.08 -15.13
C TYR A 170 -10.57 -31.25 -14.60
N ILE A 171 -10.40 -32.23 -13.71
CA ILE A 171 -9.08 -32.65 -13.26
C ILE A 171 -8.69 -33.94 -14.00
N TRP A 172 -7.50 -33.94 -14.61
CA TRP A 172 -6.96 -35.13 -15.29
C TRP A 172 -5.45 -35.25 -15.08
N GLY A 173 -4.85 -36.29 -15.60
CA GLY A 173 -3.44 -36.49 -15.39
C GLY A 173 -2.78 -37.37 -16.42
N ILE A 174 -1.47 -37.50 -16.30
CA ILE A 174 -0.70 -38.32 -17.21
C ILE A 174 0.25 -39.15 -16.37
N HIS A 175 0.56 -40.36 -16.83
CA HIS A 175 1.40 -41.29 -16.08
C HIS A 175 2.82 -41.31 -16.60
N HIS A 176 3.77 -41.03 -15.72
CA HIS A 176 5.19 -41.20 -16.03
C HIS A 176 5.69 -42.52 -15.48
N PRO A 177 5.83 -43.55 -16.34
CA PRO A 177 6.37 -44.83 -15.89
C PRO A 177 7.87 -44.73 -15.67
N SER A 178 8.42 -45.65 -14.89
CA SER A 178 9.83 -45.56 -14.55
C SER A 178 10.75 -46.32 -15.50
N THR A 179 10.17 -47.18 -16.36
CA THR A 179 10.93 -48.01 -17.31
C THR A 179 10.07 -48.31 -18.53
N ASN A 180 10.70 -48.54 -19.69
CA ASN A 180 9.97 -48.91 -20.92
C ASN A 180 9.25 -50.26 -20.79
N GLN A 181 9.78 -51.13 -19.94
CA GLN A 181 9.14 -52.40 -19.65
C GLN A 181 7.74 -52.17 -19.06
N GLU A 182 7.67 -51.20 -18.13
CA GLU A 182 6.39 -50.71 -17.57
C GLU A 182 5.57 -49.99 -18.66
N GLN A 183 6.21 -49.01 -19.32
CA GLN A 183 5.55 -48.23 -20.37
C GLN A 183 4.78 -49.10 -21.36
N THR A 184 5.49 -50.02 -22.02
CA THR A 184 4.88 -50.85 -23.06
C THR A 184 3.89 -51.85 -22.52
N SER A 185 4.18 -52.47 -21.38
CA SER A 185 3.25 -53.50 -20.89
C SER A 185 1.92 -52.90 -20.45
N LEU A 186 1.94 -51.60 -20.13
CA LEU A 186 0.72 -50.87 -19.75
C LEU A 186 0.00 -50.26 -20.94
N TYR A 187 0.77 -49.65 -21.86
CA TYR A 187 0.18 -48.82 -22.91
C TYR A 187 0.50 -49.22 -24.35
N VAL A 188 1.25 -50.31 -24.52
CA VAL A 188 1.66 -50.84 -25.83
C VAL A 188 2.66 -49.90 -26.53
N GLN A 189 2.21 -48.73 -26.98
CA GLN A 189 3.13 -47.74 -27.57
C GLN A 189 4.30 -47.41 -26.65
N ALA A 190 5.46 -47.10 -27.22
CA ALA A 190 6.66 -46.84 -26.42
C ALA A 190 6.71 -45.38 -25.99
N SER A 191 5.82 -44.58 -26.59
CA SER A 191 5.73 -43.17 -26.29
C SER A 191 4.26 -42.74 -26.23
N GLY A 192 3.77 -42.44 -25.02
CA GLY A 192 2.39 -41.95 -24.83
C GLY A 192 2.18 -40.49 -25.21
N ARG A 193 0.95 -40.02 -25.10
CA ARG A 193 0.61 -38.61 -25.38
C ARG A 193 -0.79 -38.31 -24.85
N VAL A 194 -0.99 -37.10 -24.32
CA VAL A 194 -2.31 -36.67 -23.84
C VAL A 194 -2.58 -35.24 -24.32
N THR A 195 -3.67 -35.07 -25.06
CA THR A 195 -4.10 -33.76 -25.54
C THR A 195 -5.49 -33.50 -25.00
N VAL A 196 -5.67 -32.38 -24.31
CA VAL A 196 -6.95 -32.02 -23.71
C VAL A 196 -7.19 -30.57 -24.06
N SER A 197 -8.23 -30.38 -24.86
CA SER A 197 -8.48 -29.08 -25.50
C SER A 197 -9.94 -28.71 -25.45
N THR A 198 -10.19 -27.42 -25.56
CA THR A 198 -11.53 -26.87 -25.71
C THR A 198 -11.49 -26.05 -26.98
N ARG A 199 -12.56 -25.30 -27.23
CA ARG A 199 -12.52 -24.33 -28.31
C ARG A 199 -11.52 -23.23 -27.97
N ARG A 200 -11.31 -22.96 -26.68
CA ARG A 200 -10.53 -21.79 -26.26
C ARG A 200 -9.09 -22.08 -25.83
N SER A 201 -8.70 -23.35 -25.68
CA SER A 201 -7.35 -23.64 -25.21
C SER A 201 -6.99 -25.10 -25.36
N GLN A 202 -5.69 -25.38 -25.35
CA GLN A 202 -5.20 -26.73 -25.56
C GLN A 202 -3.94 -27.03 -24.77
N GLN A 203 -3.79 -28.28 -24.36
CA GLN A 203 -2.61 -28.75 -23.63
C GLN A 203 -2.24 -30.12 -24.15
N THR A 204 -0.95 -30.30 -24.39
CA THR A 204 -0.44 -31.62 -24.75
C THR A 204 0.73 -31.92 -23.84
N ILE A 205 0.67 -33.08 -23.18
CA ILE A 205 1.71 -33.46 -22.26
C ILE A 205 2.26 -34.80 -22.71
N ILE A 206 3.59 -34.90 -22.70
CA ILE A 206 4.28 -36.13 -23.08
C ILE A 206 4.88 -36.79 -21.85
N PRO A 207 4.63 -38.09 -21.70
CA PRO A 207 5.21 -38.84 -20.57
C PRO A 207 6.72 -38.81 -20.62
N ASN A 208 7.36 -38.84 -19.45
CA ASN A 208 8.82 -38.97 -19.39
C ASN A 208 9.25 -40.20 -18.60
N ILE A 209 9.63 -41.25 -19.32
CA ILE A 209 10.09 -42.49 -18.69
C ILE A 209 11.40 -42.20 -17.95
N GLY A 210 11.54 -42.81 -16.77
CA GLY A 210 12.68 -42.56 -15.90
C GLY A 210 12.21 -42.75 -14.48
N SER A 211 13.15 -42.85 -13.54
CA SER A 211 12.79 -43.20 -12.18
C SER A 211 13.01 -42.04 -11.21
N ARG A 212 12.04 -41.89 -10.32
CA ARG A 212 12.06 -40.88 -9.28
C ARG A 212 12.22 -41.62 -7.95
N PRO A 213 12.44 -40.88 -6.85
CA PRO A 213 12.52 -41.58 -5.56
C PRO A 213 11.35 -42.52 -5.30
N TRP A 214 11.68 -43.72 -4.82
CA TRP A 214 10.74 -44.70 -4.29
C TRP A 214 9.75 -44.03 -3.34
N VAL A 215 8.47 -44.11 -3.66
CA VAL A 215 7.43 -43.65 -2.74
C VAL A 215 6.33 -44.69 -2.72
N ARG A 216 6.04 -45.24 -1.54
CA ARG A 216 5.03 -46.30 -1.41
C ARG A 216 5.20 -47.41 -2.47
N GLY A 217 6.44 -47.83 -2.71
CA GLY A 217 6.71 -48.95 -3.63
C GLY A 217 6.99 -48.57 -5.08
N LEU A 218 6.78 -47.31 -5.42
CA LEU A 218 6.88 -46.85 -6.80
C LEU A 218 7.96 -45.81 -7.05
N SER A 219 8.54 -45.87 -8.24
CA SER A 219 9.38 -44.81 -8.68
C SER A 219 8.73 -44.13 -9.90
N SER A 220 7.50 -44.52 -10.19
CA SER A 220 6.69 -43.82 -11.18
C SER A 220 6.00 -42.60 -10.56
N ARG A 221 5.27 -41.86 -11.40
CA ARG A 221 4.58 -40.64 -10.99
C ARG A 221 3.37 -40.39 -11.84
N ILE A 222 2.47 -39.59 -11.30
CA ILE A 222 1.31 -39.17 -12.05
C ILE A 222 1.33 -37.66 -11.96
N SER A 223 1.16 -36.98 -13.11
CA SER A 223 1.16 -35.54 -13.12
C SER A 223 -0.25 -35.05 -13.38
N ILE A 224 -0.63 -33.97 -12.70
CA ILE A 224 -2.02 -33.51 -12.61
C ILE A 224 -2.23 -32.16 -13.29
N TYR A 225 -3.27 -32.07 -14.10
CA TYR A 225 -3.55 -30.86 -14.85
C TYR A 225 -5.03 -30.55 -14.74
N TRP A 226 -5.41 -29.31 -15.04
CA TRP A 226 -6.82 -28.96 -15.02
C TRP A 226 -7.26 -28.28 -16.31
N THR A 227 -8.56 -28.33 -16.57
CA THR A 227 -9.16 -27.60 -17.69
C THR A 227 -10.53 -27.08 -17.29
N ILE A 228 -10.74 -25.78 -17.45
CA ILE A 228 -12.05 -25.20 -17.24
C ILE A 228 -12.79 -25.04 -18.57
N VAL A 229 -13.93 -25.71 -18.70
CA VAL A 229 -14.79 -25.64 -19.87
C VAL A 229 -15.99 -24.70 -19.62
N LYS A 230 -16.04 -23.60 -20.38
CA LYS A 230 -17.13 -22.61 -20.25
C LYS A 230 -18.42 -23.12 -20.90
N PRO A 231 -19.59 -22.51 -20.55
CA PRO A 231 -20.87 -22.88 -21.19
C PRO A 231 -20.83 -22.72 -22.70
N GLY A 232 -21.34 -23.71 -23.43
CA GLY A 232 -21.33 -23.66 -24.88
C GLY A 232 -20.12 -24.33 -25.51
N ASP A 233 -18.99 -24.29 -24.80
CA ASP A 233 -17.77 -24.94 -25.24
C ASP A 233 -17.86 -26.47 -25.11
N VAL A 234 -16.80 -27.18 -25.51
CA VAL A 234 -16.80 -28.66 -25.49
C VAL A 234 -15.41 -29.17 -25.11
N LEU A 235 -15.33 -30.27 -24.35
CA LEU A 235 -14.05 -30.87 -24.03
C LEU A 235 -13.71 -32.00 -25.01
N VAL A 236 -12.46 -32.00 -25.49
CA VAL A 236 -11.97 -33.12 -26.29
C VAL A 236 -10.74 -33.68 -25.62
N ILE A 237 -10.79 -34.97 -25.31
CA ILE A 237 -9.64 -35.63 -24.75
C ILE A 237 -9.16 -36.62 -25.78
N ASN A 238 -7.88 -36.48 -26.12
CA ASN A 238 -7.27 -37.26 -27.18
C ASN A 238 -5.96 -37.85 -26.70
N SER A 239 -5.83 -39.18 -26.78
CA SER A 239 -4.64 -39.83 -26.24
C SER A 239 -4.42 -41.23 -26.81
N ASN A 240 -3.15 -41.60 -26.94
CA ASN A 240 -2.76 -42.93 -27.37
C ASN A 240 -1.84 -43.60 -26.34
N GLY A 241 -2.03 -43.29 -25.07
CA GLY A 241 -1.31 -43.93 -23.98
C GLY A 241 -1.07 -42.99 -22.82
N ASN A 242 -1.12 -43.54 -21.61
CA ASN A 242 -0.69 -42.84 -20.42
C ASN A 242 -1.72 -41.90 -19.83
N LEU A 243 -2.95 -42.02 -20.28
CA LEU A 243 -3.97 -41.09 -19.85
C LEU A 243 -4.52 -41.47 -18.48
N ILE A 244 -4.46 -40.53 -17.54
CA ILE A 244 -5.27 -40.60 -16.34
C ILE A 244 -6.50 -39.73 -16.57
N ALA A 245 -7.64 -40.37 -16.81
CA ALA A 245 -8.81 -39.66 -17.32
C ALA A 245 -9.74 -39.14 -16.23
N PRO A 246 -10.53 -38.11 -16.54
CA PRO A 246 -11.51 -37.62 -15.58
C PRO A 246 -12.74 -38.53 -15.57
N ARG A 247 -13.47 -38.55 -14.46
CA ARG A 247 -14.69 -39.34 -14.38
C ARG A 247 -15.88 -38.41 -14.56
N GLY A 248 -15.59 -37.12 -14.54
CA GLY A 248 -16.60 -36.07 -14.63
C GLY A 248 -16.05 -34.71 -14.28
N TYR A 249 -16.84 -33.84 -13.67
CA TYR A 249 -16.42 -32.46 -13.45
C TYR A 249 -16.77 -31.92 -12.06
N PHE A 250 -16.11 -30.84 -11.67
CA PHE A 250 -16.44 -30.20 -10.41
C PHE A 250 -17.18 -28.94 -10.73
N LYS A 251 -18.25 -28.67 -10.01
CA LYS A 251 -18.90 -27.38 -10.15
C LYS A 251 -18.02 -26.27 -9.63
N MET A 252 -18.04 -25.12 -10.31
CA MET A 252 -17.32 -23.96 -9.80
C MET A 252 -18.28 -22.89 -9.35
N ARG A 253 -18.14 -22.49 -8.09
CA ARG A 253 -18.93 -21.40 -7.55
C ARG A 253 -18.01 -20.20 -7.36
N THR A 254 -18.58 -19.01 -7.18
CA THR A 254 -17.83 -17.83 -6.81
C THR A 254 -18.43 -17.43 -5.48
N GLY A 255 -17.68 -16.80 -4.61
CA GLY A 255 -18.21 -16.52 -3.26
C GLY A 255 -17.10 -16.16 -2.31
N LYS A 256 -17.36 -16.31 -1.02
CA LYS A 256 -16.44 -15.87 0.03
C LYS A 256 -15.48 -16.97 0.53
N SER A 257 -15.34 -18.04 -0.22
CA SER A 257 -14.59 -19.18 0.25
C SER A 257 -13.08 -19.07 0.12
N SER A 258 -12.40 -19.67 1.09
CA SER A 258 -10.93 -19.71 1.08
C SER A 258 -10.36 -20.96 1.78
N ILE A 259 -9.08 -20.92 2.11
CA ILE A 259 -8.37 -22.03 2.75
C ILE A 259 -7.35 -21.43 3.72
N MET A 260 -7.03 -22.16 4.80
CA MET A 260 -6.10 -21.66 5.84
C MET A 260 -5.32 -22.81 6.47
N ARG A 261 -4.01 -22.63 6.66
CA ARG A 261 -3.16 -23.63 7.29
C ARG A 261 -3.15 -23.37 8.81
N SER A 262 -3.71 -24.27 9.62
CA SER A 262 -3.74 -24.08 11.08
C SER A 262 -3.86 -25.39 11.82
N ASP A 263 -3.20 -25.50 12.96
CA ASP A 263 -3.42 -26.64 13.86
C ASP A 263 -4.29 -26.29 15.07
N ALA A 264 -5.08 -25.25 14.98
CA ALA A 264 -5.87 -24.86 16.13
C ALA A 264 -7.14 -25.69 16.17
N PRO A 265 -7.51 -26.15 17.37
CA PRO A 265 -8.79 -26.84 17.48
C PRO A 265 -9.97 -25.95 17.07
N ILE A 266 -10.98 -26.59 16.50
CA ILE A 266 -12.27 -25.94 16.25
C ILE A 266 -13.24 -26.21 17.40
N ASP A 267 -13.95 -25.18 17.81
CA ASP A 267 -14.74 -25.25 19.01
C ASP A 267 -16.12 -24.66 18.68
N THR A 268 -17.06 -24.74 19.61
CA THR A 268 -18.37 -24.16 19.34
C THR A 268 -18.47 -22.79 20.01
N CYS A 269 -18.43 -21.74 19.19
CA CYS A 269 -18.48 -20.35 19.65
C CYS A 269 -18.69 -19.48 18.45
N ILE A 270 -19.00 -18.21 18.67
CA ILE A 270 -19.28 -17.33 17.54
C ILE A 270 -18.17 -16.30 17.43
N SER A 271 -17.53 -16.24 16.27
CA SER A 271 -16.52 -15.22 15.98
C SER A 271 -16.35 -14.96 14.48
N GLU A 272 -16.50 -13.70 14.08
CA GLU A 272 -16.37 -13.29 12.68
C GLU A 272 -14.96 -13.51 12.12
N CYS A 273 -13.95 -13.26 12.95
CA CYS A 273 -12.56 -13.27 12.48
C CYS A 273 -11.81 -14.55 12.83
N ILE A 274 -11.31 -15.25 11.81
CA ILE A 274 -10.48 -16.42 12.03
C ILE A 274 -9.00 -16.12 11.71
N THR A 275 -8.09 -16.65 12.53
CA THR A 275 -6.63 -16.54 12.29
C THR A 275 -6.02 -17.92 12.48
N PRO A 276 -4.82 -18.17 11.94
CA PRO A 276 -4.27 -19.52 12.22
C PRO A 276 -4.08 -19.84 13.71
N ASN A 277 -4.01 -18.83 14.57
CA ASN A 277 -3.92 -19.04 16.03
C ASN A 277 -5.27 -19.21 16.69
N GLY A 278 -6.34 -19.12 15.92
CA GLY A 278 -7.67 -19.20 16.49
C GLY A 278 -8.42 -17.92 16.24
N SER A 279 -9.72 -17.95 16.50
CA SER A 279 -10.55 -16.78 16.31
C SER A 279 -10.12 -15.63 17.20
N ILE A 280 -10.45 -14.40 16.79
CA ILE A 280 -10.18 -13.22 17.61
C ILE A 280 -11.34 -12.25 17.57
N PRO A 281 -11.57 -11.55 18.69
CA PRO A 281 -12.66 -10.56 18.74
C PRO A 281 -12.32 -9.47 17.74
N ASN A 282 -13.32 -8.82 17.15
CA ASN A 282 -13.02 -7.69 16.23
C ASN A 282 -13.52 -6.32 16.68
N ASP A 283 -13.62 -6.10 17.98
CA ASP A 283 -13.97 -4.78 18.49
C ASP A 283 -12.87 -3.71 18.22
N LYS A 284 -11.59 -4.09 18.32
CA LYS A 284 -10.48 -3.17 18.14
C LYS A 284 -10.12 -2.98 16.66
N PRO A 285 -9.60 -1.79 16.29
CA PRO A 285 -9.30 -1.58 14.88
C PRO A 285 -8.08 -2.36 14.35
N PHE A 286 -7.09 -2.62 15.20
CA PHE A 286 -5.84 -3.28 14.78
C PHE A 286 -5.57 -4.57 15.54
N GLN A 287 -4.73 -5.43 14.98
CA GLN A 287 -4.42 -6.69 15.62
C GLN A 287 -2.98 -7.07 15.36
N ASN A 288 -2.44 -7.77 16.32
CA ASN A 288 -1.05 -8.20 16.26
C ASN A 288 -0.87 -9.72 16.27
N VAL A 289 -1.96 -10.47 16.07
CA VAL A 289 -1.95 -11.90 16.23
C VAL A 289 -1.34 -12.60 15.03
N ASN A 290 -1.86 -12.31 13.85
CA ASN A 290 -1.36 -12.97 12.67
C ASN A 290 -1.75 -12.17 11.44
N LYS A 291 -0.81 -12.01 10.53
CA LYS A 291 -1.08 -11.33 9.26
C LYS A 291 -2.00 -12.16 8.36
N ILE A 292 -2.06 -13.47 8.59
CA ILE A 292 -3.02 -14.33 7.92
C ILE A 292 -4.37 -14.26 8.64
N THR A 293 -5.43 -13.86 7.91
CA THR A 293 -6.79 -13.80 8.48
C THR A 293 -7.90 -14.14 7.49
N TYR A 294 -9.06 -14.52 8.01
CA TYR A 294 -10.26 -14.75 7.22
C TYR A 294 -11.43 -14.13 7.97
N GLY A 295 -12.27 -13.41 7.24
CA GLY A 295 -13.46 -12.79 7.80
C GLY A 295 -13.33 -11.31 8.07
N ALA A 296 -14.22 -10.79 8.92
CA ALA A 296 -14.19 -9.39 9.34
C ALA A 296 -13.19 -9.19 10.45
N CYS A 297 -11.96 -8.80 10.09
CA CYS A 297 -10.87 -8.75 11.06
C CYS A 297 -10.26 -7.37 11.23
N PRO A 298 -9.67 -7.11 12.40
CA PRO A 298 -8.81 -5.93 12.53
C PRO A 298 -7.62 -6.01 11.58
N LYS A 299 -7.01 -4.87 11.29
CA LYS A 299 -5.92 -4.80 10.36
C LYS A 299 -4.61 -5.17 11.06
N TYR A 300 -3.88 -6.11 10.46
CA TYR A 300 -2.62 -6.55 11.06
C TYR A 300 -1.57 -5.43 11.11
N VAL A 301 -0.87 -5.33 12.23
CA VAL A 301 0.05 -4.20 12.49
C VAL A 301 1.26 -4.69 13.26
N LYS A 302 2.36 -3.94 13.22
CA LYS A 302 3.58 -4.39 13.91
C LYS A 302 3.55 -4.14 15.40
N GLN A 303 2.88 -3.08 15.86
CA GLN A 303 2.88 -2.73 17.27
C GLN A 303 2.11 -3.81 18.01
N ASN A 304 2.47 -4.09 19.26
CA ASN A 304 1.66 -5.00 20.06
C ASN A 304 0.76 -4.28 21.06
N THR A 305 1.02 -3.01 21.28
CA THR A 305 0.06 -2.18 21.99
C THR A 305 0.00 -0.80 21.37
N LEU A 306 -1.20 -0.26 21.24
CA LEU A 306 -1.41 1.16 21.00
C LEU A 306 -2.50 1.66 21.90
N LYS A 307 -2.18 2.51 22.87
CA LYS A 307 -3.20 2.96 23.79
C LYS A 307 -3.86 4.24 23.28
N LEU A 308 -5.18 4.27 23.26
CA LEU A 308 -5.94 5.47 22.90
C LEU A 308 -6.44 6.14 24.17
N ALA A 309 -5.94 7.33 24.46
CA ALA A 309 -6.37 8.06 25.66
C ALA A 309 -7.88 8.26 25.67
N THR A 310 -8.52 7.90 26.78
CA THR A 310 -9.94 8.15 26.98
C THR A 310 -10.21 9.04 28.20
N GLY A 311 -9.20 9.77 28.65
CA GLY A 311 -9.40 10.77 29.66
C GLY A 311 -8.39 11.88 29.55
N MET A 312 -8.49 12.87 30.45
CA MET A 312 -7.63 14.04 30.41
C MET A 312 -6.23 13.67 30.89
N ARG A 313 -5.32 14.63 30.87
CA ARG A 313 -4.00 14.45 31.42
C ARG A 313 -4.09 14.22 32.91
N ASN A 314 -3.39 13.23 33.43
CA ASN A 314 -3.44 12.97 34.87
C ASN A 314 -2.39 13.74 35.68
N VAL A 315 -2.84 14.57 36.61
CA VAL A 315 -1.90 15.36 37.41
C VAL A 315 -2.17 15.13 38.90
N PRO A 316 -1.42 14.20 39.52
CA PRO A 316 -1.80 13.73 40.87
C PRO A 316 -1.35 14.74 41.94
N GLU A 317 -2.00 14.72 43.10
CA GLU A 317 -1.67 15.67 44.19
C GLU A 317 -0.48 15.21 45.03
N GLY B 1 -1.21 21.39 27.56
CA GLY B 1 -2.34 21.56 26.62
C GLY B 1 -2.45 22.98 26.13
N LEU B 2 -3.07 23.15 24.97
CA LEU B 2 -3.14 24.45 24.36
C LEU B 2 -3.77 25.55 25.21
N PHE B 3 -4.49 25.21 26.28
CA PHE B 3 -5.26 26.24 27.00
C PHE B 3 -4.67 26.69 28.33
N GLY B 4 -3.76 25.88 28.86
CA GLY B 4 -3.00 26.28 30.02
C GLY B 4 -3.69 26.04 31.34
N ALA B 5 -4.75 25.22 31.35
CA ALA B 5 -5.53 25.00 32.57
C ALA B 5 -5.19 23.69 33.27
N ILE B 6 -5.36 22.56 32.57
CA ILE B 6 -5.02 21.29 33.19
C ILE B 6 -3.52 21.19 33.08
N ALA B 7 -2.86 21.01 34.22
CA ALA B 7 -1.40 20.97 34.26
C ALA B 7 -0.86 22.35 33.89
N GLY B 8 -1.66 23.41 34.11
CA GLY B 8 -1.23 24.80 33.93
C GLY B 8 -1.63 25.61 35.16
N PHE B 9 -2.40 26.68 34.97
CA PHE B 9 -2.78 27.55 36.09
C PHE B 9 -3.57 26.86 37.19
N ILE B 10 -4.11 25.67 36.89
CA ILE B 10 -4.67 24.77 37.90
C ILE B 10 -3.57 23.80 38.27
N GLU B 11 -3.00 23.99 39.45
CA GLU B 11 -1.80 23.27 39.86
C GLU B 11 -1.92 21.76 39.74
N ASN B 12 -3.04 21.20 40.20
CA ASN B 12 -3.21 19.76 40.09
C ASN B 12 -4.65 19.28 40.16
N GLY B 13 -4.81 17.97 39.98
CA GLY B 13 -6.10 17.32 40.05
C GLY B 13 -6.50 16.94 41.47
N TRP B 14 -7.75 16.51 41.60
CA TRP B 14 -8.30 16.07 42.86
C TRP B 14 -8.64 14.58 42.78
N GLU B 15 -7.87 13.73 43.46
CA GLU B 15 -8.24 12.31 43.58
C GLU B 15 -9.51 12.11 44.41
N GLY B 16 -9.79 13.09 45.27
CA GLY B 16 -11.00 13.12 46.09
C GLY B 16 -12.33 13.21 45.34
N MET B 17 -12.31 13.77 44.14
CA MET B 17 -13.54 13.91 43.36
C MET B 17 -13.81 12.70 42.46
N ILE B 18 -14.72 11.85 42.91
CA ILE B 18 -15.01 10.57 42.26
C ILE B 18 -16.29 10.61 41.43
N ASP B 19 -17.04 11.72 41.52
CA ASP B 19 -18.37 11.80 40.90
C ASP B 19 -18.43 12.69 39.64
N GLY B 20 -17.27 12.98 39.05
CA GLY B 20 -17.20 13.76 37.82
C GLY B 20 -15.78 14.11 37.42
N TRP B 21 -15.64 14.76 36.26
CA TRP B 21 -14.32 15.10 35.74
C TRP B 21 -13.87 16.49 36.14
N TYR B 22 -14.82 17.41 36.19
CA TYR B 22 -14.55 18.79 36.56
C TYR B 22 -15.49 19.15 37.68
N GLY B 23 -15.11 20.13 38.51
CA GLY B 23 -15.97 20.57 39.58
C GLY B 23 -15.45 21.68 40.47
N PHE B 24 -16.24 21.99 41.50
CA PHE B 24 -15.96 23.11 42.40
C PHE B 24 -15.64 22.66 43.82
N ARG B 25 -14.67 23.33 44.44
CA ARG B 25 -14.39 23.18 45.87
C ARG B 25 -14.53 24.55 46.47
N HIS B 26 -15.27 24.68 47.56
CA HIS B 26 -15.48 26.02 48.10
C HIS B 26 -15.19 26.08 49.57
N GLN B 27 -15.25 27.30 50.09
CA GLN B 27 -15.18 27.57 51.51
C GLN B 27 -15.95 28.85 51.79
N ASN B 28 -16.92 28.76 52.71
CA ASN B 28 -17.72 29.91 53.11
C ASN B 28 -18.01 29.92 54.61
N SER B 29 -18.90 30.82 55.01
CA SER B 29 -19.43 30.88 56.38
C SER B 29 -19.86 29.50 56.92
N GLU B 30 -20.55 28.70 56.11
CA GLU B 30 -20.98 27.37 56.55
C GLU B 30 -19.90 26.28 56.53
N GLY B 31 -18.70 26.58 56.06
CA GLY B 31 -17.64 25.57 56.02
C GLY B 31 -17.07 25.34 54.64
N THR B 32 -16.75 24.09 54.34
CA THR B 32 -16.12 23.74 53.06
C THR B 32 -16.78 22.52 52.44
N GLY B 33 -16.95 22.54 51.12
CA GLY B 33 -17.57 21.43 50.38
C GLY B 33 -16.94 21.21 49.01
N GLN B 34 -17.53 20.28 48.25
CA GLN B 34 -16.99 19.85 46.95
C GLN B 34 -18.11 19.26 46.10
N ALA B 35 -18.28 19.73 44.87
CA ALA B 35 -19.30 19.18 43.97
C ALA B 35 -18.80 19.12 42.52
N ALA B 36 -19.17 18.05 41.83
CA ALA B 36 -18.80 17.86 40.44
C ALA B 36 -19.69 18.74 39.57
N ASP B 37 -19.19 19.18 38.40
CA ASP B 37 -20.02 19.89 37.42
C ASP B 37 -20.42 18.92 36.31
N LEU B 38 -21.71 18.75 36.09
CA LEU B 38 -22.21 17.69 35.20
C LEU B 38 -22.06 18.05 33.74
N LYS B 39 -22.48 19.25 33.38
CA LYS B 39 -22.53 19.69 32.01
C LYS B 39 -21.15 19.52 31.34
N SER B 40 -20.10 19.99 32.00
CA SER B 40 -18.77 19.94 31.43
C SER B 40 -18.19 18.52 31.45
N THR B 41 -18.32 17.81 32.57
CA THR B 41 -17.97 16.40 32.59
C THR B 41 -18.61 15.68 31.40
N GLN B 42 -19.89 15.95 31.17
CA GLN B 42 -20.62 15.31 30.07
C GLN B 42 -20.09 15.68 28.69
N ALA B 43 -19.69 16.95 28.53
CA ALA B 43 -19.18 17.44 27.25
C ALA B 43 -17.92 16.69 26.88
N ALA B 44 -17.01 16.53 27.84
CA ALA B 44 -15.76 15.80 27.60
C ALA B 44 -16.04 14.35 27.26
N ILE B 45 -16.81 13.67 28.11
CA ILE B 45 -17.14 12.27 27.88
C ILE B 45 -17.82 12.05 26.52
N ASP B 46 -18.76 12.92 26.16
CA ASP B 46 -19.43 12.79 24.88
C ASP B 46 -18.50 12.80 23.69
N GLN B 47 -17.56 13.75 23.69
CA GLN B 47 -16.59 13.91 22.60
C GLN B 47 -15.61 12.75 22.55
N ILE B 48 -15.12 12.33 23.72
CA ILE B 48 -14.27 11.16 23.79
C ILE B 48 -15.00 9.91 23.31
N ASN B 49 -16.25 9.71 23.74
CA ASN B 49 -17.01 8.57 23.18
C ASN B 49 -17.20 8.71 21.66
N GLY B 50 -17.47 9.93 21.21
CA GLY B 50 -17.51 10.22 19.80
C GLY B 50 -16.28 9.76 19.05
N LYS B 51 -15.09 10.15 19.55
CA LYS B 51 -13.80 9.76 18.97
C LYS B 51 -13.71 8.24 18.94
N LEU B 52 -13.96 7.67 20.11
CA LEU B 52 -13.81 6.25 20.29
C LEU B 52 -14.67 5.45 19.30
N ASN B 53 -15.95 5.78 19.21
CA ASN B 53 -16.90 5.03 18.38
C ASN B 53 -16.53 5.10 16.93
N ARG B 54 -15.86 6.18 16.60
CA ARG B 54 -15.50 6.41 15.25
C ARG B 54 -14.30 5.52 14.83
N VAL B 55 -13.49 5.11 15.81
CA VAL B 55 -12.30 4.30 15.59
C VAL B 55 -12.65 2.82 15.77
N ILE B 56 -13.55 2.51 16.68
CA ILE B 56 -14.09 1.15 16.88
C ILE B 56 -15.16 0.80 15.84
N GLU B 57 -15.40 1.73 14.92
CA GLU B 57 -16.37 1.53 13.85
C GLU B 57 -15.87 0.42 12.90
N LYS B 58 -16.78 -0.17 12.13
CA LYS B 58 -16.46 -1.42 11.38
C LYS B 58 -15.01 -1.55 10.81
N THR B 59 -14.38 -2.70 11.10
CA THR B 59 -13.29 -3.22 10.25
C THR B 59 -13.85 -3.63 8.86
N ASN B 60 -12.96 -4.04 7.96
CA ASN B 60 -13.39 -4.53 6.64
C ASN B 60 -13.23 -6.03 6.61
N GLU B 61 -14.11 -6.71 5.90
CA GLU B 61 -13.96 -8.15 5.82
C GLU B 61 -13.24 -8.59 4.55
N LYS B 62 -12.26 -9.47 4.71
CA LYS B 62 -11.57 -10.07 3.57
C LYS B 62 -11.68 -11.59 3.59
N PHE B 63 -11.82 -12.18 2.43
CA PHE B 63 -11.94 -13.62 2.33
C PHE B 63 -10.70 -14.22 1.71
N HIS B 64 -10.79 -14.75 0.49
CA HIS B 64 -9.61 -15.27 -0.18
C HIS B 64 -8.59 -14.18 -0.56
N GLN B 65 -7.38 -14.29 -0.05
CA GLN B 65 -6.34 -13.33 -0.33
C GLN B 65 -5.15 -14.09 -0.86
N ILE B 66 -3.97 -13.51 -0.74
CA ILE B 66 -2.77 -14.21 -1.13
C ILE B 66 -2.22 -15.08 0.00
N GLU B 67 -1.39 -16.04 -0.32
CA GLU B 67 -0.65 -16.76 0.71
C GLU B 67 0.41 -15.85 1.34
N LYS B 68 0.78 -16.13 2.57
CA LYS B 68 1.67 -15.22 3.29
C LYS B 68 2.83 -15.94 4.00
N GLU B 69 2.84 -17.27 3.89
CA GLU B 69 3.89 -18.11 4.43
C GLU B 69 4.17 -19.18 3.40
N PHE B 70 5.43 -19.60 3.34
CA PHE B 70 5.87 -20.48 2.25
C PHE B 70 6.83 -21.50 2.77
N SER B 71 6.69 -22.72 2.28
CA SER B 71 7.46 -23.83 2.79
C SER B 71 8.71 -24.13 1.93
N GLU B 72 8.77 -23.62 0.70
CA GLU B 72 9.95 -23.76 -0.17
C GLU B 72 10.45 -22.41 -0.60
N VAL B 73 11.73 -22.32 -0.95
CA VAL B 73 12.27 -21.14 -1.64
C VAL B 73 11.83 -21.17 -3.11
N GLU B 74 11.32 -20.04 -3.63
CA GLU B 74 10.82 -20.04 -5.02
C GLU B 74 11.37 -18.96 -5.93
N GLY B 75 11.77 -17.83 -5.36
CA GLY B 75 12.25 -16.72 -6.18
C GLY B 75 11.25 -15.60 -6.51
N ARG B 76 11.30 -15.13 -7.75
CA ARG B 76 10.70 -13.86 -8.20
C ARG B 76 9.29 -13.55 -7.67
N ILE B 77 8.39 -14.47 -7.89
CA ILE B 77 7.01 -14.33 -7.52
C ILE B 77 6.80 -14.37 -5.99
N GLN B 78 7.48 -15.27 -5.28
CA GLN B 78 7.39 -15.25 -3.84
C GLN B 78 7.96 -13.95 -3.23
N ASP B 79 9.05 -13.44 -3.83
CA ASP B 79 9.59 -12.14 -3.40
C ASP B 79 8.52 -11.10 -3.45
N LEU B 80 7.75 -11.14 -4.54
CA LEU B 80 6.68 -10.20 -4.80
C LEU B 80 5.59 -10.32 -3.77
N GLU B 81 5.13 -11.55 -3.54
CA GLU B 81 4.06 -11.79 -2.56
C GLU B 81 4.49 -11.30 -1.20
N LYS B 82 5.75 -11.56 -0.83
CA LYS B 82 6.26 -11.08 0.46
C LYS B 82 6.35 -9.58 0.52
N TYR B 83 6.84 -8.94 -0.55
CA TYR B 83 7.01 -7.48 -0.57
C TYR B 83 5.65 -6.77 -0.52
N VAL B 84 4.64 -7.33 -1.20
CA VAL B 84 3.35 -6.72 -1.18
C VAL B 84 2.80 -6.72 0.26
N GLU B 85 2.88 -7.86 0.95
CA GLU B 85 2.31 -7.93 2.29
C GLU B 85 3.14 -7.11 3.26
N ASP B 86 4.46 -7.13 3.08
CA ASP B 86 5.35 -6.36 3.94
C ASP B 86 5.09 -4.86 3.79
N THR B 87 4.94 -4.40 2.54
CA THR B 87 4.57 -3.00 2.28
C THR B 87 3.25 -2.59 2.91
N LYS B 88 2.22 -3.44 2.75
CA LYS B 88 0.89 -3.21 3.32
C LYS B 88 0.98 -3.06 4.84
N ILE B 89 1.59 -4.04 5.52
CA ILE B 89 1.75 -3.99 6.97
C ILE B 89 2.45 -2.71 7.43
N ASP B 90 3.51 -2.32 6.74
CA ASP B 90 4.23 -1.13 7.15
C ASP B 90 3.36 0.10 7.04
N LEU B 91 2.58 0.18 5.95
CA LEU B 91 1.68 1.31 5.76
C LEU B 91 0.59 1.36 6.83
N TRP B 92 -0.04 0.22 7.11
CA TRP B 92 -1.02 0.18 8.21
C TRP B 92 -0.43 0.54 9.55
N SER B 93 0.76 0.00 9.83
CA SER B 93 1.44 0.32 11.10
C SER B 93 1.69 1.82 11.23
N TYR B 94 2.11 2.45 10.12
CA TYR B 94 2.28 3.89 10.14
C TYR B 94 0.93 4.58 10.46
N ASN B 95 -0.13 4.12 9.79
CA ASN B 95 -1.47 4.64 10.05
C ASN B 95 -1.90 4.62 11.49
N ALA B 96 -1.74 3.45 12.11
CA ALA B 96 -2.13 3.26 13.50
C ALA B 96 -1.32 4.17 14.46
N GLU B 97 -0.03 4.32 14.18
CA GLU B 97 0.86 5.07 15.04
C GLU B 97 0.47 6.56 15.01
N LEU B 98 0.22 7.07 13.79
CA LEU B 98 -0.13 8.46 13.60
C LEU B 98 -1.51 8.72 14.18
N LEU B 99 -2.44 7.80 13.95
CA LEU B 99 -3.79 7.97 14.41
C LEU B 99 -3.85 8.17 15.93
N VAL B 100 -3.27 7.24 16.70
CA VAL B 100 -3.30 7.45 18.15
C VAL B 100 -2.54 8.70 18.56
N ALA B 101 -1.48 9.06 17.85
CA ALA B 101 -0.75 10.27 18.17
C ALA B 101 -1.64 11.51 18.02
N LEU B 102 -2.33 11.65 16.88
CA LEU B 102 -3.22 12.78 16.64
C LEU B 102 -4.37 12.78 17.62
N GLU B 103 -5.03 11.63 17.75
CA GLU B 103 -6.16 11.49 18.66
C GLU B 103 -5.79 11.92 20.07
N ASN B 104 -4.68 11.39 20.58
CA ASN B 104 -4.29 11.60 21.95
C ASN B 104 -3.90 13.03 22.26
N GLN B 105 -3.16 13.64 21.34
CA GLN B 105 -2.80 15.02 21.43
C GLN B 105 -4.09 15.82 21.52
N HIS B 106 -5.08 15.40 20.74
CA HIS B 106 -6.32 16.13 20.61
C HIS B 106 -7.19 15.91 21.86
N THR B 107 -7.22 14.67 22.36
CA THR B 107 -7.95 14.35 23.58
C THR B 107 -7.45 15.20 24.77
N ILE B 108 -6.14 15.33 24.91
CA ILE B 108 -5.55 16.17 25.95
C ILE B 108 -5.89 17.66 25.71
N ASP B 109 -5.83 18.13 24.47
CA ASP B 109 -6.29 19.51 24.24
C ASP B 109 -7.75 19.76 24.53
N LEU B 110 -8.64 18.82 24.17
CA LEU B 110 -10.04 19.12 24.41
C LEU B 110 -10.44 19.08 25.90
N THR B 111 -9.84 18.15 26.63
CA THR B 111 -10.10 18.09 28.05
C THR B 111 -9.52 19.33 28.73
N ASP B 112 -8.36 19.80 28.28
CA ASP B 112 -7.81 21.04 28.79
C ASP B 112 -8.77 22.19 28.45
N SER B 113 -9.27 22.16 27.22
CA SER B 113 -10.25 23.14 26.74
C SER B 113 -11.53 23.22 27.57
N GLU B 114 -12.10 22.07 27.92
CA GLU B 114 -13.33 22.01 28.68
C GLU B 114 -13.13 22.56 30.09
N MET B 115 -11.99 22.24 30.71
CA MET B 115 -11.66 22.80 32.02
C MET B 115 -11.66 24.32 31.93
N ASN B 116 -11.04 24.84 30.88
CA ASN B 116 -10.96 26.28 30.68
C ASN B 116 -12.33 26.89 30.37
N LYS B 117 -13.12 26.19 29.56
CA LYS B 117 -14.49 26.63 29.26
C LYS B 117 -15.28 26.83 30.55
N LEU B 118 -15.12 25.92 31.49
CA LEU B 118 -15.85 25.98 32.74
C LEU B 118 -15.36 27.16 33.56
N PHE B 119 -14.04 27.33 33.65
CA PHE B 119 -13.49 28.48 34.35
C PHE B 119 -14.04 29.81 33.80
N GLU B 120 -14.03 29.96 32.48
CA GLU B 120 -14.55 31.16 31.87
C GLU B 120 -16.05 31.35 32.14
N LYS B 121 -16.79 30.25 32.18
CA LYS B 121 -18.22 30.34 32.37
C LYS B 121 -18.53 30.87 33.78
N THR B 122 -17.79 30.35 34.76
CA THR B 122 -17.92 30.77 36.14
C THR B 122 -17.55 32.24 36.27
N ARG B 123 -16.36 32.60 35.75
CA ARG B 123 -15.84 33.98 35.74
C ARG B 123 -16.91 34.99 35.33
N ARG B 124 -17.61 34.65 34.26
CA ARG B 124 -18.57 35.54 33.63
C ARG B 124 -19.80 35.70 34.47
N GLN B 125 -20.24 34.61 35.08
CA GLN B 125 -21.39 34.64 35.97
C GLN B 125 -21.11 35.60 37.11
N LEU B 126 -19.93 35.47 37.71
CA LEU B 126 -19.57 36.21 38.91
C LEU B 126 -19.42 37.72 38.63
N ARG B 127 -19.33 38.07 37.34
CA ARG B 127 -19.21 39.47 36.92
C ARG B 127 -18.29 40.32 37.80
N GLU B 128 -18.83 41.34 38.45
CA GLU B 128 -17.99 42.26 39.16
C GLU B 128 -17.85 41.94 40.65
N ASN B 129 -18.25 40.75 41.06
CA ASN B 129 -18.34 40.41 42.47
C ASN B 129 -17.20 39.53 42.93
N ALA B 130 -16.31 39.17 42.01
CA ALA B 130 -15.23 38.25 42.34
C ALA B 130 -14.01 38.63 41.55
N GLU B 131 -12.85 38.23 42.04
CA GLU B 131 -11.61 38.44 41.32
C GLU B 131 -10.95 37.09 41.20
N GLU B 132 -10.15 36.90 40.16
CA GLU B 132 -9.43 35.65 40.04
C GLU B 132 -8.13 35.64 40.81
N MET B 133 -7.96 34.63 41.64
CA MET B 133 -6.72 34.52 42.39
C MET B 133 -5.60 33.94 41.55
N GLY B 134 -5.91 33.52 40.33
CA GLY B 134 -4.89 33.01 39.41
C GLY B 134 -4.41 31.56 39.56
N ASN B 135 -5.11 30.78 40.39
CA ASN B 135 -4.75 29.36 40.61
C ASN B 135 -5.93 28.45 40.42
N GLY B 136 -6.95 28.93 39.73
CA GLY B 136 -8.18 28.18 39.58
C GLY B 136 -9.29 28.76 40.45
N CYS B 137 -8.90 29.50 41.48
CA CYS B 137 -9.85 29.98 42.47
C CYS B 137 -10.29 31.41 42.28
N PHE B 138 -11.59 31.62 42.45
CA PHE B 138 -12.13 32.96 42.58
C PHE B 138 -12.23 33.34 44.04
N LYS B 139 -11.92 34.59 44.36
CA LYS B 139 -12.28 35.14 45.64
C LYS B 139 -13.56 35.93 45.45
N ILE B 140 -14.62 35.47 46.13
CA ILE B 140 -15.92 36.15 46.10
C ILE B 140 -15.97 37.18 47.23
N TYR B 141 -16.24 38.44 46.85
CA TYR B 141 -16.14 39.56 47.77
C TYR B 141 -17.46 39.89 48.49
N HIS B 142 -18.26 38.86 48.75
CA HIS B 142 -19.47 39.02 49.50
C HIS B 142 -19.74 37.77 50.32
N LYS B 143 -20.61 37.88 51.31
CA LYS B 143 -21.03 36.73 52.11
C LYS B 143 -21.80 35.80 51.18
N CYS B 144 -21.46 34.52 51.20
CA CYS B 144 -22.04 33.58 50.23
C CYS B 144 -22.23 32.17 50.79
N ASP B 145 -23.46 31.90 51.24
CA ASP B 145 -23.78 30.60 51.88
C ASP B 145 -23.85 29.45 50.88
N ASN B 146 -24.21 28.26 51.36
CA ASN B 146 -24.31 27.09 50.50
C ASN B 146 -25.35 27.23 49.40
N ALA B 147 -26.43 27.94 49.67
CA ALA B 147 -27.42 28.20 48.63
C ALA B 147 -26.82 29.05 47.53
N CYS B 148 -26.00 30.03 47.93
CA CYS B 148 -25.36 30.93 46.99
C CYS B 148 -24.33 30.19 46.12
N ILE B 149 -23.42 29.44 46.76
CA ILE B 149 -22.52 28.54 46.04
C ILE B 149 -23.25 27.71 44.99
N GLU B 150 -24.30 26.99 45.39
CA GLU B 150 -25.11 26.26 44.42
C GLU B 150 -25.70 27.13 43.29
N SER B 151 -26.03 28.38 43.57
CA SER B 151 -26.58 29.18 42.49
C SER B 151 -25.52 29.47 41.41
N ILE B 152 -24.24 29.46 41.82
CA ILE B 152 -23.12 29.60 40.88
C ILE B 152 -22.94 28.28 40.15
N ARG B 153 -22.86 27.20 40.92
CA ARG B 153 -22.69 25.85 40.37
C ARG B 153 -23.72 25.43 39.33
N ASN B 154 -24.95 25.94 39.44
CA ASN B 154 -25.98 25.62 38.46
C ASN B 154 -26.43 26.81 37.60
N GLY B 155 -25.61 27.85 37.53
CA GLY B 155 -25.83 28.93 36.56
C GLY B 155 -27.06 29.80 36.73
N THR B 156 -27.58 29.92 37.96
CA THR B 156 -28.73 30.82 38.24
C THR B 156 -28.32 32.07 39.04
N TYR B 157 -27.05 32.13 39.46
CA TYR B 157 -26.49 33.21 40.30
C TYR B 157 -26.80 34.63 39.78
N ASP B 158 -27.37 35.47 40.64
CA ASP B 158 -27.77 36.81 40.22
C ASP B 158 -26.78 37.86 40.72
N HIS B 159 -25.86 38.28 39.86
CA HIS B 159 -24.77 39.17 40.29
C HIS B 159 -25.32 40.45 40.91
N ASP B 160 -26.46 40.92 40.42
CA ASP B 160 -27.06 42.17 40.90
C ASP B 160 -27.35 42.14 42.40
N VAL B 161 -27.92 41.03 42.84
CA VAL B 161 -28.20 40.84 44.25
C VAL B 161 -27.01 41.22 45.12
N TYR B 162 -25.80 40.83 44.74
CA TYR B 162 -24.65 40.98 45.63
C TYR B 162 -23.70 42.11 45.24
N ARG B 163 -23.98 42.79 44.13
CA ARG B 163 -23.06 43.77 43.57
C ARG B 163 -22.58 44.84 44.58
N ASP B 164 -23.52 45.51 45.25
CA ASP B 164 -23.17 46.61 46.17
C ASP B 164 -22.26 46.13 47.29
N GLU B 165 -22.66 45.05 47.93
CA GLU B 165 -21.85 44.45 48.97
C GLU B 165 -20.44 44.17 48.45
N ALA B 166 -20.35 43.61 47.24
CA ALA B 166 -19.09 43.12 46.71
C ALA B 166 -18.18 44.26 46.30
N LEU B 167 -18.73 45.21 45.53
CA LEU B 167 -18.01 46.45 45.18
C LEU B 167 -17.43 47.16 46.41
N ASN B 168 -18.24 47.29 47.46
CA ASN B 168 -17.75 47.85 48.70
C ASN B 168 -16.52 47.13 49.24
N ASN B 169 -16.59 45.82 49.47
CA ASN B 169 -15.42 45.07 49.98
C ASN B 169 -14.24 45.05 49.03
N ARG B 170 -14.55 45.24 47.76
CA ARG B 170 -13.57 45.15 46.72
C ARG B 170 -12.78 46.46 46.60
N PHE B 171 -13.47 47.59 46.67
CA PHE B 171 -12.81 48.89 46.45
C PHE B 171 -12.61 49.79 47.69
N GLN B 172 -13.38 49.60 48.77
CA GLN B 172 -13.10 50.34 50.02
C GLN B 172 -11.70 50.08 50.53
N SER C 1 2.42 58.34 39.10
CA SER C 1 3.28 57.58 38.17
C SER C 1 2.81 56.13 37.91
N THR C 2 3.12 55.68 36.71
CA THR C 2 2.68 54.42 36.18
C THR C 2 3.87 53.73 35.51
N ALA C 3 3.68 52.48 35.08
CA ALA C 3 4.72 51.76 34.36
C ALA C 3 4.05 51.05 33.17
N THR C 4 4.84 50.59 32.21
CA THR C 4 4.30 49.86 31.06
C THR C 4 5.01 48.53 30.96
N LEU C 5 4.26 47.44 30.95
CA LEU C 5 4.87 46.14 30.73
C LEU C 5 4.34 45.54 29.44
N CYS C 6 5.23 45.27 28.48
CA CYS C 6 4.80 44.66 27.22
C CYS C 6 5.26 43.23 27.03
N LEU C 7 4.38 42.42 26.44
CA LEU C 7 4.71 41.03 26.18
C LEU C 7 4.95 40.81 24.70
N GLY C 8 5.86 39.90 24.39
CA GLY C 8 6.24 39.66 23.00
C GLY C 8 6.99 38.37 22.77
N HIS C 9 7.38 38.19 21.51
CA HIS C 9 8.05 36.98 21.06
C HIS C 9 9.09 37.36 20.00
N HIS C 10 10.13 36.53 19.82
CA HIS C 10 11.19 36.90 18.90
C HIS C 10 10.80 36.81 17.44
N ALA C 11 11.66 37.37 16.59
CA ALA C 11 11.58 37.23 15.15
C ALA C 11 13.04 37.14 14.65
N VAL C 12 13.25 36.64 13.45
CA VAL C 12 14.58 36.56 12.87
C VAL C 12 14.52 37.21 11.49
N PRO C 13 15.67 37.58 10.92
CA PRO C 13 15.59 38.23 9.60
C PRO C 13 15.52 37.20 8.45
N ASN C 14 16.13 36.03 8.66
CA ASN C 14 16.13 34.92 7.70
C ASN C 14 15.04 33.88 8.02
N GLY C 15 13.77 34.17 7.71
CA GLY C 15 12.73 33.12 7.89
C GLY C 15 12.88 31.91 6.96
N THR C 16 12.15 30.82 7.24
CA THR C 16 12.00 29.74 6.27
C THR C 16 10.54 29.55 5.89
N LEU C 17 10.28 29.32 4.60
CA LEU C 17 8.92 29.05 4.18
C LEU C 17 8.56 27.58 4.45
N VAL C 18 7.36 27.35 4.98
CA VAL C 18 6.94 25.99 5.29
C VAL C 18 5.50 25.77 4.83
N LYS C 19 5.07 24.50 4.83
CA LYS C 19 3.70 24.20 4.39
C LYS C 19 2.83 23.82 5.58
N THR C 20 1.60 24.30 5.59
CA THR C 20 0.62 23.88 6.58
C THR C 20 -0.64 23.30 5.93
N ILE C 21 -1.66 23.04 6.76
CA ILE C 21 -2.94 22.56 6.28
C ILE C 21 -3.64 23.69 5.50
N THR C 22 -3.46 24.93 5.96
CA THR C 22 -4.18 26.06 5.36
C THR C 22 -3.35 26.89 4.38
N ASP C 23 -2.01 26.74 4.41
CA ASP C 23 -1.11 27.57 3.58
C ASP C 23 -0.14 26.79 2.72
N ASP C 24 -0.02 27.17 1.46
CA ASP C 24 1.00 26.59 0.61
C ASP C 24 2.42 27.02 1.06
N GLN C 25 2.57 28.26 1.55
CA GLN C 25 3.87 28.79 1.92
C GLN C 25 3.66 29.79 3.02
N ILE C 26 4.28 29.56 4.17
CA ILE C 26 4.14 30.47 5.31
C ILE C 26 5.44 30.47 6.09
N GLU C 27 5.85 31.67 6.51
CA GLU C 27 7.18 31.86 7.03
C GLU C 27 7.30 31.62 8.53
N VAL C 28 8.11 30.65 8.92
CA VAL C 28 8.41 30.40 10.32
C VAL C 28 9.83 30.82 10.65
N THR C 29 10.17 30.83 11.93
CA THR C 29 11.49 31.32 12.36
C THR C 29 12.61 30.38 11.96
N ASN C 30 12.29 29.09 11.80
CA ASN C 30 13.29 28.03 11.68
C ASN C 30 12.63 26.72 11.27
N ALA C 31 13.37 25.89 10.54
CA ALA C 31 12.84 24.61 10.08
C ALA C 31 13.95 23.61 9.82
N THR C 32 13.62 22.32 9.81
CA THR C 32 14.58 21.33 9.39
C THR C 32 14.11 20.49 8.21
N GLU C 33 15.07 20.01 7.41
CA GLU C 33 14.77 19.22 6.24
C GLU C 33 14.53 17.78 6.60
N LEU C 34 13.55 17.15 5.96
CA LEU C 34 13.12 15.79 6.29
C LEU C 34 13.38 14.83 5.16
N VAL C 35 13.79 15.35 4.01
CA VAL C 35 14.13 14.53 2.85
C VAL C 35 15.62 14.56 2.55
N GLN C 36 16.27 13.42 2.70
CA GLN C 36 17.66 13.22 2.34
C GLN C 36 17.78 13.19 0.83
N SER C 37 18.52 14.14 0.24
CA SER C 37 18.58 14.16 -1.22
C SER C 37 19.97 14.17 -1.84
N SER C 38 20.98 13.82 -1.07
CA SER C 38 22.34 13.80 -1.60
C SER C 38 23.07 12.57 -1.12
N SER C 39 24.01 12.10 -1.92
CA SER C 39 24.89 10.99 -1.54
C SER C 39 26.33 11.41 -1.62
N THR C 40 27.17 10.78 -0.81
CA THR C 40 28.63 10.91 -0.95
C THR C 40 29.07 10.37 -2.32
N GLY C 41 28.31 9.43 -2.88
CA GLY C 41 28.63 8.86 -4.19
C GLY C 41 29.34 7.52 -4.09
N LYS C 42 29.54 7.05 -2.85
CA LYS C 42 30.38 5.90 -2.59
C LYS C 42 29.69 4.96 -1.64
N ILE C 43 29.94 3.67 -1.78
CA ILE C 43 29.32 2.69 -0.91
C ILE C 43 30.27 2.39 0.24
N CYS C 44 29.89 2.76 1.46
CA CYS C 44 30.67 2.46 2.66
C CYS C 44 30.77 0.96 2.89
N ASN C 45 31.97 0.52 3.21
CA ASN C 45 32.24 -0.91 3.36
C ASN C 45 31.97 -1.41 4.76
N ASN C 46 31.46 -0.51 5.61
CA ASN C 46 30.89 -0.93 6.90
C ASN C 46 29.53 -0.31 7.17
N PRO C 47 28.69 -0.96 8.00
CA PRO C 47 28.90 -2.23 8.67
C PRO C 47 28.41 -3.45 7.92
N HIS C 48 28.18 -3.34 6.63
CA HIS C 48 27.67 -4.52 5.95
C HIS C 48 28.83 -5.17 5.24
N ARG C 49 28.83 -6.49 5.15
CA ARG C 49 29.81 -7.15 4.33
C ARG C 49 29.52 -6.89 2.86
N ILE C 50 30.26 -5.96 2.25
CA ILE C 50 30.11 -5.71 0.82
C ILE C 50 31.00 -6.63 0.00
N LEU C 51 30.50 -7.18 -1.10
CA LEU C 51 31.34 -8.00 -1.97
C LEU C 51 31.23 -7.51 -3.41
N ASP C 52 32.29 -6.88 -3.90
CA ASP C 52 32.30 -6.28 -5.22
C ASP C 52 32.50 -7.36 -6.25
N GLY C 53 31.54 -7.52 -7.15
CA GLY C 53 31.61 -8.61 -8.13
C GLY C 53 32.57 -8.33 -9.27
N ILE C 54 33.10 -7.09 -9.33
CA ILE C 54 33.98 -6.63 -10.42
C ILE C 54 33.41 -7.08 -11.76
N ASP C 55 34.10 -7.96 -12.48
CA ASP C 55 33.68 -8.33 -13.85
C ASP C 55 32.71 -9.47 -13.86
N CYS C 56 32.38 -9.99 -12.69
CA CYS C 56 31.48 -11.14 -12.61
C CYS C 56 30.04 -10.83 -12.18
N THR C 57 29.07 -11.51 -12.78
CA THR C 57 27.71 -11.52 -12.21
C THR C 57 27.62 -12.65 -11.22
N LEU C 58 26.68 -12.56 -10.29
CA LEU C 58 26.48 -13.60 -9.30
C LEU C 58 26.27 -14.97 -9.95
N ILE C 59 25.50 -15.03 -11.03
CA ILE C 59 25.26 -16.32 -11.68
C ILE C 59 26.56 -16.91 -12.22
N ASP C 60 27.36 -16.08 -12.89
CA ASP C 60 28.65 -16.52 -13.41
C ASP C 60 29.57 -16.98 -12.27
N ALA C 61 29.54 -16.29 -11.14
CA ALA C 61 30.32 -16.72 -9.98
C ALA C 61 29.80 -18.04 -9.47
N LEU C 62 28.48 -18.22 -9.53
CA LEU C 62 27.86 -19.42 -8.99
C LEU C 62 28.29 -20.62 -9.83
N LEU C 63 28.03 -20.52 -11.13
CA LEU C 63 28.36 -21.55 -12.11
C LEU C 63 29.85 -21.88 -12.12
N GLY C 64 30.69 -20.86 -11.96
CA GLY C 64 32.15 -21.03 -12.01
C GLY C 64 32.77 -20.78 -13.37
N ASP C 65 32.40 -19.68 -13.99
CA ASP C 65 33.08 -19.13 -15.13
C ASP C 65 34.52 -18.91 -14.65
N PRO C 66 35.54 -19.43 -15.38
CA PRO C 66 36.95 -19.32 -15.00
C PRO C 66 37.33 -17.97 -14.40
N HIS C 67 37.14 -16.88 -15.14
CA HIS C 67 37.56 -15.56 -14.66
C HIS C 67 36.86 -15.14 -13.36
N CYS C 68 35.91 -15.96 -12.92
CA CYS C 68 35.15 -15.71 -11.71
C CYS C 68 35.52 -16.71 -10.63
N ASP C 69 36.66 -17.34 -10.78
CA ASP C 69 37.08 -18.36 -9.83
C ASP C 69 37.42 -17.78 -8.47
N VAL C 70 37.94 -16.55 -8.47
CA VAL C 70 38.11 -15.81 -7.23
C VAL C 70 36.93 -16.00 -6.26
N PHE C 71 35.70 -16.04 -6.80
CA PHE C 71 34.50 -15.95 -5.95
C PHE C 71 34.06 -17.25 -5.29
N GLN C 72 34.77 -18.34 -5.52
CA GLN C 72 34.39 -19.62 -4.93
C GLN C 72 34.28 -19.51 -3.42
N ASN C 73 33.22 -20.08 -2.88
CA ASN C 73 32.93 -20.07 -1.43
C ASN C 73 32.72 -18.73 -0.79
N GLU C 74 32.65 -17.66 -1.59
CA GLU C 74 32.44 -16.34 -1.02
C GLU C 74 31.13 -16.15 -0.26
N THR C 75 31.06 -15.02 0.42
CA THR C 75 29.95 -14.71 1.30
C THR C 75 29.77 -13.22 1.23
N TRP C 76 28.54 -12.76 1.34
CA TRP C 76 28.26 -11.34 1.24
C TRP C 76 27.08 -11.02 2.11
N ASP C 77 27.00 -9.77 2.53
CA ASP C 77 25.75 -9.18 2.98
C ASP C 77 25.04 -8.58 1.78
N LEU C 78 25.81 -7.86 0.96
CA LEU C 78 25.30 -7.27 -0.22
C LEU C 78 26.29 -7.47 -1.36
N PHE C 79 25.92 -8.30 -2.32
CA PHE C 79 26.70 -8.49 -3.53
C PHE C 79 26.42 -7.34 -4.48
N VAL C 80 27.46 -6.65 -4.94
CA VAL C 80 27.32 -5.51 -5.85
C VAL C 80 27.68 -5.93 -7.27
N GLU C 81 26.71 -6.01 -8.18
CA GLU C 81 26.97 -6.30 -9.60
C GLU C 81 27.31 -5.07 -10.43
N ARG C 82 28.43 -5.10 -11.16
CA ARG C 82 28.85 -3.95 -11.96
C ARG C 82 28.38 -4.08 -13.40
N SER C 83 28.21 -2.97 -14.09
CA SER C 83 27.74 -3.04 -15.48
C SER C 83 28.81 -3.55 -16.41
N LYS C 84 30.06 -3.49 -15.97
CA LYS C 84 31.16 -3.90 -16.83
C LYS C 84 31.34 -5.42 -16.84
N ALA C 85 30.52 -6.13 -16.08
CA ALA C 85 30.60 -7.59 -16.02
C ALA C 85 30.37 -8.22 -17.39
N PHE C 86 31.04 -9.34 -17.64
CA PHE C 86 30.91 -10.05 -18.91
C PHE C 86 30.98 -11.54 -18.60
N SER C 87 30.35 -12.33 -19.45
CA SER C 87 30.40 -13.78 -19.36
C SER C 87 31.46 -14.30 -20.33
N ASN C 88 32.23 -15.31 -19.89
CA ASN C 88 33.32 -15.75 -20.77
C ASN C 88 33.56 -17.25 -20.87
N CYS C 89 32.51 -18.03 -20.67
CA CYS C 89 32.63 -19.47 -20.75
C CYS C 89 31.60 -19.95 -21.77
N TYR C 90 31.22 -21.23 -21.72
CA TYR C 90 30.22 -21.77 -22.66
C TYR C 90 28.94 -20.92 -22.62
N PRO C 91 28.33 -20.64 -23.80
CA PRO C 91 27.08 -19.86 -23.86
C PRO C 91 25.87 -20.55 -23.24
N TYR C 92 25.15 -19.83 -22.38
CA TYR C 92 24.05 -20.43 -21.61
C TYR C 92 22.89 -19.48 -21.43
N ASP C 93 21.71 -20.03 -21.16
CA ASP C 93 20.61 -19.22 -20.63
C ASP C 93 20.09 -19.92 -19.40
N VAL C 94 19.58 -19.14 -18.46
CA VAL C 94 18.88 -19.71 -17.32
C VAL C 94 17.41 -19.37 -17.47
N PRO C 95 16.59 -20.35 -17.93
CA PRO C 95 15.15 -20.15 -17.83
C PRO C 95 14.87 -19.71 -16.39
N ASP C 96 14.12 -18.63 -16.22
CA ASP C 96 13.85 -18.06 -14.91
C ASP C 96 15.10 -17.54 -14.19
N TYR C 97 15.93 -16.82 -14.94
CA TYR C 97 17.18 -16.28 -14.45
C TYR C 97 17.00 -15.41 -13.20
N ALA C 98 16.09 -14.43 -13.27
CA ALA C 98 15.78 -13.55 -12.15
C ALA C 98 15.63 -14.31 -10.84
N SER C 99 15.00 -15.48 -10.91
CA SER C 99 14.69 -16.25 -9.71
C SER C 99 15.92 -16.88 -9.08
N LEU C 100 16.74 -17.51 -9.89
CA LEU C 100 17.98 -18.07 -9.42
C LEU C 100 18.88 -16.97 -8.86
N ARG C 101 19.04 -15.89 -9.60
CA ARG C 101 19.79 -14.74 -9.08
C ARG C 101 19.25 -14.31 -7.73
N SER C 102 17.93 -14.29 -7.56
CA SER C 102 17.36 -13.77 -6.34
C SER C 102 17.60 -14.72 -5.17
N LEU C 103 17.39 -16.00 -5.40
CA LEU C 103 17.46 -16.95 -4.32
C LEU C 103 18.90 -17.17 -3.81
N VAL C 104 19.88 -17.20 -4.72
CA VAL C 104 21.28 -17.25 -4.31
C VAL C 104 21.66 -15.94 -3.60
N ALA C 105 21.23 -14.80 -4.14
CA ALA C 105 21.54 -13.50 -3.53
C ALA C 105 21.06 -13.43 -2.08
N SER C 106 19.87 -13.97 -1.84
CA SER C 106 19.28 -13.95 -0.52
C SER C 106 19.91 -14.96 0.43
N SER C 107 20.39 -16.07 -0.11
CA SER C 107 21.18 -17.05 0.64
C SER C 107 22.51 -16.44 1.13
N GLY C 108 23.15 -15.63 0.29
CA GLY C 108 24.29 -14.84 0.72
C GLY C 108 25.62 -15.55 0.81
N THR C 109 25.69 -16.74 0.22
CA THR C 109 26.88 -17.57 0.27
C THR C 109 27.00 -18.41 -0.99
N LEU C 110 28.23 -18.61 -1.49
CA LEU C 110 28.49 -19.54 -2.62
C LEU C 110 29.19 -20.80 -2.16
N GLU C 111 29.30 -20.94 -0.86
CA GLU C 111 29.87 -22.13 -0.25
C GLU C 111 29.43 -23.36 -1.03
N PHE C 112 30.41 -24.00 -1.69
CA PHE C 112 30.15 -25.21 -2.48
C PHE C 112 30.79 -26.45 -1.87
N ILE C 113 30.07 -27.57 -1.87
CA ILE C 113 30.56 -28.81 -1.29
C ILE C 113 30.50 -29.94 -2.30
N THR C 114 31.68 -30.45 -2.70
CA THR C 114 31.73 -31.55 -3.68
C THR C 114 31.19 -32.85 -3.09
N GLU C 115 30.48 -33.64 -3.89
CA GLU C 115 29.95 -34.92 -3.45
C GLU C 115 30.41 -36.00 -4.42
N GLY C 116 30.39 -37.27 -3.99
CA GLY C 116 30.89 -38.37 -4.81
C GLY C 116 29.88 -39.00 -5.74
N PHE C 117 29.42 -38.21 -6.72
CA PHE C 117 28.56 -38.77 -7.77
C PHE C 117 29.39 -39.76 -8.56
N THR C 118 28.84 -40.93 -8.86
CA THR C 118 29.54 -41.84 -9.78
C THR C 118 28.77 -41.96 -11.10
N TRP C 119 29.46 -41.63 -12.18
CA TRP C 119 28.88 -41.65 -13.50
C TRP C 119 29.41 -42.85 -14.29
N THR C 120 28.78 -44.00 -14.04
CA THR C 120 29.16 -45.28 -14.66
C THR C 120 28.95 -45.26 -16.18
N GLY C 121 30.05 -45.22 -16.91
CA GLY C 121 30.02 -45.48 -18.34
C GLY C 121 30.04 -44.28 -19.25
N VAL C 122 30.53 -43.15 -18.74
CA VAL C 122 30.58 -41.89 -19.51
C VAL C 122 31.86 -41.12 -19.18
N THR C 123 32.42 -40.46 -20.19
CA THR C 123 33.57 -39.60 -19.97
C THR C 123 33.13 -38.35 -19.20
N GLN C 124 33.91 -37.97 -18.21
CA GLN C 124 33.66 -36.76 -17.42
C GLN C 124 34.53 -35.59 -17.88
N ASN C 125 34.38 -34.48 -17.17
CA ASN C 125 35.15 -33.26 -17.38
C ASN C 125 35.28 -32.78 -18.80
N GLY C 126 34.20 -32.87 -19.59
CA GLY C 126 34.21 -32.25 -20.90
C GLY C 126 34.62 -30.79 -20.74
N GLY C 127 35.28 -30.22 -21.75
CA GLY C 127 35.61 -28.79 -21.74
C GLY C 127 35.49 -28.20 -23.14
N SER C 128 35.65 -26.88 -23.27
CA SER C 128 35.50 -26.23 -24.56
C SER C 128 36.40 -25.03 -24.70
N ASN C 129 36.70 -24.69 -25.95
CA ASN C 129 37.54 -23.54 -26.25
C ASN C 129 36.82 -22.22 -26.06
N ALA C 130 35.52 -22.33 -25.80
CA ALA C 130 34.71 -21.19 -25.49
C ALA C 130 34.94 -20.80 -24.02
N CYS C 131 35.41 -21.77 -23.24
CA CYS C 131 35.64 -21.60 -21.83
C CYS C 131 37.04 -22.04 -21.49
N LYS C 132 38.01 -21.14 -21.71
CA LYS C 132 39.39 -21.52 -21.39
C LYS C 132 39.71 -21.29 -19.92
N ARG C 133 40.11 -22.35 -19.24
CA ARG C 133 40.80 -22.21 -17.97
C ARG C 133 42.28 -22.39 -18.27
N GLY C 134 43.09 -21.38 -17.95
CA GLY C 134 44.48 -21.37 -18.36
C GLY C 134 44.58 -21.36 -19.88
N PRO C 135 45.54 -22.15 -20.45
CA PRO C 135 45.80 -22.11 -21.89
C PRO C 135 44.90 -23.02 -22.75
N GLY C 136 44.64 -24.26 -22.28
CA GLY C 136 43.74 -25.19 -22.97
C GLY C 136 42.29 -25.12 -22.54
N SER C 137 41.47 -25.95 -23.16
CA SER C 137 40.01 -25.97 -22.99
C SER C 137 39.55 -26.18 -21.54
N GLY C 138 38.37 -25.67 -21.18
CA GLY C 138 37.81 -25.79 -19.80
C GLY C 138 36.29 -25.72 -19.71
N PHE C 139 35.76 -25.56 -18.51
CA PHE C 139 34.31 -25.52 -18.26
C PHE C 139 33.98 -24.84 -16.94
N PHE C 140 32.69 -24.66 -16.68
CA PHE C 140 32.20 -24.16 -15.40
C PHE C 140 32.73 -25.03 -14.30
N SER C 141 33.45 -24.42 -13.37
CA SER C 141 34.06 -25.17 -12.28
C SER C 141 33.11 -26.04 -11.46
N ARG C 142 31.82 -25.69 -11.43
CA ARG C 142 30.86 -26.42 -10.57
C ARG C 142 29.95 -27.34 -11.35
N LEU C 143 30.17 -27.40 -12.66
CA LEU C 143 29.43 -28.31 -13.51
C LEU C 143 30.36 -29.30 -14.18
N ASN C 144 29.81 -30.46 -14.50
CA ASN C 144 30.58 -31.58 -15.01
C ASN C 144 30.00 -32.05 -16.32
N TRP C 145 30.70 -31.78 -17.41
CA TRP C 145 30.14 -32.10 -18.72
C TRP C 145 30.36 -33.57 -19.12
N LEU C 146 29.29 -34.36 -19.09
CA LEU C 146 29.33 -35.79 -19.46
C LEU C 146 29.11 -36.08 -20.95
N THR C 147 29.93 -36.96 -21.49
CA THR C 147 29.83 -37.41 -22.89
C THR C 147 30.01 -38.93 -22.98
N LYS C 148 29.86 -39.47 -24.20
CA LYS C 148 29.99 -40.92 -24.48
C LYS C 148 31.32 -41.48 -24.01
N SER C 149 31.28 -42.75 -23.60
CA SER C 149 32.49 -43.48 -23.23
C SER C 149 32.50 -44.84 -23.93
N GLY C 150 33.29 -44.91 -25.01
CA GLY C 150 33.45 -46.15 -25.77
C GLY C 150 32.18 -46.44 -26.61
N SER C 151 31.79 -45.39 -27.37
CA SER C 151 30.65 -45.50 -28.34
C SER C 151 29.24 -45.80 -27.77
N THR C 152 29.12 -45.94 -26.45
CA THR C 152 27.78 -45.98 -25.82
C THR C 152 27.62 -44.89 -24.78
N TYR C 153 26.37 -44.47 -24.57
CA TYR C 153 25.99 -43.60 -23.48
C TYR C 153 24.75 -44.23 -22.91
N PRO C 154 24.89 -44.91 -21.76
CA PRO C 154 23.82 -45.68 -21.10
C PRO C 154 22.88 -44.78 -20.32
N VAL C 155 21.69 -45.26 -19.97
CA VAL C 155 20.79 -44.44 -19.14
C VAL C 155 21.39 -44.25 -17.76
N LEU C 156 22.10 -43.13 -17.59
CA LEU C 156 22.59 -42.67 -16.29
C LEU C 156 21.45 -42.60 -15.30
N ASN C 157 21.70 -43.05 -14.09
CA ASN C 157 20.64 -43.09 -13.11
C ASN C 157 21.19 -43.09 -11.70
N VAL C 158 21.77 -41.96 -11.32
CA VAL C 158 22.41 -41.79 -10.02
C VAL C 158 21.49 -41.14 -8.98
N THR C 159 21.86 -41.33 -7.72
CA THR C 159 21.03 -40.95 -6.58
C THR C 159 21.93 -40.21 -5.61
N MET C 160 21.35 -39.51 -4.62
CA MET C 160 22.17 -38.79 -3.62
C MET C 160 21.30 -38.20 -2.51
N PRO C 161 21.28 -38.86 -1.33
CA PRO C 161 20.32 -38.40 -0.33
C PRO C 161 20.81 -37.19 0.43
N ASN C 162 19.88 -36.40 0.96
CA ASN C 162 20.25 -35.35 1.87
C ASN C 162 20.06 -35.91 3.27
N ASN C 163 21.16 -36.05 3.99
CA ASN C 163 21.08 -36.55 5.36
C ASN C 163 21.45 -35.52 6.39
N ASP C 164 21.74 -34.29 5.95
CA ASP C 164 22.08 -33.20 6.85
C ASP C 164 20.83 -32.49 7.30
N ASN C 165 20.99 -31.60 8.26
CA ASN C 165 19.86 -30.89 8.84
C ASN C 165 19.65 -29.52 8.18
N PHE C 166 19.96 -29.42 6.88
CA PHE C 166 19.89 -28.16 6.11
C PHE C 166 19.63 -28.39 4.63
N ASP C 167 19.15 -27.36 3.95
CA ASP C 167 18.75 -27.47 2.55
C ASP C 167 19.95 -27.45 1.62
N LYS C 168 19.91 -28.31 0.61
CA LYS C 168 20.95 -28.37 -0.41
C LYS C 168 20.49 -27.74 -1.72
N LEU C 169 21.33 -26.91 -2.31
CA LEU C 169 21.02 -26.36 -3.62
C LEU C 169 21.88 -27.00 -4.74
N TYR C 170 21.22 -27.75 -5.63
CA TYR C 170 21.89 -28.32 -6.78
C TYR C 170 21.69 -27.50 -8.05
N ILE C 171 22.80 -27.05 -8.66
CA ILE C 171 22.76 -26.43 -9.99
C ILE C 171 23.18 -27.42 -11.08
N TRP C 172 22.28 -27.72 -12.01
CA TRP C 172 22.56 -28.62 -13.10
C TRP C 172 22.14 -28.02 -14.43
N GLY C 173 22.21 -28.79 -15.52
CA GLY C 173 21.98 -28.22 -16.84
C GLY C 173 21.75 -29.24 -17.92
N ILE C 174 21.54 -28.76 -19.14
CA ILE C 174 21.33 -29.65 -20.27
C ILE C 174 21.92 -29.00 -21.49
N HIS C 175 22.42 -29.80 -22.43
CA HIS C 175 23.15 -29.28 -23.57
C HIS C 175 22.32 -29.34 -24.87
N HIS C 176 22.20 -28.20 -25.55
CA HIS C 176 21.47 -28.11 -26.81
C HIS C 176 22.48 -28.04 -27.94
N PRO C 177 22.74 -29.17 -28.64
CA PRO C 177 23.67 -29.18 -29.76
C PRO C 177 23.12 -28.45 -30.97
N SER C 178 23.99 -27.87 -31.77
CA SER C 178 23.53 -27.16 -32.96
C SER C 178 23.07 -28.07 -34.11
N THR C 179 23.80 -29.18 -34.34
CA THR C 179 23.51 -30.07 -35.46
C THR C 179 23.18 -31.47 -34.99
N ASN C 180 22.44 -32.22 -35.81
CA ASN C 180 22.16 -33.65 -35.50
C ASN C 180 23.44 -34.49 -35.36
N GLN C 181 24.44 -34.15 -36.15
CA GLN C 181 25.73 -34.80 -36.06
C GLN C 181 26.28 -34.60 -34.66
N GLU C 182 26.38 -33.35 -34.21
CA GLU C 182 26.96 -33.02 -32.91
C GLU C 182 26.26 -33.76 -31.76
N GLN C 183 24.95 -33.97 -31.88
CA GLN C 183 24.19 -34.72 -30.89
C GLN C 183 24.72 -36.13 -30.72
N THR C 184 24.90 -36.82 -31.84
CA THR C 184 25.24 -38.25 -31.84
C THR C 184 26.70 -38.48 -31.51
N SER C 185 27.59 -37.67 -32.11
CA SER C 185 29.04 -37.67 -31.75
C SER C 185 29.28 -37.61 -30.25
N LEU C 186 28.42 -36.88 -29.54
CA LEU C 186 28.65 -36.62 -28.12
C LEU C 186 27.88 -37.57 -27.21
N TYR C 187 26.65 -37.90 -27.57
CA TYR C 187 25.77 -38.60 -26.63
C TYR C 187 25.19 -39.88 -27.21
N VAL C 188 25.50 -40.14 -28.49
CA VAL C 188 25.11 -41.40 -29.16
C VAL C 188 23.61 -41.43 -29.48
N GLN C 189 22.76 -41.30 -28.47
CA GLN C 189 21.31 -41.19 -28.69
C GLN C 189 20.98 -40.04 -29.64
N ALA C 190 20.03 -40.26 -30.55
CA ALA C 190 19.65 -39.22 -31.51
C ALA C 190 18.92 -38.08 -30.80
N SER C 191 18.35 -38.41 -29.64
CA SER C 191 17.52 -37.49 -28.89
C SER C 191 17.68 -37.85 -27.41
N GLY C 192 18.10 -36.86 -26.61
CA GLY C 192 18.41 -37.06 -25.19
C GLY C 192 17.35 -36.58 -24.23
N ARG C 193 17.67 -36.57 -22.93
CA ARG C 193 16.67 -36.29 -21.88
C ARG C 193 17.33 -36.18 -20.52
N VAL C 194 16.91 -35.20 -19.72
CA VAL C 194 17.33 -35.14 -18.32
C VAL C 194 16.09 -35.07 -17.43
N THR C 195 16.06 -35.88 -16.38
CA THR C 195 14.98 -35.82 -15.41
C THR C 195 15.59 -35.80 -14.02
N VAL C 196 15.30 -34.75 -13.28
CA VAL C 196 15.84 -34.57 -11.95
C VAL C 196 14.64 -34.48 -11.02
N SER C 197 14.68 -35.23 -9.93
CA SER C 197 13.52 -35.32 -9.02
C SER C 197 13.86 -35.51 -7.57
N THR C 198 12.86 -35.24 -6.74
CA THR C 198 12.91 -35.53 -5.32
C THR C 198 11.53 -36.11 -5.03
N ARG C 199 11.23 -36.37 -3.77
CA ARG C 199 9.88 -36.78 -3.45
C ARG C 199 8.89 -35.65 -3.77
N ARG C 200 9.29 -34.40 -3.53
CA ARG C 200 8.43 -33.25 -3.81
C ARG C 200 8.30 -32.99 -5.31
N SER C 201 9.44 -32.62 -5.94
CA SER C 201 9.40 -32.11 -7.33
C SER C 201 9.88 -33.12 -8.37
N GLN C 202 9.69 -32.76 -9.63
CA GLN C 202 10.35 -33.40 -10.74
C GLN C 202 10.48 -32.40 -11.91
N GLN C 203 11.58 -32.46 -12.67
CA GLN C 203 11.75 -31.66 -13.87
C GLN C 203 12.29 -32.54 -14.99
N THR C 204 11.63 -32.55 -16.14
CA THR C 204 12.18 -33.20 -17.33
C THR C 204 12.43 -32.14 -18.39
N ILE C 205 13.65 -32.10 -18.92
CA ILE C 205 13.95 -31.18 -20.00
C ILE C 205 14.44 -31.99 -21.20
N ILE C 206 13.90 -31.69 -22.37
CA ILE C 206 14.30 -32.38 -23.56
C ILE C 206 15.08 -31.42 -24.45
N PRO C 207 16.35 -31.76 -24.76
CA PRO C 207 17.19 -30.89 -25.55
C PRO C 207 16.56 -30.57 -26.87
N ASN C 208 16.90 -29.41 -27.41
CA ASN C 208 16.35 -29.00 -28.69
C ASN C 208 17.46 -28.60 -29.65
N ILE C 209 17.57 -29.34 -30.75
CA ILE C 209 18.72 -29.18 -31.63
C ILE C 209 18.51 -28.04 -32.62
N GLY C 210 19.53 -27.19 -32.78
CA GLY C 210 19.50 -26.19 -33.83
C GLY C 210 20.52 -25.13 -33.61
N SER C 211 20.68 -24.25 -34.59
CA SER C 211 21.68 -23.20 -34.48
C SER C 211 21.14 -21.96 -33.79
N ARG C 212 21.99 -21.39 -32.95
CA ARG C 212 21.75 -20.11 -32.32
C ARG C 212 22.89 -19.17 -32.72
N PRO C 213 22.73 -17.86 -32.49
CA PRO C 213 23.81 -16.95 -32.89
C PRO C 213 25.18 -17.40 -32.37
N TRP C 214 26.22 -17.09 -33.14
CA TRP C 214 27.59 -17.41 -32.79
C TRP C 214 28.02 -16.72 -31.50
N VAL C 215 28.37 -17.50 -30.48
CA VAL C 215 29.04 -16.90 -29.33
C VAL C 215 30.28 -17.69 -29.00
N ARG C 216 31.43 -17.00 -29.02
CA ARG C 216 32.75 -17.58 -28.73
C ARG C 216 33.00 -18.87 -29.49
N GLY C 217 32.61 -18.90 -30.75
CA GLY C 217 32.79 -20.06 -31.59
C GLY C 217 31.62 -21.02 -31.61
N LEU C 218 30.69 -20.89 -30.67
CA LEU C 218 29.62 -21.86 -30.57
C LEU C 218 28.30 -21.40 -31.18
N SER C 219 27.59 -22.37 -31.75
CA SER C 219 26.23 -22.14 -32.23
C SER C 219 25.30 -22.88 -31.31
N SER C 220 25.86 -23.74 -30.44
CA SER C 220 25.08 -24.47 -29.45
C SER C 220 24.93 -23.70 -28.12
N ARG C 221 24.26 -24.30 -27.15
CA ARG C 221 23.98 -23.65 -25.85
C ARG C 221 23.73 -24.65 -24.74
N ILE C 222 23.97 -24.21 -23.51
CA ILE C 222 23.59 -24.94 -22.30
C ILE C 222 22.49 -24.18 -21.55
N SER C 223 21.53 -24.91 -21.00
CA SER C 223 20.43 -24.31 -20.25
C SER C 223 20.55 -24.73 -18.80
N ILE C 224 20.57 -23.76 -17.90
CA ILE C 224 20.79 -24.01 -16.48
C ILE C 224 19.50 -24.17 -15.69
N TYR C 225 19.42 -25.21 -14.88
CA TYR C 225 18.28 -25.41 -13.98
C TYR C 225 18.80 -25.59 -12.55
N TRP C 226 17.88 -25.78 -11.61
CA TRP C 226 18.22 -25.88 -10.20
C TRP C 226 17.18 -26.70 -9.43
N THR C 227 17.64 -27.37 -8.38
CA THR C 227 16.76 -28.15 -7.53
C THR C 227 17.21 -27.98 -6.08
N ILE C 228 16.26 -27.76 -5.19
CA ILE C 228 16.54 -27.70 -3.76
C ILE C 228 16.11 -28.99 -3.10
N VAL C 229 17.05 -29.65 -2.42
CA VAL C 229 16.73 -30.88 -1.69
C VAL C 229 16.61 -30.67 -0.19
N LYS C 230 15.44 -31.04 0.34
CA LYS C 230 15.14 -30.87 1.77
C LYS C 230 15.80 -31.96 2.58
N PRO C 231 16.14 -31.67 3.86
CA PRO C 231 16.56 -32.74 4.78
C PRO C 231 15.61 -33.94 4.71
N GLY C 232 16.17 -35.13 4.49
CA GLY C 232 15.36 -36.35 4.50
C GLY C 232 14.89 -36.74 3.12
N ASP C 233 14.96 -35.80 2.17
CA ASP C 233 14.61 -36.07 0.79
C ASP C 233 15.86 -36.55 0.05
N VAL C 234 15.70 -36.99 -1.19
CA VAL C 234 16.81 -37.54 -1.96
C VAL C 234 16.81 -37.04 -3.41
N LEU C 235 17.97 -36.62 -3.91
CA LEU C 235 18.07 -36.22 -5.33
C LEU C 235 18.22 -37.44 -6.24
N VAL C 236 17.42 -37.48 -7.31
CA VAL C 236 17.54 -38.52 -8.34
C VAL C 236 17.75 -37.90 -9.72
N ILE C 237 18.96 -38.01 -10.22
CA ILE C 237 19.29 -37.56 -11.57
C ILE C 237 19.19 -38.77 -12.48
N ASN C 238 18.60 -38.60 -13.66
CA ASN C 238 18.31 -39.71 -14.56
C ASN C 238 18.29 -39.17 -15.97
N SER C 239 19.19 -39.66 -16.81
CA SER C 239 19.39 -39.08 -18.13
C SER C 239 19.96 -40.08 -19.13
N ASN C 240 19.40 -40.11 -20.33
CA ASN C 240 19.95 -40.94 -21.40
C ASN C 240 20.72 -40.11 -22.42
N GLY C 241 21.14 -38.91 -22.01
CA GLY C 241 21.98 -38.08 -22.86
C GLY C 241 21.87 -36.61 -22.53
N ASN C 242 22.91 -35.85 -22.87
CA ASN C 242 22.89 -34.39 -22.78
C ASN C 242 22.94 -33.79 -21.38
N LEU C 243 23.04 -34.62 -20.34
CA LEU C 243 23.18 -34.09 -18.98
C LEU C 243 24.44 -33.25 -18.81
N ILE C 244 24.28 -32.08 -18.21
CA ILE C 244 25.39 -31.30 -17.66
C ILE C 244 25.28 -31.45 -16.15
N ALA C 245 25.88 -32.52 -15.61
CA ALA C 245 25.76 -32.92 -14.22
C ALA C 245 26.35 -31.95 -13.20
N PRO C 246 25.82 -31.97 -11.97
CA PRO C 246 26.40 -31.18 -10.89
C PRO C 246 27.53 -31.92 -10.21
N ARG C 247 28.49 -31.18 -9.64
CA ARG C 247 29.57 -31.80 -8.88
C ARG C 247 29.26 -31.94 -7.38
N GLY C 248 28.22 -31.25 -6.92
CA GLY C 248 27.88 -31.21 -5.49
C GLY C 248 26.75 -30.22 -5.27
N TYR C 249 26.67 -29.67 -4.06
CA TYR C 249 25.59 -28.74 -3.71
C TYR C 249 26.10 -27.42 -3.13
N PHE C 250 25.26 -26.39 -3.20
CA PHE C 250 25.56 -25.15 -2.50
C PHE C 250 24.79 -25.14 -1.22
N LYS C 251 25.39 -24.57 -0.19
CA LYS C 251 24.72 -24.53 1.10
C LYS C 251 23.75 -23.35 1.14
N MET C 252 22.52 -23.60 1.57
CA MET C 252 21.52 -22.53 1.60
C MET C 252 21.39 -21.90 2.97
N ARG C 253 21.64 -20.61 3.08
CA ARG C 253 21.44 -19.90 4.33
C ARG C 253 20.23 -18.95 4.24
N THR C 254 19.76 -18.48 5.39
CA THR C 254 18.76 -17.41 5.45
C THR C 254 19.37 -16.27 6.26
N GLY C 255 19.15 -15.03 5.86
CA GLY C 255 19.67 -13.88 6.61
C GLY C 255 19.31 -12.58 5.94
N LYS C 256 20.15 -11.57 6.12
CA LYS C 256 19.89 -10.24 5.63
C LYS C 256 20.57 -10.03 4.28
N SER C 257 20.88 -11.12 3.59
CA SER C 257 21.62 -11.01 2.34
C SER C 257 20.79 -10.58 1.15
N SER C 258 21.43 -9.82 0.25
CA SER C 258 20.81 -9.37 -1.00
C SER C 258 21.86 -9.00 -2.07
N ILE C 259 21.41 -8.42 -3.18
CA ILE C 259 22.26 -8.06 -4.32
C ILE C 259 21.83 -6.69 -4.85
N MET C 260 22.72 -5.97 -5.52
CA MET C 260 22.43 -4.63 -6.02
C MET C 260 23.26 -4.32 -7.26
N ARG C 261 22.67 -3.61 -8.22
CA ARG C 261 23.38 -3.15 -9.41
C ARG C 261 23.85 -1.74 -9.16
N SER C 262 25.17 -1.52 -9.24
CA SER C 262 25.74 -0.19 -8.99
C SER C 262 27.16 -0.10 -9.50
N ASP C 263 27.49 1.03 -10.08
CA ASP C 263 28.87 1.32 -10.48
C ASP C 263 29.54 2.31 -9.55
N ALA C 264 29.08 2.37 -8.30
CA ALA C 264 29.65 3.29 -7.36
C ALA C 264 30.85 2.59 -6.70
N PRO C 265 31.97 3.32 -6.53
CA PRO C 265 33.15 2.78 -5.81
C PRO C 265 32.88 2.43 -4.36
N ILE C 266 33.39 1.28 -3.91
CA ILE C 266 33.42 0.95 -2.48
C ILE C 266 34.45 1.82 -1.75
N ASP C 267 34.27 2.03 -0.46
CA ASP C 267 35.11 2.98 0.26
C ASP C 267 35.11 2.65 1.73
N THR C 268 36.17 3.08 2.42
CA THR C 268 36.29 2.81 3.85
C THR C 268 35.57 3.91 4.64
N CYS C 269 34.41 3.55 5.20
CA CYS C 269 33.57 4.45 6.01
C CYS C 269 32.44 3.64 6.63
N ILE C 270 31.61 4.29 7.44
CA ILE C 270 30.43 3.62 8.00
C ILE C 270 29.09 4.28 7.58
N SER C 271 28.19 3.51 6.95
CA SER C 271 26.77 3.92 6.73
C SER C 271 25.90 2.71 6.76
N GLU C 272 24.80 2.83 7.48
CA GLU C 272 23.81 1.77 7.55
C GLU C 272 23.05 1.57 6.23
N CYS C 273 22.87 2.65 5.48
CA CYS C 273 22.02 2.63 4.30
C CYS C 273 22.79 2.73 2.99
N ILE C 274 22.65 1.71 2.13
CA ILE C 274 23.27 1.70 0.80
C ILE C 274 22.20 1.98 -0.26
N THR C 275 22.57 2.73 -1.30
CA THR C 275 21.71 2.92 -2.48
C THR C 275 22.60 2.85 -3.71
N PRO C 276 22.06 2.42 -4.86
CA PRO C 276 22.96 2.33 -5.99
C PRO C 276 23.75 3.62 -6.25
N ASN C 277 23.29 4.74 -5.70
CA ASN C 277 23.99 6.01 -5.93
C ASN C 277 25.10 6.24 -4.90
N GLY C 278 25.26 5.28 -4.00
CA GLY C 278 26.15 5.44 -2.88
C GLY C 278 25.43 5.32 -1.56
N SER C 279 26.19 5.35 -0.49
CA SER C 279 25.63 5.33 0.84
C SER C 279 24.99 6.67 1.12
N ILE C 280 23.95 6.66 1.96
CA ILE C 280 23.28 7.88 2.41
C ILE C 280 23.03 7.85 3.92
N PRO C 281 23.06 9.02 4.57
CA PRO C 281 22.81 9.03 6.02
C PRO C 281 21.34 8.73 6.28
N ASN C 282 21.02 8.26 7.48
CA ASN C 282 19.63 7.94 7.78
C ASN C 282 19.08 8.66 9.00
N ASP C 283 19.46 9.91 9.16
CA ASP C 283 18.92 10.72 10.25
C ASP C 283 17.50 11.16 9.91
N LYS C 284 17.26 11.46 8.62
CA LYS C 284 15.98 11.98 8.16
C LYS C 284 15.01 10.84 7.85
N PRO C 285 13.71 11.07 8.05
CA PRO C 285 12.73 10.00 7.85
C PRO C 285 12.50 9.59 6.40
N PHE C 286 12.72 10.52 5.46
CA PHE C 286 12.49 10.26 4.03
C PHE C 286 13.71 10.53 3.18
N GLN C 287 13.74 9.93 1.99
CA GLN C 287 14.83 10.19 1.04
C GLN C 287 14.34 10.26 -0.39
N ASN C 288 15.15 10.90 -1.21
CA ASN C 288 14.79 11.19 -2.57
C ASN C 288 15.87 10.70 -3.52
N VAL C 289 16.84 9.97 -3.00
CA VAL C 289 17.99 9.55 -3.76
C VAL C 289 17.65 8.39 -4.68
N ASN C 290 17.07 7.32 -4.15
CA ASN C 290 16.81 6.14 -4.95
C ASN C 290 15.76 5.21 -4.33
N LYS C 291 14.82 4.70 -5.13
CA LYS C 291 13.86 3.74 -4.60
C LYS C 291 14.50 2.40 -4.27
N ILE C 292 15.66 2.12 -4.89
CA ILE C 292 16.42 0.90 -4.57
C ILE C 292 17.27 1.15 -3.32
N THR C 293 17.09 0.34 -2.28
CA THR C 293 17.89 0.53 -1.05
C THR C 293 18.19 -0.78 -0.34
N TYR C 294 19.19 -0.72 0.53
CA TYR C 294 19.59 -1.87 1.33
C TYR C 294 20.01 -1.36 2.68
N GLY C 295 19.50 -1.97 3.75
CA GLY C 295 19.84 -1.53 5.09
C GLY C 295 18.77 -0.70 5.77
N ALA C 296 19.17 0.07 6.78
CA ALA C 296 18.26 0.93 7.52
C ALA C 296 18.22 2.28 6.84
N CYS C 297 17.21 2.47 6.00
CA CYS C 297 17.12 3.66 5.15
C CYS C 297 15.85 4.43 5.36
N PRO C 298 15.90 5.75 5.13
CA PRO C 298 14.67 6.57 5.03
C PRO C 298 13.71 6.04 3.95
N LYS C 299 12.41 6.28 4.12
CA LYS C 299 11.42 5.82 3.14
C LYS C 299 11.56 6.66 1.86
N TYR C 300 11.64 6.00 0.71
CA TYR C 300 11.77 6.75 -0.54
C TYR C 300 10.46 7.52 -0.80
N VAL C 301 10.58 8.71 -1.39
CA VAL C 301 9.48 9.65 -1.47
C VAL C 301 9.64 10.48 -2.78
N LYS C 302 8.56 11.04 -3.30
CA LYS C 302 8.69 11.81 -4.54
C LYS C 302 9.21 13.22 -4.34
N GLN C 303 8.93 13.84 -3.18
CA GLN C 303 9.38 15.21 -2.90
C GLN C 303 10.91 15.33 -2.82
N ASN C 304 11.48 16.47 -3.19
CA ASN C 304 12.92 16.64 -2.95
C ASN C 304 13.20 17.50 -1.74
N THR C 305 12.15 18.08 -1.21
CA THR C 305 12.26 18.84 0.03
C THR C 305 10.93 18.82 0.82
N LEU C 306 11.04 18.56 2.11
CA LEU C 306 9.92 18.72 3.03
C LEU C 306 10.42 19.37 4.30
N LYS C 307 10.07 20.64 4.49
CA LYS C 307 10.52 21.36 5.68
C LYS C 307 9.59 21.14 6.84
N LEU C 308 10.13 20.75 7.98
CA LEU C 308 9.38 20.65 9.25
C LEU C 308 9.69 21.89 10.08
N ALA C 309 8.67 22.68 10.38
CA ALA C 309 8.87 23.92 11.16
C ALA C 309 9.40 23.57 12.56
N THR C 310 10.39 24.31 13.04
CA THR C 310 10.89 24.13 14.41
C THR C 310 10.92 25.45 15.18
N GLY C 311 10.12 26.40 14.74
CA GLY C 311 9.98 27.65 15.43
C GLY C 311 8.63 28.24 15.11
N MET C 312 8.32 29.35 15.78
CA MET C 312 7.04 29.99 15.61
C MET C 312 6.96 30.71 14.29
N ARG C 313 5.77 31.22 14.03
CA ARG C 313 5.53 32.08 12.90
C ARG C 313 6.47 33.27 12.99
N ASN C 314 6.97 33.74 11.86
CA ASN C 314 7.96 34.83 11.83
C ASN C 314 7.34 36.14 11.38
N VAL C 315 7.38 37.16 12.25
CA VAL C 315 6.68 38.42 11.98
C VAL C 315 7.51 39.61 12.40
N PRO C 316 8.49 39.99 11.56
CA PRO C 316 9.44 41.04 11.96
C PRO C 316 8.75 42.39 11.85
N GLU C 317 9.20 43.37 12.64
CA GLU C 317 8.62 44.71 12.54
C GLU C 317 9.16 45.40 11.29
N LYS C 318 10.37 45.00 10.87
CA LYS C 318 10.97 45.40 9.59
C LYS C 318 11.95 46.57 9.75
N GLY D 1 -2.94 32.05 13.85
CA GLY D 1 -3.05 30.85 14.72
C GLY D 1 -4.36 30.94 15.51
N LEU D 2 -4.76 29.79 16.05
CA LEU D 2 -5.98 29.73 16.82
C LEU D 2 -6.09 30.69 17.98
N PHE D 3 -5.04 31.31 18.53
CA PHE D 3 -5.19 32.06 19.83
C PHE D 3 -5.15 33.61 19.83
N GLY D 4 -4.82 34.15 18.66
CA GLY D 4 -4.94 35.59 18.37
C GLY D 4 -3.82 36.53 18.78
N ALA D 5 -2.75 35.86 19.20
CA ALA D 5 -1.64 36.50 19.87
C ALA D 5 -0.49 36.77 18.93
N ILE D 6 0.08 35.73 18.32
CA ILE D 6 1.21 35.90 17.43
C ILE D 6 0.62 36.20 16.08
N ALA D 7 1.04 37.30 15.48
CA ALA D 7 0.42 37.79 14.24
C ALA D 7 -1.05 38.03 14.56
N GLY D 8 -1.32 38.40 15.80
CA GLY D 8 -2.66 38.70 16.26
C GLY D 8 -2.70 39.98 17.05
N PHE D 9 -3.20 39.92 18.29
CA PHE D 9 -3.29 41.14 19.09
C PHE D 9 -1.93 41.71 19.42
N ILE D 10 -0.90 40.90 19.18
CA ILE D 10 0.48 41.34 19.25
C ILE D 10 0.91 41.58 17.81
N GLU D 11 1.02 42.85 17.44
CA GLU D 11 1.19 43.30 16.06
C GLU D 11 2.27 42.51 15.29
N ASN D 12 3.35 42.33 16.06
CA ASN D 12 4.56 41.74 15.59
C ASN D 12 5.57 41.36 16.68
N GLY D 13 6.52 40.62 16.12
CA GLY D 13 7.66 40.07 16.79
C GLY D 13 8.82 41.05 16.92
N TRP D 14 9.79 40.65 17.73
CA TRP D 14 10.89 41.50 18.11
C TRP D 14 12.17 40.91 17.58
N GLU D 15 12.68 41.48 16.49
CA GLU D 15 13.92 40.99 15.91
C GLU D 15 15.06 41.15 16.93
N GLY D 16 14.87 42.06 17.89
CA GLY D 16 15.88 42.39 18.90
C GLY D 16 15.92 41.54 20.14
N MET D 17 15.13 40.47 20.19
CA MET D 17 15.16 39.61 21.37
C MET D 17 15.98 38.38 21.06
N ILE D 18 17.26 38.45 21.41
CA ILE D 18 18.19 37.43 20.90
C ILE D 18 18.49 36.34 21.91
N ASP D 19 17.77 36.33 23.03
CA ASP D 19 18.12 35.44 24.15
C ASP D 19 16.93 34.62 24.68
N GLY D 20 15.84 34.60 23.93
CA GLY D 20 14.66 33.83 24.28
C GLY D 20 13.59 33.92 23.21
N TRP D 21 12.55 33.08 23.35
CA TRP D 21 11.45 33.07 22.36
C TRP D 21 10.36 34.04 22.80
N TYR D 22 10.28 34.26 24.11
CA TYR D 22 9.31 35.15 24.68
C TYR D 22 9.92 36.02 25.76
N GLY D 23 9.19 37.12 25.95
CA GLY D 23 9.51 38.04 27.00
C GLY D 23 8.78 39.35 27.13
N PHE D 24 9.57 40.19 27.82
CA PHE D 24 9.17 41.52 28.25
C PHE D 24 10.14 42.63 27.88
N ARG D 25 9.42 43.70 27.57
CA ARG D 25 9.93 45.05 27.49
C ARG D 25 9.10 45.88 28.44
N HIS D 26 9.73 46.86 29.09
CA HIS D 26 9.01 47.69 30.05
C HIS D 26 9.49 49.12 30.12
N GLN D 27 8.69 49.97 30.78
CA GLN D 27 9.11 51.31 31.15
C GLN D 27 8.49 51.79 32.47
N ASN D 28 9.43 52.02 33.38
CA ASN D 28 9.20 52.61 34.72
C ASN D 28 10.08 53.82 34.92
N SER D 29 10.10 54.34 36.13
CA SER D 29 10.79 55.61 36.44
C SER D 29 12.32 55.54 36.26
N GLU D 30 12.78 54.30 36.34
CA GLU D 30 14.21 53.98 36.18
C GLU D 30 14.68 53.81 34.74
N GLY D 31 13.78 53.91 33.77
CA GLY D 31 14.11 53.82 32.36
C GLY D 31 13.40 52.67 31.67
N THR D 32 13.98 52.17 30.57
CA THR D 32 13.40 51.08 29.80
C THR D 32 14.21 49.82 29.99
N GLY D 33 13.63 48.67 29.62
CA GLY D 33 14.32 47.37 29.78
C GLY D 33 13.74 46.29 28.90
N GLN D 34 14.46 45.16 28.81
CA GLN D 34 14.06 44.01 28.01
C GLN D 34 14.52 42.72 28.70
N ALA D 35 13.72 41.65 28.71
CA ALA D 35 14.18 40.37 29.29
C ALA D 35 13.39 39.18 28.77
N ALA D 36 14.09 38.08 28.49
CA ALA D 36 13.46 36.86 28.00
C ALA D 36 12.69 36.17 29.12
N ASP D 37 11.60 35.50 28.80
CA ASP D 37 10.98 34.62 29.78
C ASP D 37 11.47 33.19 29.54
N LEU D 38 12.18 32.62 30.49
CA LEU D 38 12.83 31.32 30.22
C LEU D 38 11.85 30.15 30.29
N LYS D 39 10.88 30.23 31.20
CA LYS D 39 9.93 29.12 31.39
C LYS D 39 9.06 28.88 30.12
N SER D 40 8.53 29.95 29.56
CA SER D 40 7.74 29.80 28.35
C SER D 40 8.61 29.44 27.14
N THR D 41 9.75 30.10 26.95
CA THR D 41 10.66 29.76 25.89
C THR D 41 10.92 28.27 25.95
N GLN D 42 11.20 27.79 27.16
CA GLN D 42 11.51 26.41 27.38
C GLN D 42 10.34 25.47 27.08
N ALA D 43 9.12 25.90 27.39
CA ALA D 43 7.94 25.10 27.05
C ALA D 43 7.83 24.85 25.54
N ALA D 44 7.83 25.92 24.75
CA ALA D 44 7.78 25.80 23.32
C ALA D 44 8.90 24.92 22.77
N ILE D 45 10.13 25.10 23.25
CA ILE D 45 11.26 24.36 22.73
C ILE D 45 11.10 22.89 23.06
N ASP D 46 10.62 22.58 24.27
CA ASP D 46 10.57 21.20 24.69
C ASP D 46 9.56 20.43 23.86
N GLN D 47 8.44 21.06 23.59
CA GLN D 47 7.43 20.46 22.75
C GLN D 47 7.90 20.27 21.30
N ILE D 48 8.46 21.32 20.72
CA ILE D 48 9.05 21.20 19.41
C ILE D 48 10.14 20.10 19.34
N ASN D 49 10.99 19.99 20.36
CA ASN D 49 11.93 18.86 20.37
C ASN D 49 11.25 17.49 20.45
N GLY D 50 10.20 17.40 21.25
CA GLY D 50 9.40 16.18 21.34
C GLY D 50 8.86 15.74 19.99
N LYS D 51 8.19 16.67 19.28
CA LYS D 51 7.76 16.48 17.89
C LYS D 51 8.88 15.96 16.99
N LEU D 52 9.96 16.71 17.02
CA LEU D 52 11.09 16.39 16.20
C LEU D 52 11.71 15.02 16.50
N ASN D 53 11.81 14.65 17.79
CA ASN D 53 12.44 13.36 18.13
C ASN D 53 11.61 12.17 17.74
N ARG D 54 10.35 12.45 17.50
CA ARG D 54 9.37 11.44 17.28
C ARG D 54 9.29 11.14 15.78
N VAL D 55 9.62 12.12 14.96
CA VAL D 55 9.62 11.97 13.51
C VAL D 55 10.98 11.42 13.07
N ILE D 56 12.05 11.85 13.75
CA ILE D 56 13.41 11.54 13.29
C ILE D 56 13.92 10.22 13.89
N GLU D 57 13.03 9.57 14.61
CA GLU D 57 13.36 8.32 15.26
C GLU D 57 13.00 7.14 14.36
N LYS D 58 13.71 6.01 14.57
CA LYS D 58 13.15 4.68 14.06
C LYS D 58 13.15 4.36 12.54
N THR D 59 14.22 4.63 11.78
CA THR D 59 14.34 4.03 10.44
C THR D 59 14.13 2.51 10.54
N ASN D 60 13.15 1.98 9.80
CA ASN D 60 13.02 0.52 9.70
C ASN D 60 14.05 0.01 8.67
N GLU D 61 14.52 -1.22 8.84
CA GLU D 61 15.49 -1.72 7.88
C GLU D 61 14.94 -2.82 7.00
N LYS D 62 15.25 -2.72 5.71
CA LYS D 62 14.83 -3.69 4.71
C LYS D 62 16.06 -4.27 4.02
N PHE D 63 16.02 -5.57 3.77
CA PHE D 63 17.15 -6.25 3.15
C PHE D 63 16.86 -6.72 1.71
N HIS D 64 16.64 -8.02 1.49
CA HIS D 64 16.23 -8.47 0.13
C HIS D 64 14.78 -8.09 -0.20
N GLN D 65 14.59 -7.32 -1.29
CA GLN D 65 13.25 -6.89 -1.70
C GLN D 65 12.96 -7.37 -3.12
N ILE D 66 12.21 -6.59 -3.87
CA ILE D 66 11.98 -6.92 -5.27
C ILE D 66 12.91 -6.07 -6.11
N GLU D 67 13.12 -6.47 -7.36
CA GLU D 67 13.87 -5.67 -8.28
C GLU D 67 13.03 -4.47 -8.67
N LYS D 68 13.66 -3.34 -8.98
CA LYS D 68 12.89 -2.13 -9.20
C LYS D 68 13.25 -1.42 -10.50
N GLU D 69 14.21 -1.99 -11.25
CA GLU D 69 14.64 -1.52 -12.58
C GLU D 69 14.81 -2.75 -13.43
N PHE D 70 14.56 -2.63 -14.73
CA PHE D 70 14.54 -3.81 -15.62
C PHE D 70 15.22 -3.54 -16.93
N SER D 71 16.05 -4.47 -17.38
CA SER D 71 16.85 -4.26 -18.60
C SER D 71 16.00 -4.48 -19.86
N GLU D 72 14.97 -5.32 -19.78
CA GLU D 72 14.14 -5.63 -20.96
C GLU D 72 12.66 -5.80 -20.66
N VAL D 73 11.84 -5.56 -21.68
CA VAL D 73 10.40 -5.67 -21.58
C VAL D 73 9.94 -7.12 -21.32
N GLU D 74 9.05 -7.33 -20.35
CA GLU D 74 8.57 -8.70 -20.09
C GLU D 74 7.05 -8.85 -19.99
N GLY D 75 6.33 -7.79 -19.64
CA GLY D 75 4.89 -7.91 -19.54
C GLY D 75 4.34 -8.12 -18.14
N ARG D 76 3.43 -9.08 -18.02
CA ARG D 76 2.54 -9.16 -16.86
C ARG D 76 3.23 -9.00 -15.48
N ILE D 77 4.21 -9.87 -15.17
CA ILE D 77 4.90 -9.80 -13.88
C ILE D 77 5.61 -8.45 -13.65
N GLN D 78 6.39 -8.02 -14.63
CA GLN D 78 7.05 -6.74 -14.50
C GLN D 78 6.08 -5.56 -14.34
N ASP D 79 4.94 -5.64 -15.02
CA ASP D 79 3.91 -4.63 -14.84
C ASP D 79 3.52 -4.54 -13.39
N LEU D 80 3.25 -5.69 -12.81
CA LEU D 80 2.87 -5.80 -11.40
C LEU D 80 3.97 -5.29 -10.46
N GLU D 81 5.21 -5.67 -10.75
CA GLU D 81 6.33 -5.30 -9.92
C GLU D 81 6.45 -3.79 -9.90
N LYS D 82 6.28 -3.18 -11.08
CA LYS D 82 6.32 -1.73 -11.16
C LYS D 82 5.13 -1.06 -10.50
N TYR D 83 3.91 -1.62 -10.69
CA TYR D 83 2.69 -1.05 -10.11
C TYR D 83 2.83 -1.11 -8.59
N VAL D 84 3.31 -2.25 -8.06
CA VAL D 84 3.47 -2.36 -6.60
C VAL D 84 4.36 -1.24 -6.04
N GLU D 85 5.53 -1.05 -6.64
CA GLU D 85 6.45 -0.03 -6.20
C GLU D 85 5.88 1.37 -6.40
N ASP D 86 5.24 1.61 -7.55
CA ASP D 86 4.68 2.93 -7.83
C ASP D 86 3.61 3.23 -6.78
N THR D 87 2.78 2.24 -6.45
CA THR D 87 1.78 2.38 -5.42
C THR D 87 2.37 2.70 -4.05
N LYS D 88 3.40 1.95 -3.60
CA LYS D 88 4.12 2.19 -2.33
C LYS D 88 4.63 3.62 -2.25
N ILE D 89 5.31 4.08 -3.30
CA ILE D 89 5.88 5.42 -3.32
C ILE D 89 4.84 6.50 -3.17
N ASP D 90 3.77 6.42 -3.98
CA ASP D 90 2.70 7.43 -3.91
C ASP D 90 2.10 7.50 -2.51
N LEU D 91 1.93 6.34 -1.86
CA LEU D 91 1.35 6.35 -0.53
C LEU D 91 2.34 6.98 0.46
N TRP D 92 3.62 6.55 0.39
CA TRP D 92 4.59 7.19 1.29
C TRP D 92 4.73 8.67 1.11
N SER D 93 4.65 9.14 -0.14
CA SER D 93 4.72 10.56 -0.44
C SER D 93 3.52 11.29 0.12
N TYR D 94 2.33 10.69 0.04
CA TYR D 94 1.15 11.29 0.63
C TYR D 94 1.33 11.41 2.16
N ASN D 95 1.72 10.32 2.81
CA ASN D 95 2.09 10.37 4.22
C ASN D 95 3.03 11.47 4.58
N ALA D 96 4.11 11.61 3.82
CA ALA D 96 5.13 12.62 4.10
C ALA D 96 4.55 14.03 3.99
N GLU D 97 3.84 14.29 2.90
CA GLU D 97 3.20 15.59 2.66
C GLU D 97 2.24 15.95 3.78
N LEU D 98 1.42 14.98 4.18
CA LEU D 98 0.41 15.22 5.21
C LEU D 98 1.04 15.41 6.59
N LEU D 99 2.07 14.63 6.88
CA LEU D 99 2.78 14.75 8.14
C LEU D 99 3.31 16.17 8.36
N VAL D 100 4.04 16.73 7.39
CA VAL D 100 4.53 18.09 7.58
C VAL D 100 3.39 19.08 7.70
N ALA D 101 2.32 18.92 6.92
CA ALA D 101 1.20 19.86 6.99
C ALA D 101 0.63 19.93 8.41
N LEU D 102 0.31 18.77 8.97
CA LEU D 102 -0.32 18.69 10.29
C LEU D 102 0.66 19.20 11.33
N GLU D 103 1.88 18.68 11.27
CA GLU D 103 2.93 19.03 12.22
C GLU D 103 3.07 20.54 12.23
N ASN D 104 3.22 21.13 11.04
CA ASN D 104 3.51 22.55 10.96
C ASN D 104 2.37 23.41 11.41
N GLN D 105 1.16 23.10 10.96
CA GLN D 105 -0.02 23.75 11.51
C GLN D 105 0.01 23.65 13.03
N HIS D 106 0.29 22.48 13.57
CA HIS D 106 0.29 22.32 15.01
C HIS D 106 1.39 23.19 15.66
N THR D 107 2.62 23.12 15.13
CA THR D 107 3.71 23.90 15.69
C THR D 107 3.36 25.40 15.80
N ILE D 108 2.77 25.94 14.74
CA ILE D 108 2.36 27.31 14.72
C ILE D 108 1.31 27.58 15.80
N ASP D 109 0.37 26.66 15.97
CA ASP D 109 -0.65 26.82 16.99
C ASP D 109 -0.13 26.76 18.42
N LEU D 110 0.82 25.87 18.70
CA LEU D 110 1.27 25.71 20.08
C LEU D 110 2.15 26.87 20.49
N THR D 111 2.94 27.38 19.56
CA THR D 111 3.76 28.55 19.86
C THR D 111 2.87 29.77 20.05
N ASP D 112 1.84 29.91 19.22
CA ASP D 112 0.81 30.92 19.45
C ASP D 112 0.18 30.70 20.85
N SER D 113 -0.19 29.46 21.15
CA SER D 113 -0.72 29.14 22.46
C SER D 113 0.22 29.58 23.57
N GLU D 114 1.51 29.31 23.43
CA GLU D 114 2.46 29.62 24.52
C GLU D 114 2.54 31.12 24.74
N MET D 115 2.54 31.89 23.64
CA MET D 115 2.55 33.34 23.77
C MET D 115 1.34 33.78 24.60
N ASN D 116 0.17 33.21 24.29
CA ASN D 116 -1.06 33.55 25.01
C ASN D 116 -1.05 33.08 26.48
N LYS D 117 -0.50 31.90 26.75
CA LYS D 117 -0.36 31.47 28.14
C LYS D 117 0.42 32.51 28.98
N LEU D 118 1.50 33.03 28.40
CA LEU D 118 2.37 33.95 29.11
C LEU D 118 1.63 35.25 29.39
N PHE D 119 0.88 35.71 28.39
CA PHE D 119 0.06 36.88 28.61
C PHE D 119 -0.95 36.69 29.74
N GLU D 120 -1.64 35.56 29.76
CA GLU D 120 -2.65 35.29 30.77
C GLU D 120 -2.02 35.13 32.14
N LYS D 121 -0.86 34.47 32.19
CA LYS D 121 -0.17 34.28 33.45
C LYS D 121 0.06 35.63 34.13
N THR D 122 0.47 36.60 33.31
CA THR D 122 0.90 37.91 33.75
C THR D 122 -0.30 38.73 34.17
N ARG D 123 -1.35 38.72 33.35
CA ARG D 123 -2.57 39.42 33.67
C ARG D 123 -3.08 39.01 35.04
N ARG D 124 -2.99 37.71 35.31
CA ARG D 124 -3.45 37.13 36.53
C ARG D 124 -2.70 37.63 37.73
N GLN D 125 -1.37 37.65 37.63
CA GLN D 125 -0.53 38.24 38.67
C GLN D 125 -0.93 39.67 38.99
N LEU D 126 -1.16 40.49 37.97
CA LEU D 126 -1.34 41.90 38.21
C LEU D 126 -2.68 42.21 38.85
N ARG D 127 -3.61 41.24 38.83
CA ARG D 127 -4.97 41.45 39.39
C ARG D 127 -5.55 42.78 38.99
N GLU D 128 -5.87 43.60 39.98
CA GLU D 128 -6.60 44.84 39.74
C GLU D 128 -5.68 46.05 39.62
N ASN D 129 -4.38 45.79 39.57
CA ASN D 129 -3.34 46.83 39.53
C ASN D 129 -2.96 47.26 38.10
N ALA D 130 -3.47 46.55 37.10
CA ALA D 130 -3.09 46.81 35.72
C ALA D 130 -4.28 46.72 34.80
N GLU D 131 -4.18 47.40 33.67
CA GLU D 131 -5.17 47.27 32.64
C GLU D 131 -4.48 46.87 31.36
N GLU D 132 -5.18 46.08 30.56
CA GLU D 132 -4.65 45.73 29.29
C GLU D 132 -4.93 46.75 28.19
N MET D 133 -3.88 47.20 27.52
CA MET D 133 -4.03 48.20 26.45
C MET D 133 -4.35 47.52 25.14
N GLY D 134 -4.42 46.20 25.12
CA GLY D 134 -4.86 45.49 23.92
C GLY D 134 -3.85 45.23 22.81
N ASN D 135 -2.60 45.59 23.04
CA ASN D 135 -1.53 45.35 22.08
C ASN D 135 -0.47 44.45 22.69
N GLY D 136 -0.79 43.79 23.80
CA GLY D 136 0.18 42.93 24.47
C GLY D 136 0.82 43.62 25.66
N CYS D 137 0.46 44.88 25.87
CA CYS D 137 1.04 45.68 26.92
C CYS D 137 0.06 45.94 28.03
N PHE D 138 0.53 45.79 29.27
CA PHE D 138 -0.22 46.29 30.42
C PHE D 138 0.22 47.70 30.82
N LYS D 139 -0.76 48.52 31.19
CA LYS D 139 -0.48 49.74 31.94
C LYS D 139 -0.58 49.38 33.42
N ILE D 140 0.57 49.41 34.10
CA ILE D 140 0.62 49.16 35.54
C ILE D 140 0.35 50.51 36.21
N TYR D 141 -0.64 50.53 37.10
CA TYR D 141 -1.17 51.78 37.62
C TYR D 141 -0.55 52.22 38.97
N HIS D 142 0.70 51.82 39.20
CA HIS D 142 1.47 52.27 40.35
C HIS D 142 2.94 52.46 40.00
N LYS D 143 3.69 53.13 40.87
CA LYS D 143 5.13 53.22 40.71
C LYS D 143 5.70 51.79 40.86
N CYS D 144 6.41 51.35 39.84
CA CYS D 144 6.89 49.97 39.82
C CYS D 144 8.36 50.02 39.40
N ASP D 145 9.27 49.97 40.37
CA ASP D 145 10.69 50.11 40.04
C ASP D 145 11.24 48.83 39.44
N ASN D 146 12.56 48.77 39.24
CA ASN D 146 13.16 47.59 38.63
C ASN D 146 12.97 46.31 39.42
N ALA D 147 12.86 46.42 40.74
CA ALA D 147 12.66 45.21 41.55
C ALA D 147 11.20 44.77 41.38
N CYS D 148 10.31 45.74 41.27
CA CYS D 148 8.90 45.45 41.04
C CYS D 148 8.74 44.72 39.71
N ILE D 149 9.32 45.28 38.65
CA ILE D 149 9.29 44.64 37.35
C ILE D 149 9.85 43.23 37.43
N GLU D 150 11.05 43.06 37.97
CA GLU D 150 11.64 41.72 38.07
C GLU D 150 10.70 40.76 38.79
N SER D 151 9.93 41.28 39.75
CA SER D 151 9.05 40.43 40.52
C SER D 151 7.88 39.91 39.68
N ILE D 152 7.34 40.76 38.80
CA ILE D 152 6.33 40.30 37.84
C ILE D 152 6.96 39.24 36.94
N ARG D 153 8.15 39.53 36.42
CA ARG D 153 8.82 38.60 35.53
C ARG D 153 9.01 37.22 36.14
N ASN D 154 9.39 37.15 37.41
CA ASN D 154 9.62 35.83 37.97
C ASN D 154 8.50 35.32 38.89
N GLY D 155 7.30 35.88 38.74
CA GLY D 155 6.10 35.34 39.34
C GLY D 155 5.98 35.40 40.85
N THR D 156 6.54 36.44 41.45
CA THR D 156 6.46 36.67 42.88
C THR D 156 5.84 38.02 43.19
N TYR D 157 5.27 38.67 42.19
CA TYR D 157 4.67 39.98 42.39
C TYR D 157 3.51 39.90 43.38
N ASP D 158 3.52 40.81 44.34
CA ASP D 158 2.51 40.84 45.36
C ASP D 158 1.51 41.97 45.10
N HIS D 159 0.37 41.64 44.50
CA HIS D 159 -0.60 42.66 44.13
C HIS D 159 -1.13 43.48 45.31
N ASP D 160 -1.07 42.88 46.51
CA ASP D 160 -1.59 43.53 47.71
C ASP D 160 -0.80 44.78 48.10
N VAL D 161 0.52 44.70 47.99
CA VAL D 161 1.43 45.81 48.26
C VAL D 161 1.01 47.11 47.53
N TYR D 162 0.58 47.01 46.28
CA TYR D 162 0.31 48.20 45.46
C TYR D 162 -1.15 48.45 45.15
N ARG D 163 -2.04 47.59 45.67
CA ARG D 163 -3.46 47.65 45.36
C ARG D 163 -4.14 49.00 45.63
N ASP D 164 -3.91 49.57 46.82
CA ASP D 164 -4.54 50.86 47.18
C ASP D 164 -4.04 51.95 46.26
N GLU D 165 -2.72 52.00 46.09
CA GLU D 165 -2.10 52.97 45.20
C GLU D 165 -2.71 52.84 43.82
N ALA D 166 -2.78 51.61 43.33
CA ALA D 166 -3.24 51.33 41.96
C ALA D 166 -4.73 51.63 41.76
N LEU D 167 -5.59 51.11 42.65
CA LEU D 167 -7.05 51.38 42.57
C LEU D 167 -7.34 52.87 42.54
N ASN D 168 -6.66 53.61 43.41
CA ASN D 168 -6.82 55.04 43.45
C ASN D 168 -6.53 55.72 42.10
N ASN D 169 -5.39 55.40 41.49
CA ASN D 169 -5.01 55.92 40.17
C ASN D 169 -5.93 55.44 39.07
N ARG D 170 -6.41 54.22 39.21
CA ARG D 170 -7.24 53.59 38.21
C ARG D 170 -8.65 54.20 38.18
N PHE D 171 -9.19 54.53 39.36
CA PHE D 171 -10.58 55.03 39.44
C PHE D 171 -10.75 56.51 39.82
N GLN D 172 -10.36 56.91 41.03
CA GLN D 172 -10.34 58.35 41.38
C GLN D 172 -9.44 59.15 40.40
N SER E 1 -27.78 56.43 31.29
CA SER E 1 -28.00 55.95 29.89
C SER E 1 -26.85 55.03 29.41
N THR E 2 -27.23 53.90 28.80
CA THR E 2 -26.30 52.84 28.43
C THR E 2 -26.67 52.21 27.09
N ALA E 3 -25.86 51.23 26.66
CA ALA E 3 -26.12 50.48 25.40
C ALA E 3 -25.73 49.01 25.50
N THR E 4 -26.15 48.26 24.48
CA THR E 4 -25.91 46.83 24.43
C THR E 4 -25.31 46.48 23.08
N LEU E 5 -24.14 45.87 23.12
CA LEU E 5 -23.48 45.40 21.91
C LEU E 5 -23.33 43.88 21.93
N CYS E 6 -23.92 43.20 20.96
CA CYS E 6 -23.84 41.73 20.91
C CYS E 6 -23.05 41.24 19.74
N LEU E 7 -22.14 40.32 20.02
CA LEU E 7 -21.38 39.68 18.97
C LEU E 7 -21.97 38.36 18.59
N GLY E 8 -21.98 38.06 17.29
CA GLY E 8 -22.48 36.79 16.84
C GLY E 8 -21.98 36.41 15.47
N HIS E 9 -22.54 35.33 14.94
CA HIS E 9 -22.09 34.73 13.68
C HIS E 9 -23.31 34.28 12.90
N HIS E 10 -23.12 33.87 11.65
CA HIS E 10 -24.28 33.56 10.85
C HIS E 10 -24.78 32.14 10.99
N ALA E 11 -25.92 31.89 10.38
CA ALA E 11 -26.49 30.56 10.35
C ALA E 11 -27.27 30.49 9.07
N VAL E 12 -27.63 29.28 8.66
CA VAL E 12 -28.47 29.11 7.49
C VAL E 12 -29.59 28.17 7.83
N PRO E 13 -30.66 28.17 7.02
CA PRO E 13 -31.76 27.22 7.30
C PRO E 13 -31.35 25.78 6.91
N ASN E 14 -30.65 25.67 5.77
CA ASN E 14 -30.19 24.41 5.17
C ASN E 14 -28.72 24.05 5.47
N GLY E 15 -28.45 23.41 6.62
CA GLY E 15 -27.09 22.93 6.86
C GLY E 15 -26.65 21.79 5.94
N THR E 16 -25.38 21.40 6.03
CA THR E 16 -24.87 20.16 5.45
C THR E 16 -24.22 19.34 6.53
N LEU E 17 -24.56 18.06 6.60
CA LEU E 17 -23.91 17.15 7.54
C LEU E 17 -22.51 16.76 7.08
N VAL E 18 -21.59 16.63 8.02
CA VAL E 18 -20.20 16.29 7.68
C VAL E 18 -19.62 15.46 8.79
N LYS E 19 -18.51 14.76 8.51
CA LYS E 19 -17.87 13.94 9.55
C LYS E 19 -16.67 14.68 10.17
N THR E 20 -16.46 14.52 11.48
CA THR E 20 -15.26 15.05 12.14
C THR E 20 -14.56 13.95 12.91
N ILE E 21 -13.54 14.30 13.70
CA ILE E 21 -12.80 13.30 14.46
C ILE E 21 -13.70 12.73 15.57
N THR E 22 -14.52 13.62 16.15
CA THR E 22 -15.42 13.28 17.25
C THR E 22 -16.88 12.98 16.85
N ASP E 23 -17.29 13.35 15.64
CA ASP E 23 -18.69 13.18 15.25
C ASP E 23 -18.89 12.52 13.93
N ASP E 24 -19.79 11.54 13.90
CA ASP E 24 -20.19 10.90 12.67
C ASP E 24 -20.96 11.85 11.76
N GLN E 25 -21.80 12.68 12.37
CA GLN E 25 -22.57 13.67 11.62
C GLN E 25 -22.76 14.93 12.42
N ILE E 26 -22.37 16.05 11.85
CA ILE E 26 -22.49 17.36 12.51
C ILE E 26 -22.75 18.42 11.45
N GLU E 27 -23.56 19.41 11.78
CA GLU E 27 -24.05 20.31 10.75
C GLU E 27 -23.19 21.56 10.60
N VAL E 28 -22.73 21.79 9.37
CA VAL E 28 -21.97 23.01 9.07
C VAL E 28 -22.72 23.86 8.06
N THR E 29 -22.36 25.12 7.98
CA THR E 29 -23.08 26.05 7.12
C THR E 29 -22.97 25.64 5.67
N ASN E 30 -21.88 24.96 5.32
CA ASN E 30 -21.62 24.68 3.91
C ASN E 30 -20.48 23.71 3.75
N ALA E 31 -20.48 22.96 2.66
CA ALA E 31 -19.42 21.99 2.39
C ALA E 31 -19.28 21.75 0.88
N THR E 32 -18.25 21.03 0.50
CA THR E 32 -18.02 20.68 -0.91
C THR E 32 -17.68 19.19 -1.07
N GLU E 33 -18.06 18.64 -2.21
CA GLU E 33 -17.92 17.20 -2.44
C GLU E 33 -16.51 16.87 -2.94
N LEU E 34 -15.91 15.80 -2.39
CA LEU E 34 -14.53 15.45 -2.77
C LEU E 34 -14.45 14.17 -3.58
N VAL E 35 -15.59 13.49 -3.76
CA VAL E 35 -15.63 12.26 -4.53
C VAL E 35 -16.50 12.45 -5.77
N GLN E 36 -15.84 12.43 -6.91
CA GLN E 36 -16.50 12.38 -8.20
C GLN E 36 -17.17 11.03 -8.34
N SER E 37 -18.47 11.04 -8.53
CA SER E 37 -19.18 9.78 -8.71
C SER E 37 -20.07 9.70 -9.94
N SER E 38 -19.98 10.70 -10.82
CA SER E 38 -20.84 10.69 -12.00
C SER E 38 -20.03 10.76 -13.30
N SER E 39 -20.57 10.17 -14.35
CA SER E 39 -19.93 10.20 -15.65
C SER E 39 -20.92 10.52 -16.77
N THR E 40 -20.46 11.35 -17.72
CA THR E 40 -21.22 11.61 -18.94
C THR E 40 -21.56 10.29 -19.65
N GLY E 41 -20.69 9.28 -19.56
CA GLY E 41 -20.95 8.00 -20.18
C GLY E 41 -20.18 7.89 -21.48
N LYS E 42 -19.33 8.87 -21.76
CA LYS E 42 -18.67 9.00 -23.06
C LYS E 42 -17.17 9.26 -22.93
N ILE E 43 -16.37 8.61 -23.76
CA ILE E 43 -14.93 8.84 -23.74
C ILE E 43 -14.61 10.00 -24.69
N CYS E 44 -13.95 11.04 -24.20
CA CYS E 44 -13.61 12.21 -25.01
C CYS E 44 -12.40 11.94 -25.89
N ASN E 45 -12.48 12.35 -27.15
CA ASN E 45 -11.39 12.10 -28.10
C ASN E 45 -10.22 13.06 -27.95
N ASN E 46 -10.29 13.92 -26.95
CA ASN E 46 -9.15 14.76 -26.60
C ASN E 46 -8.90 14.82 -25.09
N PRO E 47 -7.65 15.05 -24.67
CA PRO E 47 -6.47 15.27 -25.49
C PRO E 47 -5.74 13.99 -25.85
N HIS E 48 -6.33 12.83 -25.56
CA HIS E 48 -5.60 11.60 -25.75
C HIS E 48 -6.00 11.00 -27.06
N ARG E 49 -5.01 10.52 -27.81
CA ARG E 49 -5.30 9.85 -29.05
C ARG E 49 -6.03 8.54 -28.82
N ILE E 50 -7.33 8.52 -29.09
CA ILE E 50 -8.11 7.31 -28.82
C ILE E 50 -8.32 6.49 -30.06
N LEU E 51 -7.92 5.22 -30.04
CA LEU E 51 -8.16 4.34 -31.17
C LEU E 51 -9.26 3.34 -30.85
N ASP E 52 -10.41 3.47 -31.50
CA ASP E 52 -11.49 2.50 -31.27
C ASP E 52 -11.17 1.23 -32.05
N GLY E 53 -11.00 0.12 -31.33
CA GLY E 53 -10.74 -1.15 -31.97
C GLY E 53 -11.95 -1.78 -32.64
N ILE E 54 -13.08 -1.09 -32.55
CA ILE E 54 -14.35 -1.57 -33.09
C ILE E 54 -14.49 -3.06 -32.86
N ASP E 55 -14.18 -3.86 -33.88
CA ASP E 55 -14.51 -5.27 -33.82
C ASP E 55 -13.29 -6.16 -33.76
N CYS E 56 -12.17 -5.55 -33.39
CA CYS E 56 -10.89 -6.18 -33.31
C CYS E 56 -10.24 -6.05 -31.94
N THR E 57 -9.73 -7.16 -31.40
CA THR E 57 -8.80 -7.09 -30.26
C THR E 57 -7.43 -6.62 -30.77
N LEU E 58 -6.64 -5.99 -29.90
CA LEU E 58 -5.29 -5.57 -30.24
C LEU E 58 -4.45 -6.73 -30.80
N ILE E 59 -4.55 -7.91 -30.20
CA ILE E 59 -3.79 -9.06 -30.68
C ILE E 59 -4.19 -9.40 -32.13
N ASP E 60 -5.50 -9.45 -32.39
CA ASP E 60 -5.98 -9.74 -33.74
C ASP E 60 -5.55 -8.67 -34.75
N ALA E 61 -5.40 -7.42 -34.31
CA ALA E 61 -4.93 -6.38 -35.21
C ALA E 61 -3.44 -6.53 -35.41
N LEU E 62 -2.75 -7.02 -34.40
CA LEU E 62 -1.30 -7.16 -34.46
C LEU E 62 -1.01 -8.28 -35.46
N LEU E 63 -1.57 -9.46 -35.22
CA LEU E 63 -1.39 -10.60 -36.11
C LEU E 63 -1.84 -10.32 -37.55
N GLY E 64 -2.84 -9.45 -37.71
CA GLY E 64 -3.38 -9.18 -39.03
C GLY E 64 -4.47 -10.14 -39.51
N ASP E 65 -5.49 -10.33 -38.68
CA ASP E 65 -6.73 -11.01 -39.02
C ASP E 65 -7.36 -10.14 -40.10
N PRO E 66 -7.79 -10.74 -41.24
CA PRO E 66 -8.39 -9.99 -42.36
C PRO E 66 -9.29 -8.83 -41.94
N HIS E 67 -10.35 -9.12 -41.19
CA HIS E 67 -11.27 -8.05 -40.84
C HIS E 67 -10.68 -6.95 -39.97
N CYS E 68 -9.39 -7.07 -39.65
CA CYS E 68 -8.65 -6.11 -38.80
C CYS E 68 -7.57 -5.39 -39.58
N ASP E 69 -7.58 -5.55 -40.90
CA ASP E 69 -6.59 -4.88 -41.74
C ASP E 69 -6.58 -3.36 -41.66
N VAL E 70 -7.75 -2.76 -41.44
CA VAL E 70 -7.84 -1.32 -41.25
C VAL E 70 -6.79 -0.83 -40.27
N PHE E 71 -6.37 -1.72 -39.38
CA PHE E 71 -5.50 -1.33 -38.27
C PHE E 71 -4.01 -1.39 -38.55
N GLN E 72 -3.60 -1.85 -39.72
CA GLN E 72 -2.19 -1.92 -40.02
C GLN E 72 -1.53 -0.56 -39.77
N ASN E 73 -0.43 -0.58 -39.04
CA ASN E 73 0.37 0.62 -38.78
C ASN E 73 -0.29 1.67 -37.92
N GLU E 74 -1.40 1.31 -37.29
CA GLU E 74 -2.09 2.25 -36.41
C GLU E 74 -1.29 2.65 -35.18
N THR E 75 -1.81 3.67 -34.49
CA THR E 75 -1.16 4.28 -33.32
C THR E 75 -2.21 4.71 -32.36
N TRP E 76 -1.86 4.76 -31.08
CA TRP E 76 -2.85 5.12 -30.07
C TRP E 76 -2.19 5.64 -28.83
N ASP E 77 -2.93 6.44 -28.08
CA ASP E 77 -2.60 6.66 -26.68
C ASP E 77 -3.36 5.61 -25.87
N LEU E 78 -4.64 5.44 -26.21
CA LEU E 78 -5.47 4.45 -25.56
C LEU E 78 -6.20 3.60 -26.59
N PHE E 79 -5.95 2.30 -26.57
CA PHE E 79 -6.64 1.41 -27.47
C PHE E 79 -7.87 0.90 -26.75
N VAL E 80 -9.05 1.19 -27.29
CA VAL E 80 -10.28 0.76 -26.64
C VAL E 80 -10.79 -0.56 -27.26
N GLU E 81 -10.83 -1.62 -26.45
CA GLU E 81 -11.32 -2.94 -26.90
C GLU E 81 -12.79 -3.13 -26.58
N ARG E 82 -13.59 -3.44 -27.59
CA ARG E 82 -15.02 -3.59 -27.41
C ARG E 82 -15.39 -5.04 -27.12
N SER E 83 -16.41 -5.24 -26.31
CA SER E 83 -16.87 -6.61 -26.05
C SER E 83 -17.42 -7.28 -27.30
N LYS E 84 -17.79 -6.52 -28.32
CA LYS E 84 -18.31 -7.13 -29.55
C LYS E 84 -17.23 -7.75 -30.42
N ALA E 85 -15.96 -7.58 -30.06
CA ALA E 85 -14.84 -8.04 -30.91
C ALA E 85 -14.86 -9.55 -31.08
N PHE E 86 -14.39 -10.03 -32.23
CA PHE E 86 -14.38 -11.48 -32.55
C PHE E 86 -13.18 -11.81 -33.46
N SER E 87 -12.72 -13.05 -33.38
CA SER E 87 -11.62 -13.56 -34.19
C SER E 87 -12.19 -14.25 -35.42
N ASN E 88 -11.59 -13.99 -36.58
CA ASN E 88 -12.07 -14.65 -37.79
C ASN E 88 -11.00 -15.24 -38.73
N CYS E 89 -9.87 -15.67 -38.19
CA CYS E 89 -8.81 -16.23 -39.02
C CYS E 89 -8.44 -17.60 -38.47
N TYR E 90 -7.22 -18.05 -38.71
CA TYR E 90 -6.85 -19.37 -38.18
C TYR E 90 -7.05 -19.46 -36.66
N PRO E 91 -7.53 -20.60 -36.14
CA PRO E 91 -7.69 -20.66 -34.69
C PRO E 91 -6.34 -20.73 -33.97
N TYR E 92 -6.19 -19.92 -32.91
CA TYR E 92 -4.91 -19.83 -32.21
C TYR E 92 -4.97 -19.54 -30.71
N ASP E 93 -3.92 -19.89 -29.99
CA ASP E 93 -3.72 -19.35 -28.64
C ASP E 93 -2.41 -18.61 -28.57
N VAL E 94 -2.24 -17.85 -27.50
CA VAL E 94 -0.95 -17.25 -27.20
C VAL E 94 -0.63 -17.63 -25.77
N PRO E 95 0.33 -18.52 -25.53
CA PRO E 95 0.76 -18.68 -24.14
C PRO E 95 1.20 -17.30 -23.62
N ASP E 96 0.81 -16.99 -22.40
CA ASP E 96 1.06 -15.65 -21.89
C ASP E 96 0.48 -14.50 -22.76
N TYR E 97 -0.75 -14.71 -23.24
CA TYR E 97 -1.52 -13.74 -24.00
C TYR E 97 -1.52 -12.36 -23.32
N ALA E 98 -1.86 -12.31 -22.03
CA ALA E 98 -1.89 -11.02 -21.31
C ALA E 98 -0.61 -10.21 -21.46
N SER E 99 0.55 -10.88 -21.47
CA SER E 99 1.81 -10.18 -21.56
C SER E 99 2.06 -9.59 -22.92
N LEU E 100 1.66 -10.33 -23.95
CA LEU E 100 1.84 -9.83 -25.28
C LEU E 100 0.93 -8.62 -25.43
N ARG E 101 -0.33 -8.77 -25.02
CA ARG E 101 -1.28 -7.66 -25.04
C ARG E 101 -0.73 -6.45 -24.31
N SER E 102 -0.10 -6.68 -23.15
CA SER E 102 0.43 -5.58 -22.39
C SER E 102 1.58 -4.91 -23.13
N LEU E 103 2.54 -5.69 -23.63
CA LEU E 103 3.71 -5.05 -24.19
C LEU E 103 3.45 -4.26 -25.47
N VAL E 104 2.56 -4.76 -26.34
CA VAL E 104 2.11 -4.02 -27.52
C VAL E 104 1.28 -2.80 -27.10
N ALA E 105 0.32 -2.99 -26.19
CA ALA E 105 -0.50 -1.86 -25.70
C ALA E 105 0.39 -0.73 -25.26
N SER E 106 1.44 -1.06 -24.50
CA SER E 106 2.30 -0.06 -23.90
C SER E 106 3.14 0.64 -24.96
N SER E 107 3.53 -0.12 -25.98
CA SER E 107 4.35 0.39 -27.09
C SER E 107 3.58 1.41 -27.92
N GLY E 108 2.28 1.21 -28.06
CA GLY E 108 1.40 2.20 -28.65
C GLY E 108 1.47 2.39 -30.16
N THR E 109 1.99 1.39 -30.85
CA THR E 109 2.13 1.44 -32.31
C THR E 109 2.04 0.05 -32.92
N LEU E 110 1.59 -0.05 -34.15
CA LEU E 110 1.61 -1.34 -34.86
C LEU E 110 2.49 -1.27 -36.09
N GLU E 111 3.23 -0.16 -36.21
CA GLU E 111 4.15 0.08 -37.31
C GLU E 111 4.95 -1.19 -37.58
N PHE E 112 4.75 -1.76 -38.76
CA PHE E 112 5.39 -3.01 -39.17
C PHE E 112 6.29 -2.78 -40.39
N ILE E 113 7.53 -3.25 -40.32
CA ILE E 113 8.46 -3.15 -41.44
C ILE E 113 8.64 -4.56 -42.01
N THR E 114 8.38 -4.74 -43.30
CA THR E 114 8.62 -6.05 -43.91
C THR E 114 10.12 -6.25 -44.11
N GLU E 115 10.59 -7.48 -43.97
CA GLU E 115 12.01 -7.76 -44.14
C GLU E 115 12.14 -8.95 -45.08
N GLY E 116 13.30 -9.06 -45.74
CA GLY E 116 13.50 -10.05 -46.78
C GLY E 116 13.86 -11.47 -46.36
N PHE E 117 13.03 -12.12 -45.55
CA PHE E 117 13.37 -13.51 -45.20
C PHE E 117 13.36 -14.38 -46.46
N THR E 118 14.43 -15.15 -46.67
CA THR E 118 14.48 -16.10 -47.78
C THR E 118 14.35 -17.53 -47.26
N TRP E 119 13.18 -18.12 -47.52
CA TRP E 119 12.88 -19.46 -47.05
C TRP E 119 13.19 -20.42 -48.17
N THR E 120 14.30 -21.14 -48.06
CA THR E 120 14.83 -21.97 -49.13
C THR E 120 14.35 -23.40 -49.04
N GLY E 121 13.60 -23.83 -50.06
CA GLY E 121 13.20 -25.23 -50.17
C GLY E 121 11.85 -25.58 -49.58
N VAL E 122 11.04 -24.54 -49.32
CA VAL E 122 9.72 -24.72 -48.73
C VAL E 122 8.73 -23.87 -49.50
N THR E 123 7.44 -24.19 -49.35
CA THR E 123 6.38 -23.39 -49.98
C THR E 123 5.91 -22.31 -49.02
N GLN E 124 5.84 -21.09 -49.52
CA GLN E 124 5.39 -19.95 -48.73
C GLN E 124 3.90 -19.69 -48.83
N ASN E 125 3.45 -18.66 -48.11
CA ASN E 125 2.09 -18.16 -48.14
C ASN E 125 0.95 -19.14 -48.04
N GLY E 126 1.08 -20.19 -47.25
CA GLY E 126 -0.07 -21.04 -46.93
C GLY E 126 -1.31 -20.23 -46.54
N GLY E 127 -2.48 -20.79 -46.77
CA GLY E 127 -3.74 -20.11 -46.49
C GLY E 127 -4.80 -21.10 -46.10
N SER E 128 -5.82 -20.62 -45.41
CA SER E 128 -6.89 -21.52 -44.96
C SER E 128 -8.29 -21.00 -45.23
N ASN E 129 -9.24 -21.94 -45.25
CA ASN E 129 -10.66 -21.61 -45.32
C ASN E 129 -11.23 -20.93 -44.08
N ALA E 130 -10.51 -21.09 -42.98
CA ALA E 130 -10.95 -20.54 -41.71
C ALA E 130 -10.58 -19.07 -41.64
N CYS E 131 -9.86 -18.61 -42.65
CA CYS E 131 -9.39 -17.25 -42.69
C CYS E 131 -9.50 -16.77 -44.13
N LYS E 132 -10.71 -16.36 -44.54
CA LYS E 132 -10.92 -15.93 -45.92
C LYS E 132 -10.53 -14.47 -46.03
N ARG E 133 -9.79 -14.13 -47.07
CA ARG E 133 -9.65 -12.73 -47.47
C ARG E 133 -10.31 -12.57 -48.83
N GLY E 134 -11.55 -12.04 -48.83
CA GLY E 134 -12.36 -11.94 -50.03
C GLY E 134 -12.78 -13.33 -50.50
N PRO E 135 -12.45 -13.66 -51.77
CA PRO E 135 -13.02 -14.88 -52.38
C PRO E 135 -12.60 -16.17 -51.65
N GLY E 136 -11.26 -16.41 -51.54
CA GLY E 136 -10.80 -17.71 -51.01
C GLY E 136 -9.88 -17.68 -49.80
N SER E 137 -9.12 -18.77 -49.65
CA SER E 137 -8.11 -18.95 -48.60
C SER E 137 -7.25 -17.73 -48.30
N GLY E 138 -6.96 -17.52 -47.02
CA GLY E 138 -6.06 -16.45 -46.56
C GLY E 138 -5.38 -16.83 -45.25
N PHE E 139 -4.72 -15.85 -44.64
CA PHE E 139 -3.97 -16.05 -43.39
C PHE E 139 -3.69 -14.69 -42.77
N PHE E 140 -3.12 -14.69 -41.56
CA PHE E 140 -2.73 -13.45 -40.91
C PHE E 140 -1.79 -12.69 -41.83
N SER E 141 -2.07 -11.42 -42.06
CA SER E 141 -1.20 -10.62 -42.88
C SER E 141 0.23 -10.55 -42.43
N ARG E 142 0.51 -10.79 -41.14
CA ARG E 142 1.90 -10.58 -40.64
C ARG E 142 2.71 -11.88 -40.44
N LEU E 143 2.11 -13.00 -40.79
CA LEU E 143 2.70 -14.29 -40.57
C LEU E 143 2.72 -15.06 -41.89
N ASN E 144 3.67 -15.98 -42.04
CA ASN E 144 3.90 -16.65 -43.30
C ASN E 144 3.84 -18.15 -43.03
N TRP E 145 2.77 -18.81 -43.45
CA TRP E 145 2.62 -20.23 -43.19
C TRP E 145 3.44 -21.02 -44.20
N LEU E 146 4.58 -21.53 -43.75
CA LEU E 146 5.47 -22.31 -44.59
C LEU E 146 5.04 -23.77 -44.59
N THR E 147 5.25 -24.44 -45.73
CA THR E 147 4.89 -25.86 -45.90
C THR E 147 5.91 -26.56 -46.81
N LYS E 148 5.87 -27.90 -46.85
CA LYS E 148 6.78 -28.66 -47.71
C LYS E 148 6.74 -28.19 -49.16
N SER E 149 7.83 -28.41 -49.85
CA SER E 149 7.88 -28.10 -51.27
C SER E 149 8.50 -29.31 -51.96
N GLY E 150 7.64 -30.07 -52.67
CA GLY E 150 8.12 -31.22 -53.46
C GLY E 150 8.56 -32.38 -52.53
N SER E 151 7.64 -32.70 -51.59
CA SER E 151 7.96 -33.88 -50.71
C SER E 151 9.21 -33.75 -49.79
N THR E 152 9.86 -32.58 -49.74
CA THR E 152 10.88 -32.37 -48.71
C THR E 152 10.74 -31.01 -47.99
N TYR E 153 10.83 -31.05 -46.66
CA TYR E 153 10.92 -29.82 -45.85
C TYR E 153 12.29 -29.84 -45.17
N PRO E 154 13.22 -29.04 -45.66
CA PRO E 154 14.61 -29.01 -45.20
C PRO E 154 14.69 -28.42 -43.79
N VAL E 155 15.90 -28.34 -43.23
CA VAL E 155 16.08 -27.64 -41.97
C VAL E 155 16.24 -26.13 -42.25
N LEU E 156 15.17 -25.37 -42.09
CA LEU E 156 15.24 -23.91 -42.32
C LEU E 156 16.23 -23.34 -41.34
N ASN E 157 16.90 -22.26 -41.70
CA ASN E 157 17.95 -21.72 -40.84
C ASN E 157 18.43 -20.36 -41.32
N VAL E 158 17.90 -19.29 -40.74
CA VAL E 158 18.12 -17.95 -41.32
C VAL E 158 18.42 -16.92 -40.26
N THR E 159 18.96 -15.78 -40.69
CA THR E 159 19.36 -14.71 -39.78
C THR E 159 18.75 -13.41 -40.19
N MET E 160 18.48 -12.57 -39.21
CA MET E 160 18.14 -11.19 -39.45
C MET E 160 18.82 -10.35 -38.37
N PRO E 161 19.92 -9.67 -38.71
CA PRO E 161 20.61 -8.94 -37.65
C PRO E 161 19.88 -7.63 -37.43
N ASN E 162 19.74 -7.20 -36.18
CA ASN E 162 19.22 -5.86 -35.92
C ASN E 162 20.32 -4.80 -35.98
N ASN E 163 20.29 -4.00 -37.06
CA ASN E 163 21.32 -2.99 -37.31
C ASN E 163 20.79 -1.61 -37.09
N ASP E 164 19.68 -1.51 -36.38
CA ASP E 164 19.08 -0.23 -36.10
C ASP E 164 19.35 0.17 -34.66
N ASN E 165 18.87 1.35 -34.28
CA ASN E 165 19.04 1.83 -32.91
C ASN E 165 17.71 1.85 -32.16
N PHE E 166 16.88 0.85 -32.40
CA PHE E 166 15.66 0.64 -31.63
C PHE E 166 15.43 -0.86 -31.48
N ASP E 167 14.46 -1.23 -30.66
CA ASP E 167 14.15 -2.63 -30.46
C ASP E 167 13.19 -3.13 -31.52
N LYS E 168 13.36 -4.38 -31.93
CA LYS E 168 12.47 -4.97 -32.91
C LYS E 168 11.64 -6.02 -32.20
N LEU E 169 10.34 -5.97 -32.44
CA LEU E 169 9.45 -6.99 -31.93
C LEU E 169 9.09 -7.95 -33.05
N TYR E 170 9.50 -9.21 -32.94
CA TYR E 170 9.14 -10.22 -33.92
C TYR E 170 8.00 -11.08 -33.41
N ILE E 171 6.92 -11.19 -34.19
CA ILE E 171 5.84 -12.12 -33.88
C ILE E 171 5.91 -13.33 -34.79
N TRP E 172 5.81 -14.53 -34.22
CA TRP E 172 5.92 -15.78 -34.96
C TRP E 172 5.12 -16.83 -34.27
N GLY E 173 5.15 -18.08 -34.76
CA GLY E 173 4.32 -19.11 -34.18
C GLY E 173 4.70 -20.52 -34.56
N ILE E 174 3.89 -21.49 -34.13
CA ILE E 174 4.07 -22.88 -34.51
C ILE E 174 2.70 -23.50 -34.77
N HIS E 175 2.65 -24.48 -35.67
CA HIS E 175 1.39 -25.07 -36.09
C HIS E 175 1.25 -26.43 -35.44
N HIS E 176 0.07 -26.65 -34.84
CA HIS E 176 -0.26 -27.88 -34.14
C HIS E 176 -1.34 -28.58 -34.95
N PRO E 177 -0.94 -29.56 -35.77
CA PRO E 177 -1.84 -30.35 -36.62
C PRO E 177 -2.72 -31.27 -35.79
N SER E 178 -3.78 -31.81 -36.40
CA SER E 178 -4.71 -32.69 -35.69
C SER E 178 -4.35 -34.17 -35.66
N THR E 179 -3.55 -34.60 -36.65
CA THR E 179 -3.28 -36.02 -36.86
C THR E 179 -1.88 -36.20 -37.41
N ASN E 180 -1.28 -37.37 -37.19
CA ASN E 180 0.03 -37.65 -37.76
C ASN E 180 0.02 -37.53 -39.26
N GLN E 181 -1.09 -37.93 -39.86
CA GLN E 181 -1.25 -37.83 -41.31
C GLN E 181 -1.06 -36.37 -41.73
N GLU E 182 -1.84 -35.46 -41.15
CA GLU E 182 -1.72 -34.03 -41.47
C GLU E 182 -0.29 -33.51 -41.25
N GLN E 183 0.32 -33.91 -40.12
CA GLN E 183 1.70 -33.53 -39.83
C GLN E 183 2.57 -33.83 -41.04
N THR E 184 2.54 -35.06 -41.52
CA THR E 184 3.46 -35.46 -42.59
C THR E 184 3.11 -34.87 -43.97
N SER E 185 1.82 -34.70 -44.27
CA SER E 185 1.42 -34.07 -45.56
C SER E 185 1.91 -32.63 -45.66
N LEU E 186 2.10 -31.99 -44.52
CA LEU E 186 2.44 -30.58 -44.52
C LEU E 186 3.94 -30.35 -44.44
N TYR E 187 4.61 -31.12 -43.59
CA TYR E 187 6.01 -30.84 -43.23
C TYR E 187 6.92 -32.05 -43.42
N VAL E 188 6.37 -33.18 -43.87
CA VAL E 188 7.15 -34.41 -44.12
C VAL E 188 7.61 -35.07 -42.83
N GLN E 189 8.48 -34.40 -42.05
CA GLN E 189 8.98 -34.92 -40.76
C GLN E 189 7.88 -35.36 -39.81
N ALA E 190 8.10 -36.47 -39.10
CA ALA E 190 7.09 -36.98 -38.15
C ALA E 190 6.85 -35.99 -37.01
N SER E 191 7.89 -35.23 -36.63
CA SER E 191 7.72 -34.22 -35.60
C SER E 191 8.60 -32.99 -35.86
N GLY E 192 7.97 -31.83 -35.92
CA GLY E 192 8.67 -30.62 -36.29
C GLY E 192 9.28 -29.99 -35.06
N ARG E 193 9.84 -28.79 -35.24
CA ARG E 193 10.64 -28.12 -34.24
C ARG E 193 10.81 -26.64 -34.64
N VAL E 194 10.77 -25.72 -33.68
CA VAL E 194 11.04 -24.32 -33.95
C VAL E 194 11.95 -23.77 -32.85
N THR E 195 13.04 -23.09 -33.23
CA THR E 195 13.98 -22.53 -32.29
C THR E 195 14.29 -21.11 -32.75
N VAL E 196 13.76 -20.14 -32.02
CA VAL E 196 14.04 -18.76 -32.33
C VAL E 196 14.97 -18.26 -31.23
N SER E 197 16.07 -17.61 -31.61
CA SER E 197 17.08 -17.22 -30.62
C SER E 197 17.68 -15.87 -30.95
N THR E 198 18.15 -15.19 -29.91
CA THR E 198 19.06 -14.06 -30.02
C THR E 198 20.36 -14.48 -29.34
N ARG E 199 21.32 -13.56 -29.26
CA ARG E 199 22.60 -13.90 -28.64
C ARG E 199 22.44 -14.36 -27.21
N ARG E 200 21.48 -13.74 -26.53
CA ARG E 200 21.33 -13.86 -25.10
C ARG E 200 20.15 -14.77 -24.71
N SER E 201 19.15 -14.84 -25.57
CA SER E 201 17.92 -15.56 -25.22
C SER E 201 17.57 -16.62 -26.26
N GLN E 202 16.67 -17.53 -25.90
CA GLN E 202 16.22 -18.54 -26.82
C GLN E 202 14.87 -19.13 -26.43
N GLN E 203 14.08 -19.48 -27.43
CA GLN E 203 12.84 -20.21 -27.21
C GLN E 203 12.85 -21.42 -28.10
N THR E 204 12.41 -22.54 -27.56
CA THR E 204 12.24 -23.70 -28.40
C THR E 204 10.97 -24.51 -28.15
N ILE E 205 10.11 -24.56 -29.15
CA ILE E 205 8.80 -25.18 -29.05
C ILE E 205 8.78 -26.43 -29.95
N ILE E 206 8.10 -27.47 -29.51
CA ILE E 206 7.78 -28.58 -30.37
C ILE E 206 6.26 -28.52 -30.60
N PRO E 207 5.76 -29.06 -31.72
CA PRO E 207 4.32 -29.02 -31.93
C PRO E 207 3.59 -30.17 -31.24
N ASN E 208 2.29 -29.98 -31.09
CA ASN E 208 1.41 -30.93 -30.42
C ASN E 208 0.40 -31.48 -31.41
N ILE E 209 0.46 -32.78 -31.67
CA ILE E 209 -0.51 -33.39 -32.55
C ILE E 209 -1.67 -33.90 -31.72
N GLY E 210 -2.90 -33.58 -32.12
CA GLY E 210 -4.06 -34.26 -31.55
C GLY E 210 -5.34 -33.61 -31.98
N SER E 211 -6.44 -34.34 -31.88
CA SER E 211 -7.73 -33.76 -32.25
C SER E 211 -8.24 -32.75 -31.23
N ARG E 212 -8.87 -31.70 -31.75
CA ARG E 212 -9.47 -30.65 -30.93
C ARG E 212 -10.85 -30.30 -31.48
N PRO E 213 -11.62 -29.50 -30.73
CA PRO E 213 -12.95 -29.11 -31.23
C PRO E 213 -12.88 -28.17 -32.44
N TRP E 214 -13.76 -28.40 -33.41
CA TRP E 214 -13.92 -27.56 -34.59
C TRP E 214 -13.98 -26.07 -34.27
N VAL E 215 -13.14 -25.28 -34.92
CA VAL E 215 -13.32 -23.82 -34.95
C VAL E 215 -13.14 -23.42 -36.41
N ARG E 216 -14.16 -22.81 -36.98
CA ARG E 216 -14.20 -22.50 -38.42
C ARG E 216 -13.80 -23.70 -39.29
N GLY E 217 -14.21 -24.89 -38.92
CA GLY E 217 -13.93 -26.08 -39.70
C GLY E 217 -12.63 -26.80 -39.35
N LEU E 218 -11.84 -26.21 -38.46
CA LEU E 218 -10.51 -26.74 -38.16
C LEU E 218 -10.38 -27.38 -36.81
N SER E 219 -9.71 -28.52 -36.79
CA SER E 219 -9.36 -29.17 -35.57
C SER E 219 -7.94 -28.76 -35.21
N SER E 220 -7.31 -27.97 -36.08
CA SER E 220 -5.91 -27.64 -35.89
C SER E 220 -5.73 -26.28 -35.25
N ARG E 221 -4.52 -26.00 -34.77
CA ARG E 221 -4.26 -24.76 -34.06
C ARG E 221 -2.89 -24.20 -34.39
N ILE E 222 -2.73 -22.92 -34.09
CA ILE E 222 -1.43 -22.28 -34.16
C ILE E 222 -1.19 -21.54 -32.87
N SER E 223 0.01 -21.68 -32.30
CA SER E 223 0.36 -20.95 -31.06
C SER E 223 1.29 -19.78 -31.35
N ILE E 224 1.01 -18.64 -30.74
CA ILE E 224 1.78 -17.42 -31.02
C ILE E 224 2.88 -17.13 -30.00
N TYR E 225 4.06 -16.80 -30.52
CA TYR E 225 5.20 -16.50 -29.68
C TYR E 225 5.83 -15.20 -30.10
N TRP E 226 6.67 -14.62 -29.25
CA TRP E 226 7.24 -13.34 -29.56
C TRP E 226 8.69 -13.22 -29.12
N THR E 227 9.48 -12.41 -29.84
CA THR E 227 10.88 -12.23 -29.53
C THR E 227 11.32 -10.81 -29.77
N ILE E 228 12.08 -10.25 -28.83
CA ILE E 228 12.56 -8.88 -28.95
C ILE E 228 14.04 -8.92 -29.24
N VAL E 229 14.45 -8.22 -30.29
CA VAL E 229 15.85 -8.21 -30.67
C VAL E 229 16.36 -6.79 -30.43
N LYS E 230 17.38 -6.65 -29.58
CA LYS E 230 17.91 -5.32 -29.25
C LYS E 230 18.93 -4.84 -30.29
N PRO E 231 19.16 -3.52 -30.40
CA PRO E 231 20.14 -3.03 -31.38
C PRO E 231 21.48 -3.75 -31.24
N GLY E 232 22.05 -4.22 -32.34
CA GLY E 232 23.36 -4.88 -32.26
C GLY E 232 23.25 -6.38 -32.09
N ASP E 233 22.07 -6.84 -31.69
CA ASP E 233 21.78 -8.29 -31.58
C ASP E 233 21.31 -8.88 -32.93
N VAL E 234 21.02 -10.18 -32.96
CA VAL E 234 20.59 -10.84 -34.19
C VAL E 234 19.50 -11.88 -33.96
N LEU E 235 18.57 -12.00 -34.91
CA LEU E 235 17.56 -13.04 -34.83
C LEU E 235 18.04 -14.28 -35.60
N VAL E 236 17.85 -15.44 -35.00
CA VAL E 236 18.13 -16.70 -35.69
C VAL E 236 16.93 -17.59 -35.58
N ILE E 237 16.38 -17.99 -36.74
CA ILE E 237 15.22 -18.89 -36.79
C ILE E 237 15.67 -20.20 -37.38
N ASN E 238 15.32 -21.30 -36.74
CA ASN E 238 15.76 -22.62 -37.15
C ASN E 238 14.60 -23.57 -36.95
N SER E 239 14.18 -24.23 -38.04
CA SER E 239 13.03 -25.12 -37.97
C SER E 239 13.17 -26.22 -38.99
N ASN E 240 12.66 -27.40 -38.65
CA ASN E 240 12.53 -28.45 -39.65
C ASN E 240 11.07 -28.89 -39.79
N GLY E 241 10.15 -27.96 -39.49
CA GLY E 241 8.71 -28.20 -39.66
C GLY E 241 7.86 -27.39 -38.71
N ASN E 242 6.68 -26.99 -39.17
CA ASN E 242 5.65 -26.33 -38.35
C ASN E 242 5.92 -24.86 -38.03
N LEU E 243 6.98 -24.29 -38.60
CA LEU E 243 7.21 -22.86 -38.37
C LEU E 243 6.13 -22.01 -39.02
N ILE E 244 5.50 -21.13 -38.26
CA ILE E 244 4.75 -20.01 -38.84
C ILE E 244 5.68 -18.79 -38.79
N ALA E 245 6.34 -18.49 -39.90
CA ALA E 245 7.44 -17.49 -39.94
C ALA E 245 6.94 -16.07 -39.79
N PRO E 246 7.78 -15.18 -39.27
CA PRO E 246 7.43 -13.75 -39.28
C PRO E 246 7.69 -13.19 -40.65
N ARG E 247 7.09 -12.05 -40.99
CA ARG E 247 7.34 -11.41 -42.29
C ARG E 247 8.19 -10.17 -42.06
N GLY E 248 8.55 -9.93 -40.80
CA GLY E 248 9.27 -8.69 -40.44
C GLY E 248 9.02 -8.37 -38.98
N TYR E 249 9.16 -7.10 -38.62
CA TYR E 249 9.10 -6.73 -37.20
C TYR E 249 8.22 -5.54 -36.94
N PHE E 250 7.80 -5.41 -35.69
CA PHE E 250 7.09 -4.24 -35.24
C PHE E 250 8.06 -3.30 -34.52
N LYS E 251 7.92 -2.02 -34.76
CA LYS E 251 8.77 -1.04 -34.11
C LYS E 251 8.32 -0.92 -32.67
N MET E 252 9.26 -0.71 -31.75
CA MET E 252 8.88 -0.61 -30.35
C MET E 252 9.18 0.74 -29.79
N ARG E 253 8.14 1.44 -29.39
CA ARG E 253 8.26 2.74 -28.73
C ARG E 253 7.90 2.62 -27.23
N THR E 254 8.41 3.54 -26.41
CA THR E 254 8.01 3.65 -25.02
C THR E 254 7.30 5.00 -24.91
N GLY E 255 6.28 5.09 -24.06
CA GLY E 255 5.51 6.34 -23.90
C GLY E 255 4.32 6.11 -23.00
N LYS E 256 3.35 7.01 -23.07
CA LYS E 256 2.16 6.94 -22.25
C LYS E 256 1.04 5.99 -22.77
N SER E 257 1.38 5.11 -23.72
CA SER E 257 0.30 4.30 -24.31
C SER E 257 -0.20 3.17 -23.42
N SER E 258 -1.48 2.85 -23.55
CA SER E 258 -2.07 1.75 -22.81
C SER E 258 -3.30 1.23 -23.54
N ILE E 259 -4.07 0.36 -22.88
CA ILE E 259 -5.28 -0.25 -23.48
C ILE E 259 -6.35 -0.36 -22.42
N MET E 260 -7.62 -0.39 -22.86
CA MET E 260 -8.74 -0.41 -21.93
C MET E 260 -9.94 -1.10 -22.54
N ARG E 261 -10.67 -1.86 -21.73
CA ARG E 261 -11.89 -2.54 -22.14
C ARG E 261 -13.12 -1.72 -21.79
N SER E 262 -13.91 -1.33 -22.79
CA SER E 262 -15.03 -0.42 -22.58
C SER E 262 -16.03 -0.46 -23.71
N ASP E 263 -17.31 -0.31 -23.39
CA ASP E 263 -18.28 -0.14 -24.47
C ASP E 263 -18.85 1.26 -24.52
N ALA E 264 -18.08 2.22 -24.05
CA ALA E 264 -18.50 3.61 -24.01
C ALA E 264 -18.31 4.22 -25.39
N PRO E 265 -19.31 4.98 -25.87
CA PRO E 265 -19.13 5.66 -27.17
C PRO E 265 -18.02 6.70 -27.08
N ILE E 266 -17.32 6.94 -28.17
CA ILE E 266 -16.34 8.03 -28.20
C ILE E 266 -17.07 9.29 -28.64
N ASP E 267 -16.60 10.45 -28.20
CA ASP E 267 -17.31 11.69 -28.46
C ASP E 267 -16.27 12.79 -28.65
N THR E 268 -16.71 13.97 -29.05
CA THR E 268 -15.79 15.09 -29.21
C THR E 268 -15.87 16.06 -28.03
N CYS E 269 -14.82 16.07 -27.20
CA CYS E 269 -14.68 16.95 -26.01
C CYS E 269 -13.26 16.83 -25.44
N ILE E 270 -12.91 17.71 -24.51
CA ILE E 270 -11.64 17.57 -23.80
C ILE E 270 -11.90 17.00 -22.40
N SER E 271 -11.20 15.92 -22.07
CA SER E 271 -11.21 15.38 -20.71
C SER E 271 -9.93 14.59 -20.47
N GLU E 272 -9.09 15.09 -19.57
CA GLU E 272 -7.86 14.41 -19.16
C GLU E 272 -8.03 12.97 -18.64
N CYS E 273 -9.10 12.69 -17.91
CA CYS E 273 -9.27 11.37 -17.30
C CYS E 273 -10.29 10.49 -18.01
N ILE E 274 -9.84 9.31 -18.48
CA ILE E 274 -10.72 8.30 -19.08
C ILE E 274 -11.00 7.18 -18.08
N THR E 275 -12.14 6.50 -18.23
CA THR E 275 -12.52 5.36 -17.39
C THR E 275 -13.42 4.47 -18.27
N PRO E 276 -13.50 3.17 -17.98
CA PRO E 276 -14.39 2.36 -18.82
C PRO E 276 -15.81 2.94 -18.92
N ASN E 277 -16.23 3.67 -17.90
CA ASN E 277 -17.57 4.25 -17.87
C ASN E 277 -17.66 5.55 -18.65
N GLY E 278 -16.52 6.07 -19.09
CA GLY E 278 -16.51 7.30 -19.81
C GLY E 278 -15.57 8.25 -19.13
N SER E 279 -15.28 9.35 -19.80
CA SER E 279 -14.47 10.40 -19.21
C SER E 279 -15.14 11.00 -17.96
N ILE E 280 -14.31 11.44 -17.02
CA ILE E 280 -14.79 12.12 -15.81
C ILE E 280 -13.87 13.31 -15.54
N PRO E 281 -14.42 14.37 -14.95
CA PRO E 281 -13.64 15.54 -14.56
C PRO E 281 -12.70 15.23 -13.38
N ASN E 282 -11.61 15.97 -13.27
CA ASN E 282 -10.63 15.69 -12.26
C ASN E 282 -10.37 16.86 -11.36
N ASP E 283 -11.41 17.63 -11.07
CA ASP E 283 -11.24 18.74 -10.17
C ASP E 283 -11.18 18.22 -8.73
N LYS E 284 -11.95 17.17 -8.44
CA LYS E 284 -11.96 16.53 -7.12
C LYS E 284 -10.80 15.53 -6.90
N PRO E 285 -10.30 15.42 -5.67
CA PRO E 285 -9.15 14.51 -5.44
C PRO E 285 -9.45 13.01 -5.50
N PHE E 286 -10.71 12.63 -5.33
CA PHE E 286 -11.06 11.21 -5.24
C PHE E 286 -12.22 10.89 -6.14
N GLN E 287 -12.37 9.62 -6.50
CA GLN E 287 -13.46 9.22 -7.38
C GLN E 287 -13.97 7.83 -7.06
N ASN E 288 -15.24 7.62 -7.36
CA ASN E 288 -15.90 6.38 -7.05
C ASN E 288 -16.45 5.69 -8.29
N VAL E 289 -16.03 6.18 -9.45
CA VAL E 289 -16.59 5.74 -10.71
C VAL E 289 -16.00 4.40 -11.13
N ASN E 290 -14.66 4.31 -11.20
CA ASN E 290 -14.05 3.04 -11.60
C ASN E 290 -12.59 2.93 -11.14
N LYS E 291 -12.22 1.76 -10.64
CA LYS E 291 -10.81 1.61 -10.24
C LYS E 291 -9.87 1.63 -11.43
N ILE E 292 -10.37 1.25 -12.62
CA ILE E 292 -9.63 1.34 -13.87
C ILE E 292 -9.68 2.76 -14.40
N THR E 293 -8.52 3.36 -14.61
CA THR E 293 -8.48 4.73 -15.14
C THR E 293 -7.26 4.94 -16.03
N TYR E 294 -7.35 5.95 -16.91
CA TYR E 294 -6.24 6.37 -17.77
C TYR E 294 -6.12 7.90 -17.75
N GLY E 295 -4.92 8.42 -17.55
CA GLY E 295 -4.66 9.86 -17.54
C GLY E 295 -4.52 10.49 -16.17
N ALA E 296 -4.75 11.81 -16.12
CA ALA E 296 -4.75 12.53 -14.85
C ALA E 296 -6.10 12.34 -14.15
N CYS E 297 -6.16 11.37 -13.24
CA CYS E 297 -7.44 10.99 -12.64
C CYS E 297 -7.46 11.19 -11.13
N PRO E 298 -8.63 11.42 -10.56
CA PRO E 298 -8.71 11.40 -9.09
C PRO E 298 -8.40 9.99 -8.58
N LYS E 299 -7.96 9.86 -7.33
CA LYS E 299 -7.65 8.54 -6.78
C LYS E 299 -8.92 7.77 -6.46
N TYR E 300 -9.00 6.54 -6.92
CA TYR E 300 -10.15 5.69 -6.65
C TYR E 300 -10.33 5.35 -5.16
N VAL E 301 -11.56 5.44 -4.69
CA VAL E 301 -11.87 5.36 -3.27
C VAL E 301 -13.20 4.59 -3.12
N LYS E 302 -13.45 3.97 -1.96
CA LYS E 302 -14.69 3.21 -1.76
C LYS E 302 -15.89 4.08 -1.43
N GLN E 303 -15.72 5.19 -0.71
CA GLN E 303 -16.84 6.07 -0.40
C GLN E 303 -17.53 6.62 -1.66
N ASN E 304 -18.84 6.74 -1.65
CA ASN E 304 -19.48 7.47 -2.76
C ASN E 304 -19.62 8.96 -2.46
N THR E 305 -19.52 9.33 -1.18
CA THR E 305 -19.46 10.75 -0.85
C THR E 305 -18.49 11.07 0.30
N LEU E 306 -17.72 12.15 0.14
CA LEU E 306 -16.94 12.75 1.25
C LEU E 306 -17.06 14.26 1.27
N LYS E 307 -17.74 14.80 2.29
CA LYS E 307 -17.95 16.25 2.34
C LYS E 307 -16.85 16.98 3.12
N LEU E 308 -16.26 17.98 2.48
CA LEU E 308 -15.31 18.85 3.14
C LEU E 308 -16.03 20.10 3.63
N ALA E 309 -16.15 20.26 4.94
CA ALA E 309 -16.76 21.48 5.47
C ALA E 309 -16.06 22.71 4.90
N THR E 310 -16.85 23.70 4.49
CA THR E 310 -16.31 24.99 4.03
C THR E 310 -16.96 26.21 4.72
N GLY E 311 -17.48 26.02 5.94
CA GLY E 311 -18.04 27.09 6.71
C GLY E 311 -18.17 26.57 8.12
N MET E 312 -18.67 27.42 9.02
CA MET E 312 -18.64 27.10 10.43
C MET E 312 -19.75 26.13 10.78
N ARG E 313 -19.75 25.68 12.05
CA ARG E 313 -20.85 24.91 12.58
C ARG E 313 -22.13 25.72 12.40
N ASN E 314 -23.20 25.09 11.92
CA ASN E 314 -24.49 25.75 11.72
C ASN E 314 -25.39 25.59 12.95
N VAL E 315 -25.67 26.68 13.64
CA VAL E 315 -26.50 26.62 14.84
C VAL E 315 -27.67 27.59 14.67
N PRO E 316 -28.81 27.11 14.16
CA PRO E 316 -29.80 28.05 13.62
C PRO E 316 -30.72 28.64 14.70
N GLU E 317 -31.26 29.83 14.41
CA GLU E 317 -32.13 30.62 15.32
C GLU E 317 -33.35 29.81 15.78
N LYS E 318 -33.94 29.10 14.79
CA LYS E 318 -35.13 28.26 14.93
C LYS E 318 -34.95 27.01 15.82
N GLY F 1 -16.70 23.23 19.97
CA GLY F 1 -15.42 23.71 19.42
C GLY F 1 -14.49 24.05 20.58
N LEU F 2 -13.18 23.97 20.34
CA LEU F 2 -12.17 24.21 21.37
C LEU F 2 -12.31 25.54 22.10
N PHE F 3 -12.84 26.56 21.44
CA PHE F 3 -12.95 27.88 22.10
C PHE F 3 -14.24 28.19 22.85
N GLY F 4 -15.29 27.45 22.59
CA GLY F 4 -16.53 27.61 23.33
C GLY F 4 -17.32 28.83 22.93
N ALA F 5 -17.10 29.34 21.71
CA ALA F 5 -17.81 30.55 21.29
C ALA F 5 -19.02 30.16 20.46
N ILE F 6 -18.78 29.62 19.27
CA ILE F 6 -19.87 29.10 18.44
C ILE F 6 -20.36 27.80 19.08
N ALA F 7 -21.68 27.65 19.18
CA ALA F 7 -22.33 26.52 19.85
C ALA F 7 -21.88 26.46 21.30
N GLY F 8 -21.46 27.60 21.85
CA GLY F 8 -21.03 27.65 23.25
C GLY F 8 -21.61 28.87 23.93
N PHE F 9 -20.75 29.69 24.55
CA PHE F 9 -21.23 30.92 25.15
C PHE F 9 -22.01 31.86 24.20
N ILE F 10 -21.92 31.64 22.89
CA ILE F 10 -22.82 32.32 21.97
C ILE F 10 -23.87 31.30 21.55
N GLU F 11 -25.06 31.45 22.15
CA GLU F 11 -26.16 30.49 22.05
C GLU F 11 -26.46 30.01 20.65
N ASN F 12 -26.60 30.93 19.68
CA ASN F 12 -26.85 30.50 18.31
C ASN F 12 -26.44 31.49 17.22
N GLY F 13 -26.58 31.09 15.97
CA GLY F 13 -26.29 31.96 14.86
C GLY F 13 -27.45 32.87 14.54
N TRP F 14 -27.23 33.72 13.54
CA TRP F 14 -28.19 34.68 13.10
C TRP F 14 -28.42 34.44 11.63
N GLU F 15 -29.62 34.00 11.24
CA GLU F 15 -29.87 33.79 9.80
C GLU F 15 -30.06 35.12 9.07
N GLY F 16 -30.41 36.15 9.83
CA GLY F 16 -30.53 37.51 9.29
C GLY F 16 -29.27 38.05 8.61
N MET F 17 -28.11 37.67 9.15
CA MET F 17 -26.83 38.17 8.66
C MET F 17 -26.39 37.56 7.34
N ILE F 18 -26.68 38.25 6.25
CA ILE F 18 -26.41 37.69 4.93
C ILE F 18 -25.22 38.39 4.29
N ASP F 19 -24.60 39.29 5.05
CA ASP F 19 -23.51 40.12 4.51
C ASP F 19 -22.16 39.81 5.15
N GLY F 20 -22.10 38.77 5.99
CA GLY F 20 -20.84 38.30 6.55
C GLY F 20 -21.00 37.10 7.47
N TRP F 21 -19.89 36.61 8.01
CA TRP F 21 -19.91 35.40 8.83
C TRP F 21 -20.01 35.77 10.31
N TYR F 22 -19.45 36.94 10.62
CA TYR F 22 -19.39 37.42 11.98
C TYR F 22 -19.90 38.86 12.01
N GLY F 23 -20.51 39.26 13.12
CA GLY F 23 -20.97 40.64 13.23
C GLY F 23 -21.52 41.10 14.55
N PHE F 24 -22.12 42.30 14.51
CA PHE F 24 -22.65 42.97 15.68
C PHE F 24 -24.14 43.31 15.58
N ARG F 25 -24.84 43.08 16.68
CA ARG F 25 -26.16 43.62 16.92
C ARG F 25 -26.08 44.55 18.09
N HIS F 26 -26.71 45.72 18.00
CA HIS F 26 -26.69 46.69 19.11
C HIS F 26 -28.07 47.26 19.41
N GLN F 27 -28.26 47.66 20.65
CA GLN F 27 -29.39 48.49 21.04
C GLN F 27 -28.92 49.72 21.85
N ASN F 28 -29.04 50.90 21.26
CA ASN F 28 -28.70 52.14 21.96
C ASN F 28 -29.89 53.08 22.05
N SER F 29 -29.70 54.16 22.80
CA SER F 29 -30.69 55.23 22.94
C SER F 29 -31.23 55.73 21.60
N GLU F 30 -30.47 55.55 20.53
CA GLU F 30 -30.88 56.03 19.22
C GLU F 30 -31.57 54.96 18.36
N GLY F 31 -31.67 53.72 18.86
CA GLY F 31 -32.38 52.65 18.14
C GLY F 31 -31.68 51.31 18.19
N THR F 32 -31.91 50.49 17.16
CA THR F 32 -31.19 49.22 17.02
C THR F 32 -30.63 49.06 15.61
N GLY F 33 -29.71 48.12 15.45
CA GLY F 33 -29.11 47.86 14.15
C GLY F 33 -28.18 46.67 14.23
N GLN F 34 -27.70 46.28 13.06
CA GLN F 34 -26.94 45.05 12.88
C GLN F 34 -25.95 45.30 11.76
N ALA F 35 -24.73 44.80 11.88
CA ALA F 35 -23.74 44.95 10.80
C ALA F 35 -22.68 43.86 10.86
N ALA F 36 -22.22 43.42 9.69
CA ALA F 36 -21.19 42.36 9.62
C ALA F 36 -19.79 42.92 9.83
N ASP F 37 -18.90 42.10 10.43
CA ASP F 37 -17.47 42.43 10.54
C ASP F 37 -16.68 41.84 9.38
N LEU F 38 -16.05 42.69 8.56
CA LEU F 38 -15.35 42.19 7.36
C LEU F 38 -14.01 41.52 7.60
N LYS F 39 -13.20 42.06 8.52
CA LYS F 39 -11.86 41.50 8.76
C LYS F 39 -11.94 40.05 9.21
N SER F 40 -12.82 39.77 10.18
CA SER F 40 -12.93 38.43 10.70
C SER F 40 -13.58 37.49 9.69
N THR F 41 -14.63 37.96 9.02
CA THR F 41 -15.24 37.19 7.94
C THR F 41 -14.15 36.77 6.96
N GLN F 42 -13.27 37.71 6.64
CA GLN F 42 -12.26 37.47 5.62
C GLN F 42 -11.18 36.53 6.14
N ALA F 43 -10.81 36.70 7.41
CA ALA F 43 -9.83 35.84 8.04
C ALA F 43 -10.29 34.39 7.91
N ALA F 44 -11.54 34.13 8.26
CA ALA F 44 -12.07 32.78 8.17
C ALA F 44 -12.20 32.27 6.74
N ILE F 45 -12.63 33.11 5.80
CA ILE F 45 -12.76 32.64 4.43
C ILE F 45 -11.39 32.33 3.80
N ASP F 46 -10.42 33.21 4.01
CA ASP F 46 -9.07 32.96 3.49
C ASP F 46 -8.43 31.64 3.94
N GLN F 47 -8.57 31.32 5.21
CA GLN F 47 -8.08 30.03 5.70
C GLN F 47 -8.78 28.83 5.07
N ILE F 48 -10.09 28.91 4.90
CA ILE F 48 -10.85 27.80 4.31
C ILE F 48 -10.49 27.61 2.84
N ASN F 49 -10.42 28.71 2.09
CA ASN F 49 -9.88 28.61 0.75
C ASN F 49 -8.46 28.02 0.68
N GLY F 50 -7.66 28.35 1.69
CA GLY F 50 -6.33 27.78 1.81
C GLY F 50 -6.35 26.27 1.88
N LYS F 51 -7.12 25.75 2.84
CA LYS F 51 -7.37 24.32 2.98
C LYS F 51 -7.79 23.72 1.66
N LEU F 52 -8.85 24.31 1.13
CA LEU F 52 -9.49 23.82 -0.04
C LEU F 52 -8.54 23.68 -1.25
N ASN F 53 -7.80 24.75 -1.54
CA ASN F 53 -6.85 24.73 -2.66
C ASN F 53 -5.76 23.69 -2.55
N ARG F 54 -5.46 23.35 -1.32
CA ARG F 54 -4.39 22.48 -1.02
C ARG F 54 -4.83 21.02 -1.28
N VAL F 55 -6.12 20.78 -1.18
CA VAL F 55 -6.69 19.45 -1.34
C VAL F 55 -7.16 19.26 -2.79
N ILE F 56 -7.67 20.33 -3.41
CA ILE F 56 -8.14 20.35 -4.82
C ILE F 56 -6.97 20.38 -5.79
N GLU F 57 -5.76 20.54 -5.23
CA GLU F 57 -4.55 20.66 -6.05
C GLU F 57 -4.03 19.26 -6.41
N LYS F 58 -3.53 19.17 -7.65
CA LYS F 58 -2.60 18.08 -8.02
C LYS F 58 -3.17 16.63 -7.97
N THR F 59 -4.05 16.32 -8.92
CA THR F 59 -4.18 14.89 -9.30
C THR F 59 -2.90 14.49 -10.05
N ASN F 60 -2.44 13.24 -9.84
CA ASN F 60 -1.25 12.78 -10.62
C ASN F 60 -1.66 11.83 -11.76
N GLU F 61 -0.85 11.73 -12.81
CA GLU F 61 -1.30 10.93 -13.93
C GLU F 61 -0.67 9.57 -14.02
N LYS F 62 -1.51 8.55 -14.22
CA LYS F 62 -1.04 7.21 -14.52
C LYS F 62 -1.49 6.82 -15.90
N PHE F 63 -0.62 6.12 -16.61
CA PHE F 63 -0.97 5.62 -17.91
C PHE F 63 -1.15 4.09 -17.89
N HIS F 64 -0.21 3.33 -18.46
CA HIS F 64 -0.32 1.87 -18.45
C HIS F 64 -0.09 1.33 -17.02
N GLN F 65 -1.03 0.55 -16.49
CA GLN F 65 -0.87 -0.01 -15.14
C GLN F 65 -1.07 -1.51 -15.22
N ILE F 66 -1.86 -2.08 -14.33
CA ILE F 66 -2.14 -3.50 -14.36
C ILE F 66 -3.61 -3.73 -14.64
N GLU F 67 -3.96 -4.89 -15.14
CA GLU F 67 -5.33 -5.25 -15.32
C GLU F 67 -6.04 -5.39 -13.98
N LYS F 68 -7.35 -5.19 -13.95
CA LYS F 68 -8.07 -5.17 -12.69
C LYS F 68 -9.38 -5.93 -12.73
N GLU F 69 -9.75 -6.35 -13.93
CA GLU F 69 -10.90 -7.23 -14.13
C GLU F 69 -10.41 -8.41 -14.95
N PHE F 70 -11.00 -9.60 -14.72
CA PHE F 70 -10.50 -10.83 -15.36
C PHE F 70 -11.67 -11.66 -15.79
N SER F 71 -11.52 -12.36 -16.91
CA SER F 71 -12.64 -13.08 -17.47
C SER F 71 -12.45 -14.57 -17.28
N GLU F 72 -11.32 -14.98 -16.71
CA GLU F 72 -11.17 -16.39 -16.33
C GLU F 72 -10.33 -16.58 -15.10
N VAL F 73 -10.53 -17.74 -14.50
CA VAL F 73 -9.87 -18.13 -13.28
C VAL F 73 -8.44 -18.59 -13.61
N GLU F 74 -7.46 -18.01 -12.94
CA GLU F 74 -6.04 -18.27 -13.28
C GLU F 74 -5.26 -18.78 -12.09
N GLY F 75 -5.64 -18.31 -10.90
CA GLY F 75 -4.95 -18.69 -9.68
C GLY F 75 -3.99 -17.66 -9.14
N ARG F 76 -2.76 -18.10 -8.89
CA ARG F 76 -1.78 -17.42 -8.03
C ARG F 76 -1.41 -16.01 -8.47
N ILE F 77 -1.12 -15.85 -9.74
CA ILE F 77 -0.73 -14.55 -10.23
C ILE F 77 -1.91 -13.57 -10.19
N GLN F 78 -3.11 -14.04 -10.53
CA GLN F 78 -4.27 -13.17 -10.51
C GLN F 78 -4.70 -12.81 -9.09
N ASP F 79 -4.52 -13.73 -8.13
CA ASP F 79 -4.80 -13.44 -6.73
C ASP F 79 -3.96 -12.27 -6.26
N LEU F 80 -2.70 -12.25 -6.69
CA LEU F 80 -1.79 -11.18 -6.34
C LEU F 80 -2.22 -9.86 -6.98
N GLU F 81 -2.49 -9.88 -8.28
CA GLU F 81 -2.96 -8.69 -9.00
C GLU F 81 -4.18 -8.08 -8.28
N LYS F 82 -5.14 -8.91 -7.90
CA LYS F 82 -6.29 -8.43 -7.17
C LYS F 82 -6.00 -7.92 -5.78
N TYR F 83 -5.17 -8.65 -5.02
CA TYR F 83 -4.81 -8.27 -3.64
C TYR F 83 -4.08 -6.91 -3.64
N VAL F 84 -3.20 -6.73 -4.63
CA VAL F 84 -2.48 -5.48 -4.73
C VAL F 84 -3.45 -4.32 -4.88
N GLU F 85 -4.38 -4.42 -5.83
CA GLU F 85 -5.36 -3.36 -6.06
C GLU F 85 -6.28 -3.19 -4.87
N ASP F 86 -6.65 -4.30 -4.28
CA ASP F 86 -7.53 -4.22 -3.15
C ASP F 86 -6.85 -3.46 -2.00
N THR F 87 -5.57 -3.74 -1.81
CA THR F 87 -4.80 -3.10 -0.75
C THR F 87 -4.68 -1.60 -0.99
N LYS F 88 -4.34 -1.21 -2.23
CA LYS F 88 -4.21 0.18 -2.65
C LYS F 88 -5.50 0.91 -2.34
N ILE F 89 -6.62 0.32 -2.75
CA ILE F 89 -7.90 0.97 -2.57
C ILE F 89 -8.26 1.16 -1.10
N ASP F 90 -8.05 0.12 -0.26
CA ASP F 90 -8.36 0.26 1.17
C ASP F 90 -7.50 1.38 1.79
N LEU F 91 -6.22 1.45 1.43
CA LEU F 91 -5.37 2.51 1.94
C LEU F 91 -5.80 3.89 1.49
N TRP F 92 -6.10 4.08 0.20
CA TRP F 92 -6.57 5.42 -0.20
C TRP F 92 -7.88 5.81 0.43
N SER F 93 -8.76 4.83 0.62
CA SER F 93 -10.04 5.07 1.26
C SER F 93 -9.82 5.55 2.70
N TYR F 94 -8.90 4.88 3.42
CA TYR F 94 -8.59 5.32 4.77
C TYR F 94 -7.99 6.76 4.75
N ASN F 95 -7.14 7.04 3.77
CA ASN F 95 -6.59 8.36 3.63
C ASN F 95 -7.62 9.46 3.51
N ALA F 96 -8.62 9.21 2.66
CA ALA F 96 -9.63 10.21 2.39
C ALA F 96 -10.55 10.36 3.60
N GLU F 97 -10.86 9.22 4.22
CA GLU F 97 -11.74 9.26 5.37
C GLU F 97 -11.10 10.11 6.47
N LEU F 98 -9.80 9.93 6.68
CA LEU F 98 -9.10 10.62 7.75
C LEU F 98 -8.87 12.05 7.37
N LEU F 99 -8.55 12.28 6.10
CA LEU F 99 -8.32 13.62 5.62
C LEU F 99 -9.50 14.52 5.93
N VAL F 100 -10.74 14.08 5.62
CA VAL F 100 -11.89 14.95 5.86
C VAL F 100 -12.22 15.07 7.35
N ALA F 101 -12.04 14.00 8.11
CA ALA F 101 -12.22 14.09 9.57
C ALA F 101 -11.33 15.21 10.16
N LEU F 102 -10.02 15.16 9.92
CA LEU F 102 -9.10 16.18 10.40
C LEU F 102 -9.44 17.56 9.89
N GLU F 103 -9.59 17.70 8.59
CA GLU F 103 -9.93 18.99 8.00
C GLU F 103 -11.20 19.56 8.65
N ASN F 104 -12.27 18.76 8.67
CA ASN F 104 -13.53 19.21 9.19
C ASN F 104 -13.43 19.62 10.64
N GLN F 105 -12.80 18.80 11.47
CA GLN F 105 -12.58 19.17 12.85
C GLN F 105 -11.83 20.50 12.95
N HIS F 106 -10.84 20.69 12.08
CA HIS F 106 -10.02 21.88 12.14
C HIS F 106 -10.79 23.13 11.65
N THR F 107 -11.60 22.98 10.60
CA THR F 107 -12.46 24.06 10.13
C THR F 107 -13.44 24.59 11.19
N ILE F 108 -14.02 23.68 11.97
CA ILE F 108 -14.94 24.05 13.03
C ILE F 108 -14.19 24.77 14.15
N ASP F 109 -12.99 24.29 14.51
CA ASP F 109 -12.19 24.95 15.54
C ASP F 109 -11.72 26.31 15.10
N LEU F 110 -11.34 26.47 13.84
CA LEU F 110 -10.83 27.75 13.43
C LEU F 110 -11.92 28.78 13.30
N THR F 111 -13.09 28.38 12.82
CA THR F 111 -14.23 29.32 12.76
C THR F 111 -14.61 29.74 14.17
N ASP F 112 -14.64 28.78 15.09
CA ASP F 112 -14.87 29.05 16.50
C ASP F 112 -13.84 30.11 16.99
N SER F 113 -12.56 29.82 16.74
CA SER F 113 -11.45 30.70 17.05
C SER F 113 -11.66 32.13 16.55
N GLU F 114 -11.95 32.28 15.27
CA GLU F 114 -12.26 33.61 14.74
C GLU F 114 -13.38 34.31 15.51
N MET F 115 -14.49 33.62 15.80
CA MET F 115 -15.52 34.21 16.64
C MET F 115 -14.90 34.74 17.94
N ASN F 116 -14.17 33.88 18.64
CA ASN F 116 -13.58 34.29 19.91
C ASN F 116 -12.64 35.50 19.75
N LYS F 117 -11.82 35.46 18.70
CA LYS F 117 -10.91 36.55 18.40
C LYS F 117 -11.62 37.88 18.25
N LEU F 118 -12.74 37.88 17.52
CA LEU F 118 -13.55 39.08 17.38
C LEU F 118 -14.09 39.57 18.71
N PHE F 119 -14.56 38.62 19.54
CA PHE F 119 -15.02 38.98 20.86
C PHE F 119 -13.89 39.68 21.64
N GLU F 120 -12.73 39.03 21.67
CA GLU F 120 -11.63 39.49 22.51
C GLU F 120 -11.13 40.83 22.03
N LYS F 121 -11.11 41.02 20.71
CA LYS F 121 -10.67 42.29 20.12
C LYS F 121 -11.60 43.40 20.58
N THR F 122 -12.90 43.14 20.55
CA THR F 122 -13.91 44.10 20.99
C THR F 122 -13.78 44.37 22.49
N ARG F 123 -13.66 43.32 23.29
CA ARG F 123 -13.50 43.51 24.73
C ARG F 123 -12.34 44.43 24.99
N ARG F 124 -11.23 44.21 24.30
CA ARG F 124 -10.02 44.99 24.52
C ARG F 124 -10.21 46.46 24.23
N GLN F 125 -10.89 46.76 23.13
CA GLN F 125 -11.21 48.12 22.75
C GLN F 125 -11.93 48.82 23.87
N LEU F 126 -12.93 48.16 24.45
CA LEU F 126 -13.83 48.78 25.40
C LEU F 126 -13.18 49.11 26.75
N ARG F 127 -12.10 48.41 27.08
CA ARG F 127 -11.38 48.66 28.34
C ARG F 127 -12.33 48.65 29.54
N GLU F 128 -12.35 49.72 30.33
CA GLU F 128 -13.18 49.74 31.54
C GLU F 128 -14.60 50.30 31.34
N ASN F 129 -14.98 50.55 30.08
CA ASN F 129 -16.24 51.19 29.79
C ASN F 129 -17.41 50.22 29.59
N ALA F 130 -17.16 48.93 29.75
CA ALA F 130 -18.17 47.92 29.42
C ALA F 130 -17.96 46.69 30.26
N GLU F 131 -19.01 45.89 30.40
CA GLU F 131 -18.86 44.66 31.15
C GLU F 131 -19.41 43.54 30.30
N GLU F 132 -18.84 42.38 30.53
CA GLU F 132 -19.17 41.27 29.71
C GLU F 132 -20.32 40.44 30.27
N MET F 133 -21.46 40.53 29.61
CA MET F 133 -22.68 39.88 30.11
C MET F 133 -22.55 38.36 30.18
N GLY F 134 -21.73 37.78 29.32
CA GLY F 134 -21.45 36.34 29.40
C GLY F 134 -22.06 35.53 28.29
N ASN F 135 -22.68 36.22 27.34
CA ASN F 135 -23.26 35.54 26.21
C ASN F 135 -22.89 36.19 24.90
N GLY F 136 -21.70 36.77 24.82
CA GLY F 136 -21.29 37.46 23.61
C GLY F 136 -21.77 38.87 23.55
N CYS F 137 -22.34 39.37 24.65
CA CYS F 137 -22.85 40.76 24.71
C CYS F 137 -22.14 41.58 25.73
N PHE F 138 -21.82 42.81 25.32
CA PHE F 138 -21.30 43.79 26.24
C PHE F 138 -22.40 44.76 26.65
N LYS F 139 -22.50 44.99 27.96
CA LYS F 139 -23.27 46.12 28.50
C LYS F 139 -22.31 47.30 28.52
N ILE F 140 -22.58 48.26 27.66
CA ILE F 140 -21.70 49.43 27.55
C ILE F 140 -22.28 50.45 28.52
N TYR F 141 -21.47 50.90 29.47
CA TYR F 141 -21.98 51.68 30.59
C TYR F 141 -21.99 53.19 30.37
N HIS F 142 -22.32 53.63 29.15
CA HIS F 142 -22.32 55.06 28.87
C HIS F 142 -23.12 55.35 27.61
N LYS F 143 -23.52 56.59 27.41
CA LYS F 143 -24.30 56.91 26.22
C LYS F 143 -23.48 56.64 24.94
N CYS F 144 -23.97 55.74 24.12
CA CYS F 144 -23.22 55.36 22.94
C CYS F 144 -24.11 55.44 21.74
N ASP F 145 -24.12 56.57 21.06
CA ASP F 145 -25.03 56.68 19.91
C ASP F 145 -24.50 55.87 18.74
N ASN F 146 -25.15 56.01 17.59
CA ASN F 146 -24.83 55.22 16.43
C ASN F 146 -23.41 55.41 15.94
N ALA F 147 -22.86 56.60 16.12
CA ALA F 147 -21.49 56.86 15.69
C ALA F 147 -20.55 56.21 16.68
N CYS F 148 -20.90 56.29 17.95
CA CYS F 148 -20.11 55.64 18.96
C CYS F 148 -20.04 54.12 18.66
N ILE F 149 -21.19 53.50 18.41
CA ILE F 149 -21.25 52.10 18.03
C ILE F 149 -20.38 51.82 16.79
N GLU F 150 -20.50 52.65 15.77
CA GLU F 150 -19.74 52.45 14.54
C GLU F 150 -18.24 52.59 14.79
N SER F 151 -17.85 53.37 15.77
CA SER F 151 -16.43 53.52 16.02
C SER F 151 -15.86 52.24 16.67
N ILE F 152 -16.71 51.54 17.42
CA ILE F 152 -16.34 50.24 17.96
C ILE F 152 -16.19 49.25 16.79
N ARG F 153 -17.21 49.20 15.95
CA ARG F 153 -17.23 48.25 14.85
C ARG F 153 -16.01 48.43 13.98
N ASN F 154 -15.53 49.67 13.82
CA ASN F 154 -14.39 49.91 12.95
C ASN F 154 -13.07 50.25 13.65
N GLY F 155 -12.95 49.92 14.93
CA GLY F 155 -11.66 49.92 15.60
C GLY F 155 -11.14 51.27 16.07
N THR F 156 -11.91 52.32 15.92
CA THR F 156 -11.42 53.65 16.27
C THR F 156 -11.94 54.18 17.59
N TYR F 157 -12.65 53.35 18.35
CA TYR F 157 -13.28 53.78 19.59
C TYR F 157 -12.24 54.23 20.61
N ASP F 158 -12.36 55.46 21.08
CA ASP F 158 -11.44 56.02 22.06
C ASP F 158 -11.98 55.91 23.49
N HIS F 159 -11.62 54.84 24.17
CA HIS F 159 -12.17 54.60 25.51
C HIS F 159 -12.01 55.78 26.48
N ASP F 160 -11.05 56.68 26.21
CA ASP F 160 -10.80 57.79 27.15
C ASP F 160 -11.94 58.81 27.12
N VAL F 161 -12.49 59.05 25.94
CA VAL F 161 -13.61 59.94 25.78
C VAL F 161 -14.73 59.60 26.79
N TYR F 162 -14.90 58.32 27.14
CA TYR F 162 -16.04 57.92 27.96
C TYR F 162 -15.71 57.31 29.30
N ARG F 163 -14.43 57.17 29.59
CA ARG F 163 -14.00 56.47 30.79
C ARG F 163 -14.64 57.00 32.07
N ASP F 164 -14.74 58.34 32.19
CA ASP F 164 -15.30 58.98 33.38
C ASP F 164 -16.78 58.66 33.55
N GLU F 165 -17.53 58.95 32.50
CA GLU F 165 -18.95 58.67 32.49
C GLU F 165 -19.21 57.22 32.84
N ALA F 166 -18.47 56.31 32.22
CA ALA F 166 -18.69 54.87 32.38
C ALA F 166 -18.33 54.41 33.78
N LEU F 167 -17.13 54.70 34.24
CA LEU F 167 -16.76 54.26 35.59
C LEU F 167 -17.79 54.73 36.58
N ASN F 168 -18.32 55.92 36.35
CA ASN F 168 -19.30 56.47 37.24
C ASN F 168 -20.59 55.62 37.31
N ASN F 169 -21.18 55.28 36.16
CA ASN F 169 -22.33 54.36 36.10
C ASN F 169 -22.07 52.95 36.59
N ARG F 170 -20.81 52.55 36.60
CA ARG F 170 -20.46 51.18 36.76
C ARG F 170 -20.20 50.88 38.23
N PHE F 171 -19.42 51.74 38.87
CA PHE F 171 -19.22 51.68 40.32
C PHE F 171 -19.80 52.96 40.88
N GLN F 172 -20.40 52.89 42.06
CA GLN F 172 -21.14 54.05 42.63
C GLN F 172 -22.57 54.12 42.05
CAA EYK G . 5.10 10.46 15.37
CAL EYK G . 4.67 9.64 14.18
CAB EYK G . 5.03 10.46 12.94
CAC EYK G . 3.17 9.61 14.39
CAK EYK G . 5.33 8.28 13.95
CAH EYK G . 6.50 7.84 14.60
CAI EYK G . 7.05 6.56 14.31
OAD EYK G . 8.17 6.13 14.96
CAF EYK G . 6.47 5.69 13.35
CAG EYK G . 5.32 6.13 12.72
CAJ EYK G . 4.78 7.40 13.02
OAE EYK G . 3.67 7.79 12.37
CAA EYK H . -2.81 19.19 1.72
CAL EYK H . -2.56 17.70 1.75
CAB EYK H . -3.90 17.00 1.92
CAC EYK H . -1.69 17.66 3.01
CAK EYK H . -1.87 17.05 0.54
CAH EYK H . -1.70 17.62 -0.74
CAI EYK H . -1.00 16.92 -1.79
OAD EYK H . -0.82 17.46 -3.04
CAF EYK H . -0.49 15.62 -1.61
CAG EYK H . -0.68 15.06 -0.35
CAJ EYK H . -1.34 15.76 0.70
OAE EYK H . -1.45 15.16 1.92
CAA EYK I . -12.40 8.32 11.97
CAL EYK I . -11.34 7.51 11.29
CAB EYK I . -10.47 6.90 12.36
CAC EYK I . -10.66 8.66 10.57
CAK EYK I . -11.76 6.40 10.31
CAH EYK I . -13.01 5.75 10.29
CAI EYK I . -13.34 4.76 9.33
OAD EYK I . -14.56 4.18 9.32
CAF EYK I . -12.42 4.35 8.34
CAG EYK I . -11.18 4.97 8.37
CAJ EYK I . -10.86 5.98 9.34
OAE EYK I . -9.63 6.56 9.30
#